data_9H1A
#
_entry.id   9H1A
#
_cell.length_a   72.926
_cell.length_b   77.427
_cell.length_c   82.626
_cell.angle_alpha   88.659
_cell.angle_beta   64.292
_cell.angle_gamma   74.924
#
_symmetry.space_group_name_H-M   'P 1'
#
loop_
_entity.id
_entity.type
_entity.pdbx_description
1 polymer 'Angiotensin-converting enzyme, soluble form'
2 branched 2-acetamido-2-deoxy-beta-D-glucopyranose-(1-4)-2-acetamido-2-deoxy-beta-D-glucopyranose
3 branched beta-D-mannopyranose-(1-4)-2-acetamido-2-deoxy-beta-D-glucopyranose-(1-4)-[alpha-L-fucopyranose-(1-6)]2-acetamido-2-deoxy-beta-D-glucopyranose
4 branched alpha-L-fucopyranose-(1-6)-2-acetamido-2-deoxy-beta-D-glucopyranose
5 non-polymer 2-acetamido-2-deoxy-beta-D-glucopyranose
6 non-polymer 'ZINC ION'
7 non-polymer '(2~{S},5~{R})-5-(3-hydroxyphenyl)-1-[2-[[(2~{S})-3-(4-hydroxyphenyl)-2-sulfanyl-propanoyl]amino]ethanoyl]pyrrolidine-2-carboxylic acid'
8 non-polymer 'CHLORIDE ION'
9 non-polymer 'MAGNESIUM ION'
10 non-polymer 3,6,9,12,15,18,21,24,27-NONAOXANONACOSANE-1,29-DIOL
11 non-polymer 'ACETIC ACID'
12 non-polymer 'TETRAETHYLENE GLYCOL'
13 non-polymer 1,2-ETHANEDIOL
14 non-polymer DI(HYDROXYETHYL)ETHER
15 non-polymer 'TRIETHYLENE GLYCOL'
16 non-polymer alpha-L-fucopyranose
17 non-polymer beta-D-mannopyranose
18 water water
#
_entity_poly.entity_id   1
_entity_poly.type   'polypeptide(L)'
_entity_poly.pdbx_seq_one_letter_code
;LDPGLQPGQFSADEAGAQLFAQSYQSSAEQVLFQSVAASWAHDTNITAENARRQEEAALLSQEFAEAWGQKAKELYEPIW
QQFTDPQLRRIIGAVRTLGSANLPLAKRQQYNALLSQMSRIYSTAKVCLPQKTATCWSLDPDLTNILASSRSYAMLLFAW
EGWHNAAGIPLKPLYEDFTALSNEAYKQDGFTDTGAYWRSWYNSPTFEDDLEHLYQQLEPLYLNLHAFVRRALHRRYGDR
YINLRGPIPAHLLGDMWAQSWENIYDMVVPFPDKPNLDVTSTMLQQGWQATHMFRVAEEFFTSLELSPMPPEFWEGSMLE
KPADGREVVCHASAWDFYNRKDFRIKQCTRVTMDQLSTVHHEMGHIQYYLQYKDLPVSLRRGANPGFHEAIGDVLALSVS
TPEHLHKIGLLDRVTNDTESDINYLLKMALEKIAFLPFGYLVDQWRWGVFSGRTPPSRYNFDWWYLRTKYQGICPPVTRN
ETHFDAGAKFHVPNVTPYIRYFVSFVLQFQFHEALCKEAGYEGPLHQCDIYRSTKAGAKLRKVLRAGSSRPWQEVLKDMV
GLDALDAQPLLKYFQLVTQWLQEQNQQNGEVLGWPEYQWHPPLPDNYPEGIDLVTDEAEASKFVEEYD
;
_entity_poly.pdbx_strand_id   A,B
#
loop_
_chem_comp.id
_chem_comp.type
_chem_comp.name
_chem_comp.formula
A1IRQ non-polymer '(2~{S},5~{R})-5-(3-hydroxyphenyl)-1-[2-[[(2~{S})-3-(4-hydroxyphenyl)-2-sulfanyl-propanoyl]amino]ethanoyl]pyrrolidine-2-carboxylic acid' 'C22 H24 N2 O6 S'
ACY non-polymer 'ACETIC ACID' 'C2 H4 O2'
BMA D-saccharide, beta linking beta-D-mannopyranose 'C6 H12 O6'
CL non-polymer 'CHLORIDE ION' 'Cl -1'
EDO non-polymer 1,2-ETHANEDIOL 'C2 H6 O2'
FUC L-saccharide, alpha linking alpha-L-fucopyranose 'C6 H12 O5'
MG non-polymer 'MAGNESIUM ION' 'Mg 2'
NAG D-saccharide, beta linking 2-acetamido-2-deoxy-beta-D-glucopyranose 'C8 H15 N O6'
PEG non-polymer DI(HYDROXYETHYL)ETHER 'C4 H10 O3'
PG4 non-polymer 'TETRAETHYLENE GLYCOL' 'C8 H18 O5'
PGE non-polymer 'TRIETHYLENE GLYCOL' 'C6 H14 O4'
XPE non-polymer 3,6,9,12,15,18,21,24,27-NONAOXANONACOSANE-1,29-DIOL 'C20 H42 O11'
ZN non-polymer 'ZINC ION' 'Zn 2'
#
# COMPACT_ATOMS: atom_id res chain seq x y z
N LEU A 1 -3.79 44.31 5.31
CA LEU A 1 -3.32 44.41 3.89
C LEU A 1 -3.31 45.86 3.45
N ASP A 2 -2.14 46.33 3.04
CA ASP A 2 -2.00 47.69 2.55
C ASP A 2 -3.06 47.98 1.51
N PRO A 3 -3.65 49.18 1.49
CA PRO A 3 -4.75 49.43 0.55
C PRO A 3 -4.36 49.31 -0.91
N GLY A 4 -3.12 49.68 -1.27
CA GLY A 4 -2.67 49.50 -2.64
C GLY A 4 -2.70 48.06 -3.10
N LEU A 5 -2.76 47.10 -2.17
CA LEU A 5 -2.71 45.69 -2.50
C LEU A 5 -4.08 45.02 -2.51
N GLN A 6 -5.14 45.75 -2.12
CA GLN A 6 -6.47 45.17 -1.99
C GLN A 6 -7.21 45.19 -3.33
N PRO A 7 -8.04 44.18 -3.60
CA PRO A 7 -8.78 44.16 -4.86
C PRO A 7 -9.89 45.21 -4.89
N GLY A 8 -10.04 45.84 -6.04
CA GLY A 8 -11.13 46.75 -6.30
C GLY A 8 -12.35 46.02 -6.79
N GLN A 9 -13.14 46.70 -7.61
CA GLN A 9 -14.36 46.13 -8.16
C GLN A 9 -14.18 45.91 -9.65
N PHE A 10 -14.76 44.81 -10.14
CA PHE A 10 -14.64 44.42 -11.54
C PHE A 10 -15.97 43.83 -11.96
N SER A 11 -16.29 43.98 -13.24
CA SER A 11 -17.46 43.33 -13.78
C SER A 11 -17.37 41.82 -13.53
N ALA A 12 -18.53 41.18 -13.42
CA ALA A 12 -18.60 39.72 -13.32
C ALA A 12 -18.59 39.11 -14.73
N ASP A 13 -17.44 39.22 -15.38
CA ASP A 13 -17.29 38.78 -16.76
C ASP A 13 -15.80 38.69 -17.08
N GLU A 14 -15.50 38.25 -18.31
CA GLU A 14 -14.11 37.99 -18.67
C GLU A 14 -13.30 39.27 -18.84
N ALA A 15 -13.93 40.34 -19.33
CA ALA A 15 -13.17 41.58 -19.54
C ALA A 15 -12.85 42.27 -18.23
N GLY A 16 -13.58 41.96 -17.16
CA GLY A 16 -13.20 42.41 -15.84
C GLY A 16 -12.18 41.48 -15.22
N ALA A 17 -12.40 40.18 -15.40
CA ALA A 17 -11.39 39.19 -15.00
C ALA A 17 -10.04 39.50 -15.63
N GLN A 18 -10.03 40.06 -16.84
CA GLN A 18 -8.76 40.43 -17.47
C GLN A 18 -8.11 41.60 -16.75
N LEU A 19 -8.90 42.63 -16.42
CA LEU A 19 -8.38 43.73 -15.60
C LEU A 19 -8.14 43.26 -14.17
N PHE A 20 -8.94 42.30 -13.70
CA PHE A 20 -8.67 41.67 -12.39
C PHE A 20 -7.27 41.07 -12.36
N ALA A 21 -6.88 40.35 -13.42
CA ALA A 21 -5.56 39.75 -13.45
C ALA A 21 -4.46 40.82 -13.56
N GLN A 22 -4.68 41.83 -14.39
CA GLN A 22 -3.67 42.89 -14.52
C GLN A 22 -3.46 43.61 -13.19
N SER A 23 -4.56 43.96 -12.51
CA SER A 23 -4.44 44.57 -11.20
C SER A 23 -3.80 43.60 -10.20
N TYR A 24 -4.23 42.34 -10.23
CA TYR A 24 -3.61 41.33 -9.38
C TYR A 24 -2.10 41.26 -9.61
N GLN A 25 -1.70 41.15 -10.88
CA GLN A 25 -0.29 41.15 -11.25
C GLN A 25 0.46 42.29 -10.56
N SER A 26 -0.06 43.51 -10.68
CA SER A 26 0.63 44.65 -10.09
C SER A 26 0.89 44.42 -8.61
N SER A 27 -0.12 43.91 -7.89
CA SER A 27 0.02 43.71 -6.47
C SER A 27 0.75 42.41 -6.14
N ALA A 28 0.45 41.34 -6.86
CA ALA A 28 1.07 40.05 -6.55
C ALA A 28 2.59 40.13 -6.62
N GLU A 29 3.14 40.85 -7.61
CA GLU A 29 4.59 40.96 -7.73
C GLU A 29 5.21 41.50 -6.44
N GLN A 30 4.62 42.57 -5.89
CA GLN A 30 5.16 43.12 -4.65
C GLN A 30 5.05 42.11 -3.51
N VAL A 31 3.93 41.40 -3.44
CA VAL A 31 3.73 40.45 -2.34
C VAL A 31 4.65 39.26 -2.50
N LEU A 32 4.80 38.76 -3.73
CA LEU A 32 5.75 37.68 -3.98
C LEU A 32 7.18 38.13 -3.66
N PHE A 33 7.55 39.36 -4.05
CA PHE A 33 8.91 39.82 -3.79
C PHE A 33 9.21 39.85 -2.30
N GLN A 34 8.33 40.48 -1.49
CA GLN A 34 8.61 40.58 -0.07
C GLN A 34 8.66 39.21 0.58
N SER A 35 7.81 38.28 0.10
CA SER A 35 7.85 36.92 0.61
C SER A 35 9.17 36.23 0.26
N VAL A 36 9.57 36.30 -1.02
CA VAL A 36 10.81 35.66 -1.42
C VAL A 36 12.00 36.34 -0.73
N ALA A 37 11.98 37.68 -0.64
CA ALA A 37 13.07 38.38 0.01
C ALA A 37 13.21 37.95 1.46
N ALA A 38 12.11 37.89 2.19
CA ALA A 38 12.15 37.47 3.59
C ALA A 38 12.63 36.03 3.71
N SER A 39 12.23 35.16 2.77
CA SER A 39 12.72 33.78 2.78
C SER A 39 14.21 33.72 2.49
N TRP A 40 14.69 34.55 1.56
CA TRP A 40 16.11 34.58 1.26
C TRP A 40 16.92 34.99 2.48
N ALA A 41 16.48 36.07 3.14
CA ALA A 41 17.19 36.55 4.33
C ALA A 41 17.28 35.48 5.39
N HIS A 42 16.24 34.65 5.52
CA HIS A 42 16.27 33.61 6.53
C HIS A 42 17.14 32.43 6.10
N ASP A 43 16.99 31.97 4.85
CA ASP A 43 17.68 30.76 4.42
C ASP A 43 19.18 30.96 4.25
N THR A 44 19.64 32.19 4.03
CA THR A 44 21.06 32.49 3.98
C THR A 44 21.60 32.96 5.32
N ASN A 45 20.79 32.92 6.37
CA ASN A 45 21.15 33.53 7.63
C ASN A 45 20.07 33.15 8.65
N ILE A 46 20.12 31.92 9.13
CA ILE A 46 19.06 31.36 9.96
C ILE A 46 19.18 31.98 11.35
N THR A 47 18.23 32.85 11.69
CA THR A 47 18.16 33.45 13.03
C THR A 47 16.70 33.50 13.44
N ALA A 48 16.48 33.61 14.75
CA ALA A 48 15.11 33.74 15.25
C ALA A 48 14.46 35.00 14.70
N GLU A 49 15.23 36.08 14.60
CA GLU A 49 14.67 37.34 14.07
C GLU A 49 14.29 37.19 12.61
N ASN A 50 15.13 36.52 11.82
CA ASN A 50 14.82 36.37 10.39
C ASN A 50 13.63 35.44 10.19
N ALA A 51 13.46 34.44 11.07
CA ALA A 51 12.27 33.59 10.99
C ALA A 51 11.01 34.38 11.29
N ARG A 52 11.07 35.29 12.28
CA ARG A 52 9.92 36.13 12.58
C ARG A 52 9.53 36.97 11.36
N ARG A 53 10.51 37.60 10.72
CA ARG A 53 10.20 38.41 9.54
C ARG A 53 9.60 37.56 8.43
N GLN A 54 10.15 36.37 8.23
CA GLN A 54 9.61 35.49 7.18
C GLN A 54 8.18 35.08 7.51
N GLU A 55 7.89 34.84 8.78
CA GLU A 55 6.53 34.46 9.16
C GLU A 55 5.54 35.60 8.94
N GLU A 56 5.96 36.83 9.23
CA GLU A 56 5.08 37.97 8.97
C GLU A 56 4.85 38.16 7.48
N ALA A 57 5.89 37.96 6.67
CA ALA A 57 5.72 38.03 5.21
C ALA A 57 4.78 36.93 4.72
N ALA A 58 4.88 35.73 5.30
CA ALA A 58 3.96 34.66 4.92
C ALA A 58 2.53 35.02 5.31
N LEU A 59 2.35 35.67 6.46
CA LEU A 59 1.01 36.08 6.86
C LEU A 59 0.45 37.13 5.91
N LEU A 60 1.29 38.08 5.50
CA LEU A 60 0.85 39.06 4.51
C LEU A 60 0.43 38.36 3.21
N SER A 61 1.20 37.36 2.76
CA SER A 61 0.84 36.65 1.54
C SER A 61 -0.51 35.93 1.70
N GLN A 62 -0.79 35.41 2.89
CA GLN A 62 -2.08 34.78 3.14
C GLN A 62 -3.21 35.80 3.11
N GLU A 63 -2.99 36.96 3.73
CA GLU A 63 -3.96 38.04 3.66
C GLU A 63 -4.29 38.40 2.22
N PHE A 64 -3.25 38.56 1.39
CA PHE A 64 -3.44 38.89 -0.01
C PHE A 64 -4.20 37.79 -0.73
N ALA A 65 -3.77 36.54 -0.56
CA ALA A 65 -4.44 35.42 -1.22
C ALA A 65 -5.91 35.34 -0.83
N GLU A 66 -6.22 35.59 0.45
CA GLU A 66 -7.61 35.53 0.88
C GLU A 66 -8.43 36.62 0.21
N ALA A 67 -7.92 37.85 0.19
CA ALA A 67 -8.73 38.95 -0.33
C ALA A 67 -9.00 38.77 -1.83
N TRP A 68 -7.95 38.52 -2.61
CA TRP A 68 -8.15 38.33 -4.04
C TRP A 68 -8.81 37.00 -4.33
N GLY A 69 -8.46 35.97 -3.53
CA GLY A 69 -9.11 34.67 -3.68
C GLY A 69 -10.61 34.74 -3.46
N GLN A 70 -11.04 35.44 -2.41
CA GLN A 70 -12.48 35.54 -2.13
C GLN A 70 -13.16 36.54 -3.03
N LYS A 71 -12.43 37.52 -3.55
CA LYS A 71 -12.99 38.41 -4.58
C LYS A 71 -13.21 37.62 -5.87
N ALA A 72 -12.22 36.83 -6.28
CA ALA A 72 -12.37 36.02 -7.48
C ALA A 72 -13.55 35.08 -7.37
N LYS A 73 -13.80 34.53 -6.17
CA LYS A 73 -14.93 33.64 -5.97
C LYS A 73 -16.25 34.38 -5.81
N GLU A 74 -16.21 35.64 -5.38
CA GLU A 74 -17.44 36.40 -5.24
C GLU A 74 -18.06 36.72 -6.60
N LEU A 75 -17.23 36.97 -7.59
CA LEU A 75 -17.69 37.39 -8.91
C LEU A 75 -17.68 36.25 -9.92
N TYR A 76 -16.52 35.63 -10.12
CA TYR A 76 -16.24 34.79 -11.27
C TYR A 76 -16.39 33.30 -10.98
N GLU A 77 -17.00 32.93 -9.87
CA GLU A 77 -17.08 31.52 -9.51
C GLU A 77 -17.67 30.66 -10.63
N PRO A 78 -18.70 31.11 -11.38
CA PRO A 78 -19.32 30.20 -12.35
C PRO A 78 -18.97 30.51 -13.81
N ILE A 79 -17.98 31.37 -14.04
CA ILE A 79 -17.75 31.87 -15.39
C ILE A 79 -16.29 31.72 -15.82
N TRP A 80 -15.40 31.46 -14.85
CA TRP A 80 -13.98 31.41 -15.18
C TRP A 80 -13.62 30.16 -15.97
N GLN A 81 -14.41 29.08 -15.81
CA GLN A 81 -14.13 27.85 -16.52
C GLN A 81 -14.53 27.90 -17.98
N GLN A 82 -15.31 28.91 -18.39
CA GLN A 82 -15.77 29.04 -19.77
C GLN A 82 -15.18 30.25 -20.49
N PHE A 83 -14.27 30.99 -19.85
CA PHE A 83 -13.62 32.11 -20.52
C PHE A 83 -13.03 31.65 -21.86
N THR A 84 -13.02 32.54 -22.84
CA THR A 84 -12.38 32.23 -24.11
C THR A 84 -10.86 32.32 -24.03
N ASP A 85 -10.33 33.06 -23.05
CA ASP A 85 -8.89 33.25 -22.94
C ASP A 85 -8.29 32.09 -22.17
N PRO A 86 -7.51 31.21 -22.80
CA PRO A 86 -6.98 30.05 -22.05
C PRO A 86 -6.06 30.44 -20.90
N GLN A 87 -5.11 31.33 -21.15
CA GLN A 87 -4.20 31.76 -20.10
C GLN A 87 -4.95 32.40 -18.95
N LEU A 88 -6.03 33.12 -19.25
CA LEU A 88 -6.79 33.81 -18.21
C LEU A 88 -7.47 32.82 -17.26
N ARG A 89 -7.98 31.69 -17.79
CA ARG A 89 -8.53 30.68 -16.90
C ARG A 89 -7.46 30.08 -16.00
N ARG A 90 -6.27 29.83 -16.56
CA ARG A 90 -5.17 29.35 -15.71
C ARG A 90 -4.83 30.38 -14.64
N ILE A 91 -4.84 31.66 -15.00
CA ILE A 91 -4.59 32.71 -14.01
C ILE A 91 -5.66 32.69 -12.93
N ILE A 92 -6.93 32.64 -13.34
CA ILE A 92 -8.02 32.68 -12.37
C ILE A 92 -7.98 31.45 -11.47
N GLY A 93 -7.79 30.28 -12.07
CA GLY A 93 -7.78 29.06 -11.27
C GLY A 93 -6.75 29.09 -10.16
N ALA A 94 -5.56 29.62 -10.46
CA ALA A 94 -4.52 29.77 -9.44
C ALA A 94 -4.98 30.72 -8.32
N VAL A 95 -5.46 31.91 -8.70
CA VAL A 95 -5.82 32.92 -7.70
C VAL A 95 -6.92 32.40 -6.78
N ARG A 96 -7.85 31.62 -7.32
CA ARG A 96 -9.02 31.19 -6.56
C ARG A 96 -8.72 30.08 -5.54
N THR A 97 -7.61 29.37 -5.69
CA THR A 97 -7.23 28.30 -4.75
C THR A 97 -6.48 28.96 -3.60
N LEU A 98 -7.07 28.91 -2.39
CA LEU A 98 -6.56 29.71 -1.28
C LEU A 98 -5.48 29.01 -0.47
N GLY A 99 -5.49 27.69 -0.43
CA GLY A 99 -4.50 26.96 0.33
C GLY A 99 -4.53 27.37 1.79
N SER A 100 -3.33 27.60 2.35
CA SER A 100 -3.23 27.95 3.75
C SER A 100 -4.03 29.19 4.12
N ALA A 101 -4.37 30.03 3.14
CA ALA A 101 -5.18 31.21 3.43
C ALA A 101 -6.62 30.84 3.79
N ASN A 102 -7.03 29.57 3.63
CA ASN A 102 -8.31 29.12 4.15
C ASN A 102 -8.30 28.97 5.66
N LEU A 103 -7.12 28.90 6.27
CA LEU A 103 -7.05 28.69 7.71
C LEU A 103 -7.39 29.99 8.44
N PRO A 104 -8.05 29.89 9.60
CA PRO A 104 -8.18 31.07 10.46
C PRO A 104 -6.82 31.57 10.91
N LEU A 105 -6.78 32.85 11.29
CA LEU A 105 -5.52 33.51 11.61
C LEU A 105 -4.68 32.69 12.58
N ALA A 106 -5.26 32.22 13.69
CA ALA A 106 -4.48 31.47 14.66
C ALA A 106 -3.83 30.26 14.01
N LYS A 107 -4.54 29.58 13.11
CA LYS A 107 -3.98 28.40 12.48
C LYS A 107 -2.98 28.76 11.39
N ARG A 108 -3.18 29.90 10.71
CA ARG A 108 -2.15 30.40 9.79
C ARG A 108 -0.83 30.61 10.52
N GLN A 109 -0.88 31.24 11.70
CA GLN A 109 0.35 31.47 12.45
C GLN A 109 0.96 30.15 12.91
N GLN A 110 0.14 29.21 13.39
N GLN A 110 0.15 29.21 13.38
CA GLN A 110 0.64 27.89 13.72
CA GLN A 110 0.66 27.89 13.72
C GLN A 110 1.34 27.24 12.52
C GLN A 110 1.34 27.24 12.53
N TYR A 111 0.70 27.32 11.35
CA TYR A 111 1.24 26.70 10.15
C TYR A 111 2.57 27.34 9.74
N ASN A 112 2.61 28.67 9.70
CA ASN A 112 3.83 29.36 9.31
C ASN A 112 4.95 29.09 10.30
N ALA A 113 4.63 29.02 11.60
CA ALA A 113 5.66 28.74 12.59
C ALA A 113 6.16 27.30 12.48
N LEU A 114 5.29 26.36 12.10
CA LEU A 114 5.73 24.98 11.92
C LEU A 114 6.72 24.88 10.76
N LEU A 115 6.41 25.53 9.65
CA LEU A 115 7.32 25.52 8.51
C LEU A 115 8.69 26.08 8.90
N SER A 116 8.71 27.20 9.62
N SER A 116 8.71 27.21 9.61
CA SER A 116 9.97 27.80 10.03
CA SER A 116 9.97 27.80 10.05
C SER A 116 10.75 26.88 10.97
C SER A 116 10.73 26.84 10.95
N GLN A 117 10.06 26.27 11.95
CA GLN A 117 10.74 25.43 12.91
C GLN A 117 11.24 24.14 12.25
N MET A 118 10.46 23.55 11.35
CA MET A 118 10.94 22.36 10.65
C MET A 118 12.16 22.69 9.80
N SER A 119 12.16 23.87 9.17
CA SER A 119 13.33 24.26 8.38
C SER A 119 14.55 24.46 9.26
N ARG A 120 14.39 25.11 10.43
CA ARG A 120 15.52 25.31 11.31
C ARG A 120 16.08 23.99 11.81
N ILE A 121 15.21 23.08 12.20
CA ILE A 121 15.69 21.81 12.76
C ILE A 121 16.52 21.05 11.73
N TYR A 122 16.00 20.94 10.51
CA TYR A 122 16.70 20.19 9.48
C TYR A 122 18.07 20.81 9.18
N SER A 123 18.11 22.14 9.00
CA SER A 123 19.32 22.76 8.49
C SER A 123 20.31 23.18 9.56
N THR A 124 19.96 23.06 10.85
CA THR A 124 20.94 23.27 11.90
C THR A 124 21.28 22.00 12.67
N ALA A 125 20.65 20.88 12.35
CA ALA A 125 20.97 19.62 13.01
C ALA A 125 22.45 19.29 12.84
N LYS A 126 23.01 18.66 13.85
CA LYS A 126 24.44 18.32 13.86
C LYS A 126 24.64 16.98 14.53
N VAL A 127 25.69 16.30 14.11
CA VAL A 127 26.13 15.04 14.69
C VAL A 127 27.40 15.35 15.49
N CYS A 128 27.39 15.01 16.77
CA CYS A 128 28.50 15.30 17.66
C CYS A 128 29.17 14.01 18.11
N LEU A 129 30.48 14.09 18.32
CA LEU A 129 31.26 12.92 18.72
C LEU A 129 31.36 12.83 20.23
N ALA A 134 32.52 16.93 22.08
CA ALA A 134 32.88 18.34 21.92
C ALA A 134 32.58 18.83 20.51
N THR A 135 33.26 18.25 19.52
CA THR A 135 33.14 18.67 18.13
C THR A 135 31.90 18.06 17.49
N CYS A 136 31.35 18.77 16.49
CA CYS A 136 30.09 18.39 15.87
C CYS A 136 30.13 18.59 14.36
N TRP A 137 29.58 17.62 13.63
CA TRP A 137 29.56 17.63 12.18
C TRP A 137 28.20 18.08 11.65
N SER A 138 28.23 18.91 10.62
CA SER A 138 27.03 19.29 9.90
C SER A 138 26.80 18.34 8.72
N LEU A 139 25.60 18.38 8.16
CA LEU A 139 25.29 17.55 7.01
C LEU A 139 26.16 17.94 5.82
N ASP A 140 26.18 19.22 5.49
CA ASP A 140 26.93 19.74 4.36
C ASP A 140 27.96 20.72 4.90
N PRO A 141 29.28 20.47 4.73
CA PRO A 141 29.90 19.37 3.98
C PRO A 141 30.26 18.11 4.78
N ASP A 142 30.27 18.17 6.12
CA ASP A 142 30.95 17.15 6.90
C ASP A 142 30.41 15.76 6.63
N LEU A 143 29.14 15.50 6.95
CA LEU A 143 28.61 14.15 6.79
C LEU A 143 28.51 13.76 5.32
N THR A 144 28.26 14.73 4.43
CA THR A 144 28.18 14.43 3.01
C THR A 144 29.49 13.84 2.49
N ASN A 145 30.62 14.40 2.94
CA ASN A 145 31.92 13.89 2.49
C ASN A 145 32.24 12.53 3.10
N ILE A 146 31.78 12.27 4.33
CA ILE A 146 31.96 10.96 4.93
C ILE A 146 31.21 9.90 4.13
N LEU A 147 29.91 10.12 3.91
CA LEU A 147 29.13 9.18 3.11
C LEU A 147 29.72 8.98 1.73
N ALA A 148 30.33 10.02 1.16
CA ALA A 148 30.81 9.94 -0.22
C ALA A 148 32.20 9.34 -0.37
N SER A 149 33.07 9.49 0.62
N SER A 149 33.06 9.46 0.64
CA SER A 149 34.47 9.09 0.49
CA SER A 149 34.48 9.12 0.48
C SER A 149 34.90 8.00 1.45
C SER A 149 35.00 8.13 1.51
N SER A 150 34.35 7.95 2.66
CA SER A 150 34.77 6.94 3.61
C SER A 150 34.30 5.57 3.16
N ARG A 151 35.13 4.55 3.40
N ARG A 151 35.13 4.55 3.42
CA ARG A 151 34.76 3.17 3.14
CA ARG A 151 34.81 3.16 3.13
C ARG A 151 34.88 2.32 4.40
C ARG A 151 34.88 2.32 4.40
N SER A 152 34.85 2.97 5.56
CA SER A 152 34.83 2.29 6.84
C SER A 152 33.37 2.04 7.21
N TYR A 153 32.99 0.77 7.24
CA TYR A 153 31.61 0.42 7.56
C TYR A 153 31.16 1.11 8.85
N ALA A 154 32.06 1.23 9.83
CA ALA A 154 31.67 1.79 11.12
C ALA A 154 31.55 3.31 11.06
N MET A 155 32.46 3.97 10.33
CA MET A 155 32.37 5.43 10.21
C MET A 155 31.10 5.83 9.45
N LEU A 156 30.78 5.10 8.39
CA LEU A 156 29.58 5.41 7.61
C LEU A 156 28.33 5.18 8.44
N LEU A 157 28.32 4.12 9.24
CA LEU A 157 27.19 3.86 10.13
C LEU A 157 27.05 4.98 11.13
N PHE A 158 28.16 5.47 11.67
CA PHE A 158 28.08 6.55 12.64
C PHE A 158 27.47 7.81 12.03
N ALA A 159 27.88 8.15 10.80
CA ALA A 159 27.32 9.32 10.15
C ALA A 159 25.85 9.11 9.78
N TRP A 160 25.53 7.92 9.25
CA TRP A 160 24.14 7.64 8.83
C TRP A 160 23.18 7.64 10.01
N GLU A 161 23.52 6.91 11.07
CA GLU A 161 22.65 6.84 12.24
C GLU A 161 22.58 8.20 12.93
N GLY A 162 23.74 8.84 13.12
CA GLY A 162 23.75 10.14 13.77
C GLY A 162 22.89 11.15 13.04
N TRP A 163 22.96 11.16 11.70
CA TRP A 163 22.19 12.14 10.96
C TRP A 163 20.69 11.85 11.05
N HIS A 164 20.31 10.60 10.83
CA HIS A 164 18.89 10.27 10.83
C HIS A 164 18.27 10.50 12.21
N ASN A 165 19.02 10.21 13.28
CA ASN A 165 18.51 10.47 14.63
C ASN A 165 18.42 11.96 14.92
N ALA A 166 19.48 12.71 14.58
CA ALA A 166 19.53 14.12 14.94
C ALA A 166 18.46 14.93 14.22
N ALA A 167 18.21 14.62 12.94
CA ALA A 167 17.27 15.39 12.14
C ALA A 167 15.85 14.86 12.28
N GLY A 168 15.68 13.54 12.22
CA GLY A 168 14.35 12.97 12.15
C GLY A 168 13.57 13.03 13.44
N ILE A 169 14.20 12.65 14.56
CA ILE A 169 13.44 12.46 15.79
C ILE A 169 12.73 13.74 16.24
N PRO A 170 13.39 14.90 16.31
CA PRO A 170 12.68 16.11 16.77
C PRO A 170 11.67 16.65 15.78
N LEU A 171 11.71 16.22 14.52
CA LEU A 171 10.78 16.73 13.53
C LEU A 171 9.41 16.07 13.60
N LYS A 172 9.33 14.85 14.13
CA LYS A 172 8.11 14.06 13.98
C LYS A 172 6.88 14.74 14.55
N PRO A 173 6.89 15.26 15.79
CA PRO A 173 5.65 15.90 16.29
C PRO A 173 5.28 17.12 15.48
N LEU A 174 6.27 17.87 14.97
CA LEU A 174 5.97 19.02 14.13
C LEU A 174 5.35 18.58 12.80
N TYR A 175 5.85 17.49 12.23
CA TYR A 175 5.37 17.08 10.91
C TYR A 175 3.92 16.57 11.00
N GLU A 176 3.57 15.89 12.08
N GLU A 176 3.57 15.90 12.09
CA GLU A 176 2.18 15.49 12.28
CA GLU A 176 2.19 15.48 12.30
C GLU A 176 1.26 16.71 12.31
C GLU A 176 1.25 16.69 12.34
N ASP A 177 1.65 17.74 13.06
CA ASP A 177 0.82 18.93 13.17
C ASP A 177 0.70 19.65 11.83
N PHE A 178 1.82 19.73 11.09
CA PHE A 178 1.79 20.34 9.77
C PHE A 178 0.84 19.59 8.84
N THR A 179 0.90 18.26 8.86
CA THR A 179 0.07 17.48 7.95
C THR A 179 -1.41 17.77 8.19
N ALA A 180 -1.81 17.84 9.47
CA ALA A 180 -3.22 18.09 9.76
C ALA A 180 -3.65 19.48 9.29
N LEU A 181 -2.81 20.49 9.52
CA LEU A 181 -3.18 21.85 9.11
C LEU A 181 -3.18 21.98 7.59
N SER A 182 -2.19 21.41 6.93
CA SER A 182 -2.16 21.44 5.47
C SER A 182 -3.44 20.85 4.89
N ASN A 183 -3.84 19.67 5.38
CA ASN A 183 -5.04 19.02 4.90
C ASN A 183 -6.28 19.88 5.16
N GLU A 184 -6.38 20.41 6.38
CA GLU A 184 -7.51 21.27 6.72
C GLU A 184 -7.64 22.42 5.71
N ALA A 185 -6.51 23.00 5.33
CA ALA A 185 -6.52 24.14 4.42
C ALA A 185 -6.99 23.75 3.02
N TYR A 186 -6.40 22.68 2.45
CA TYR A 186 -6.72 22.34 1.06
C TYR A 186 -8.06 21.62 0.93
N LYS A 187 -8.57 21.04 2.03
CA LYS A 187 -9.91 20.48 2.01
C LYS A 187 -10.95 21.56 1.72
N GLN A 188 -10.68 22.79 2.13
CA GLN A 188 -11.55 23.92 1.85
C GLN A 188 -11.47 24.39 0.41
N ASP A 189 -10.49 23.94 -0.35
CA ASP A 189 -10.44 24.20 -1.78
C ASP A 189 -11.05 23.07 -2.59
N GLY A 190 -11.60 22.05 -1.95
CA GLY A 190 -12.27 20.97 -2.62
C GLY A 190 -11.44 19.71 -2.83
N PHE A 191 -10.20 19.69 -2.35
CA PHE A 191 -9.36 18.51 -2.50
C PHE A 191 -9.54 17.58 -1.31
N THR A 192 -9.50 16.28 -1.58
CA THR A 192 -9.64 15.32 -0.48
C THR A 192 -8.48 15.40 0.50
N ASP A 193 -7.28 15.80 0.04
CA ASP A 193 -6.15 16.02 0.92
C ASP A 193 -5.07 16.76 0.14
N THR A 194 -4.01 17.14 0.85
CA THR A 194 -2.97 17.95 0.22
C THR A 194 -2.33 17.23 -0.97
N GLY A 195 -2.10 15.91 -0.85
CA GLY A 195 -1.53 15.17 -1.95
C GLY A 195 -2.34 15.26 -3.23
N ALA A 196 -3.68 15.26 -3.10
CA ALA A 196 -4.51 15.40 -4.29
C ALA A 196 -4.27 16.75 -4.95
N TYR A 197 -4.09 17.80 -4.13
CA TYR A 197 -3.76 19.10 -4.70
C TYR A 197 -2.40 19.05 -5.41
N TRP A 198 -1.40 18.45 -4.76
CA TRP A 198 -0.08 18.36 -5.39
C TRP A 198 -0.16 17.62 -6.73
N ARG A 199 -0.94 16.55 -6.78
CA ARG A 199 -1.01 15.76 -8.00
C ARG A 199 -1.76 16.49 -9.10
N SER A 200 -2.66 17.40 -8.74
CA SER A 200 -3.48 18.08 -9.73
C SER A 200 -2.64 18.96 -10.66
N TRP A 201 -1.41 19.32 -10.25
CA TRP A 201 -0.56 20.16 -11.08
C TRP A 201 -0.22 19.49 -12.41
N TYR A 202 -0.36 18.17 -12.50
CA TYR A 202 -0.03 17.46 -13.73
C TYR A 202 -1.23 17.30 -14.65
N ASN A 203 -2.41 17.73 -14.21
CA ASN A 203 -3.61 17.76 -15.04
C ASN A 203 -3.71 16.50 -15.89
N SER A 204 -3.74 15.37 -15.20
CA SER A 204 -3.84 14.06 -15.86
C SER A 204 -4.70 13.17 -14.98
N PRO A 205 -5.88 12.73 -15.44
CA PRO A 205 -6.71 11.87 -14.58
C PRO A 205 -6.06 10.54 -14.27
N THR A 206 -5.10 10.09 -15.08
CA THR A 206 -4.45 8.80 -14.91
C THR A 206 -3.01 8.93 -14.41
N PHE A 207 -2.68 10.03 -13.74
CA PHE A 207 -1.29 10.30 -13.35
C PHE A 207 -0.66 9.12 -12.62
N GLU A 208 -1.30 8.64 -11.55
CA GLU A 208 -0.68 7.60 -10.74
C GLU A 208 -0.52 6.30 -11.53
N ASP A 209 -1.52 5.94 -12.34
CA ASP A 209 -1.37 4.77 -13.19
C ASP A 209 -0.27 4.96 -14.24
N ASP A 210 -0.20 6.17 -14.82
CA ASP A 210 0.84 6.46 -15.81
C ASP A 210 2.23 6.27 -15.20
N LEU A 211 2.40 6.71 -13.96
CA LEU A 211 3.70 6.59 -13.31
C LEU A 211 4.05 5.14 -13.04
N GLU A 212 3.05 4.35 -12.61
CA GLU A 212 3.33 2.94 -12.34
C GLU A 212 3.73 2.21 -13.61
N HIS A 213 3.07 2.52 -14.73
CA HIS A 213 3.43 1.89 -15.99
C HIS A 213 4.85 2.26 -16.41
N LEU A 214 5.23 3.53 -16.21
CA LEU A 214 6.62 3.92 -16.47
C LEU A 214 7.57 3.12 -15.60
N TYR A 215 7.30 3.07 -14.28
CA TYR A 215 8.21 2.38 -13.39
C TYR A 215 8.32 0.90 -13.74
N GLN A 216 7.23 0.28 -14.22
CA GLN A 216 7.34 -1.13 -14.62
C GLN A 216 8.37 -1.32 -15.73
N GLN A 217 8.51 -0.34 -16.63
CA GLN A 217 9.49 -0.50 -17.70
C GLN A 217 10.92 -0.28 -17.21
N LEU A 218 11.09 0.51 -16.15
CA LEU A 218 12.40 0.88 -15.65
C LEU A 218 12.95 -0.05 -14.59
N GLU A 219 12.07 -0.74 -13.86
CA GLU A 219 12.53 -1.57 -12.75
C GLU A 219 13.54 -2.64 -13.14
N PRO A 220 13.41 -3.34 -14.27
CA PRO A 220 14.45 -4.33 -14.61
C PRO A 220 15.84 -3.73 -14.71
N LEU A 221 15.94 -2.49 -15.19
CA LEU A 221 17.26 -1.84 -15.26
C LEU A 221 17.79 -1.62 -13.85
N TYR A 222 16.94 -1.14 -12.95
CA TYR A 222 17.38 -0.93 -11.57
C TYR A 222 17.79 -2.26 -10.92
N LEU A 223 16.98 -3.31 -11.12
CA LEU A 223 17.29 -4.58 -10.45
C LEU A 223 18.68 -5.10 -10.87
N ASN A 224 19.02 -4.96 -12.14
CA ASN A 224 20.33 -5.44 -12.59
C ASN A 224 21.46 -4.54 -12.10
N LEU A 225 21.26 -3.22 -12.11
CA LEU A 225 22.26 -2.33 -11.53
C LEU A 225 22.48 -2.69 -10.07
N HIS A 226 21.37 -2.89 -9.35
CA HIS A 226 21.41 -3.21 -7.93
C HIS A 226 22.20 -4.48 -7.66
N ALA A 227 21.96 -5.52 -8.45
CA ALA A 227 22.61 -6.80 -8.20
C ALA A 227 24.12 -6.71 -8.50
N PHE A 228 24.47 -5.95 -9.53
CA PHE A 228 25.86 -5.76 -9.90
C PHE A 228 26.61 -5.01 -8.81
N VAL A 229 26.04 -3.90 -8.34
CA VAL A 229 26.66 -3.10 -7.28
C VAL A 229 26.75 -3.91 -5.98
N ARG A 230 25.68 -4.62 -5.63
CA ARG A 230 25.71 -5.43 -4.42
C ARG A 230 26.88 -6.41 -4.45
N ARG A 231 27.14 -7.02 -5.61
CA ARG A 231 28.27 -7.93 -5.75
C ARG A 231 29.59 -7.20 -5.52
N ALA A 232 29.74 -5.98 -6.03
CA ALA A 232 30.97 -5.23 -5.82
C ALA A 232 31.13 -4.87 -4.35
N LEU A 233 30.03 -4.51 -3.68
CA LEU A 233 30.10 -4.20 -2.25
C LEU A 233 30.47 -5.43 -1.44
N HIS A 234 29.99 -6.60 -1.87
CA HIS A 234 30.29 -7.84 -1.15
C HIS A 234 31.79 -8.14 -1.19
N ARG A 235 32.43 -7.88 -2.33
CA ARG A 235 33.86 -8.13 -2.45
C ARG A 235 34.70 -7.20 -1.59
N ARG A 236 34.16 -6.06 -1.15
CA ARG A 236 34.87 -5.14 -0.29
C ARG A 236 34.53 -5.29 1.19
N TYR A 237 33.26 -5.48 1.51
CA TYR A 237 32.82 -5.51 2.89
C TYR A 237 32.63 -6.91 3.45
N GLY A 238 32.46 -7.92 2.60
CA GLY A 238 32.41 -9.29 3.04
C GLY A 238 31.00 -9.80 3.30
N ASP A 239 30.92 -11.11 3.49
CA ASP A 239 29.64 -11.79 3.63
C ASP A 239 28.93 -11.46 4.93
N ARG A 240 29.64 -10.88 5.90
CA ARG A 240 29.00 -10.50 7.16
C ARG A 240 28.13 -9.26 7.00
N TYR A 241 28.57 -8.29 6.20
CA TYR A 241 27.84 -7.04 6.06
C TYR A 241 27.06 -6.93 4.76
N ILE A 242 27.25 -7.86 3.82
CA ILE A 242 26.54 -7.83 2.55
C ILE A 242 25.91 -9.19 2.31
N ASN A 243 24.60 -9.21 2.06
CA ASN A 243 23.86 -10.42 1.76
C ASN A 243 23.55 -10.40 0.27
N LEU A 244 24.14 -11.33 -0.47
CA LEU A 244 23.95 -11.39 -1.91
C LEU A 244 22.51 -11.71 -2.31
N ARG A 245 21.66 -12.07 -1.36
CA ARG A 245 20.25 -12.29 -1.65
C ARG A 245 19.34 -11.37 -0.84
N GLY A 246 19.90 -10.30 -0.26
CA GLY A 246 19.16 -9.42 0.60
C GLY A 246 19.34 -7.97 0.23
N PRO A 247 18.63 -7.07 0.94
CA PRO A 247 18.76 -5.64 0.66
C PRO A 247 20.17 -5.18 0.99
N ILE A 248 20.58 -4.08 0.34
CA ILE A 248 21.89 -3.48 0.61
C ILE A 248 21.76 -2.56 1.82
N PRO A 249 22.69 -2.62 2.78
CA PRO A 249 22.65 -1.64 3.88
C PRO A 249 22.69 -0.22 3.35
N ALA A 250 21.80 0.62 3.88
CA ALA A 250 21.48 1.91 3.27
C ALA A 250 22.58 2.96 3.35
N HIS A 251 23.68 2.68 4.07
CA HIS A 251 24.74 3.67 4.26
C HIS A 251 25.98 3.42 3.40
N LEU A 252 25.93 2.48 2.46
CA LEU A 252 27.11 2.04 1.73
C LEU A 252 27.13 2.45 0.27
N LEU A 253 26.21 3.32 -0.16
CA LEU A 253 26.03 3.62 -1.56
C LEU A 253 26.53 5.01 -1.93
N GLY A 254 27.20 5.70 -1.01
CA GLY A 254 27.90 6.95 -1.31
C GLY A 254 27.12 8.19 -1.03
N ASP A 255 25.89 8.07 -0.51
CA ASP A 255 24.93 9.15 -0.41
C ASP A 255 24.09 8.88 0.84
N MET A 256 23.79 9.95 1.59
CA MET A 256 23.08 9.78 2.85
C MET A 256 21.72 9.08 2.65
N TRP A 257 21.10 9.27 1.48
CA TRP A 257 19.79 8.69 1.20
C TRP A 257 19.85 7.55 0.20
N ALA A 258 21.07 7.13 -0.17
CA ALA A 258 21.27 6.09 -1.17
C ALA A 258 20.53 6.40 -2.46
N GLN A 259 20.39 7.69 -2.77
CA GLN A 259 19.55 8.11 -3.89
C GLN A 259 20.34 8.28 -5.17
N SER A 260 21.64 8.49 -5.07
N SER A 260 21.64 8.55 -5.05
CA SER A 260 22.51 8.52 -6.24
CA SER A 260 22.57 8.57 -6.17
C SER A 260 23.82 7.85 -5.82
C SER A 260 23.78 7.76 -5.75
N TRP A 261 24.26 6.90 -6.64
CA TRP A 261 25.37 6.01 -6.29
C TRP A 261 26.68 6.39 -6.99
N GLU A 262 26.78 7.59 -7.55
N GLU A 262 26.77 7.60 -7.55
CA GLU A 262 27.96 7.91 -8.34
CA GLU A 262 27.94 8.00 -8.32
C GLU A 262 29.24 7.97 -7.51
C GLU A 262 29.22 7.86 -7.49
N ASN A 263 29.13 8.13 -6.18
CA ASN A 263 30.32 8.18 -5.35
C ASN A 263 31.00 6.83 -5.16
N ILE A 264 30.34 5.71 -5.47
CA ILE A 264 31.02 4.42 -5.40
C ILE A 264 31.43 3.92 -6.79
N TYR A 265 31.46 4.81 -7.77
CA TYR A 265 31.90 4.41 -9.12
C TYR A 265 33.25 3.70 -9.09
N ASP A 266 34.20 4.19 -8.28
CA ASP A 266 35.53 3.58 -8.30
C ASP A 266 35.49 2.11 -7.90
N MET A 267 34.47 1.69 -7.11
CA MET A 267 34.39 0.28 -6.72
C MET A 267 33.69 -0.58 -7.76
N VAL A 268 32.95 0.02 -8.68
CA VAL A 268 32.13 -0.75 -9.61
C VAL A 268 32.62 -0.64 -11.06
N VAL A 269 33.52 0.29 -11.37
CA VAL A 269 33.93 0.55 -12.75
C VAL A 269 34.42 -0.74 -13.40
N PRO A 270 33.81 -1.18 -14.49
CA PRO A 270 34.18 -2.50 -15.07
C PRO A 270 35.52 -2.54 -15.78
N PHE A 271 36.00 -1.44 -16.37
CA PHE A 271 37.24 -1.44 -17.16
C PHE A 271 38.12 -0.33 -16.64
N PRO A 272 38.81 -0.58 -15.52
CA PRO A 272 39.63 0.49 -14.90
C PRO A 272 40.79 1.00 -15.73
N ASP A 273 41.20 0.27 -16.79
CA ASP A 273 42.31 0.71 -17.62
C ASP A 273 41.96 1.87 -18.54
N LYS A 274 40.68 2.17 -18.70
CA LYS A 274 40.23 3.25 -19.57
C LYS A 274 40.30 4.57 -18.82
N PRO A 275 40.15 5.70 -19.53
CA PRO A 275 40.16 7.01 -18.87
C PRO A 275 39.28 7.07 -17.62
N ASN A 276 39.74 7.81 -16.61
CA ASN A 276 38.99 7.95 -15.37
C ASN A 276 37.91 9.00 -15.54
N LEU A 277 36.66 8.56 -15.55
CA LEU A 277 35.54 9.45 -15.85
C LEU A 277 35.09 10.28 -14.66
N ASP A 278 35.56 9.99 -13.45
CA ASP A 278 35.31 10.84 -12.29
C ASP A 278 36.41 11.90 -12.27
N VAL A 279 36.08 13.11 -12.73
CA VAL A 279 37.08 14.14 -12.95
C VAL A 279 37.25 15.02 -11.71
N THR A 280 36.66 14.62 -10.59
CA THR A 280 36.79 15.40 -9.35
C THR A 280 38.26 15.67 -9.04
N SER A 281 39.09 14.65 -9.09
CA SER A 281 40.51 14.84 -8.76
C SER A 281 41.16 15.87 -9.68
N THR A 282 40.80 15.84 -10.97
CA THR A 282 41.37 16.82 -11.89
C THR A 282 40.89 18.22 -11.57
N MET A 283 39.61 18.38 -11.18
CA MET A 283 39.12 19.69 -10.79
C MET A 283 39.92 20.23 -9.60
N LEU A 284 40.17 19.40 -8.60
CA LEU A 284 40.97 19.84 -7.45
C LEU A 284 42.39 20.19 -7.89
N GLN A 285 43.07 19.25 -8.56
CA GLN A 285 44.42 19.50 -9.04
C GLN A 285 44.50 20.82 -9.81
N GLN A 286 43.46 21.16 -10.58
CA GLN A 286 43.48 22.36 -11.39
C GLN A 286 43.05 23.61 -10.65
N GLY A 287 42.57 23.48 -9.41
CA GLY A 287 42.19 24.65 -8.66
C GLY A 287 40.82 25.21 -8.96
N TRP A 288 39.89 24.37 -9.40
CA TRP A 288 38.53 24.84 -9.61
C TRP A 288 37.93 25.33 -8.30
N GLN A 289 37.21 26.43 -8.37
CA GLN A 289 36.42 26.95 -7.26
C GLN A 289 34.95 27.07 -7.70
N ALA A 290 34.09 27.37 -6.73
CA ALA A 290 32.66 27.43 -7.00
C ALA A 290 32.36 28.37 -8.16
N THR A 291 32.87 29.60 -8.10
CA THR A 291 32.50 30.59 -9.12
C THR A 291 32.93 30.13 -10.52
N HIS A 292 34.04 29.39 -10.62
CA HIS A 292 34.43 28.84 -11.91
C HIS A 292 33.39 27.84 -12.40
N MET A 293 32.89 27.00 -11.50
CA MET A 293 31.87 26.03 -11.88
C MET A 293 30.64 26.72 -12.44
N PHE A 294 30.22 27.83 -11.82
CA PHE A 294 29.05 28.57 -12.32
C PHE A 294 29.37 29.27 -13.64
N ARG A 295 30.60 29.74 -13.83
CA ARG A 295 30.92 30.39 -15.10
C ARG A 295 30.96 29.39 -16.25
N VAL A 296 31.40 28.17 -15.97
CA VAL A 296 31.45 27.14 -17.01
C VAL A 296 30.04 26.70 -17.38
N ALA A 297 29.17 26.57 -16.38
CA ALA A 297 27.77 26.25 -16.65
C ALA A 297 27.13 27.33 -17.50
N GLU A 298 27.30 28.59 -17.11
CA GLU A 298 26.74 29.72 -17.84
C GLU A 298 27.19 29.72 -19.30
N GLU A 299 28.48 29.43 -19.53
CA GLU A 299 28.99 29.51 -20.90
C GLU A 299 28.36 28.45 -21.78
N PHE A 300 27.96 27.30 -21.23
CA PHE A 300 27.19 26.33 -21.99
C PHE A 300 25.85 26.92 -22.41
N PHE A 301 25.16 27.58 -21.47
CA PHE A 301 23.90 28.23 -21.80
C PHE A 301 24.09 29.27 -22.91
N THR A 302 25.09 30.14 -22.78
CA THR A 302 25.28 31.16 -23.81
C THR A 302 25.75 30.55 -25.12
N SER A 303 26.37 29.36 -25.10
CA SER A 303 26.77 28.70 -26.33
C SER A 303 25.57 28.31 -27.17
N LEU A 304 24.43 28.09 -26.50
CA LEU A 304 23.17 27.80 -27.16
C LEU A 304 22.40 29.07 -27.55
N GLU A 305 22.98 30.25 -27.29
CA GLU A 305 22.30 31.53 -27.48
C GLU A 305 21.14 31.71 -26.50
N LEU A 306 21.24 31.08 -25.33
CA LEU A 306 20.36 31.39 -24.21
C LEU A 306 21.01 32.52 -23.40
N SER A 307 20.34 32.94 -22.33
CA SER A 307 20.78 34.18 -21.69
C SER A 307 21.93 33.94 -20.73
N PRO A 308 22.86 34.87 -20.61
CA PRO A 308 23.84 34.82 -19.52
C PRO A 308 23.16 35.11 -18.19
N MET A 309 23.86 34.83 -17.10
CA MET A 309 23.36 35.24 -15.78
C MET A 309 23.51 36.75 -15.66
N PRO A 310 22.48 37.47 -15.19
CA PRO A 310 22.58 38.93 -15.11
C PRO A 310 23.48 39.37 -13.97
N PRO A 311 23.92 40.63 -13.96
CA PRO A 311 24.75 41.10 -12.84
C PRO A 311 24.12 40.86 -11.48
N GLU A 312 22.79 41.06 -11.37
CA GLU A 312 22.10 40.85 -10.11
C GLU A 312 22.30 39.45 -9.58
N PHE A 313 22.49 38.47 -10.47
CA PHE A 313 22.72 37.09 -10.05
C PHE A 313 24.08 36.94 -9.39
N TRP A 314 25.13 37.51 -10.00
CA TRP A 314 26.46 37.35 -9.45
C TRP A 314 26.62 38.15 -8.17
N GLU A 315 25.92 39.28 -8.04
CA GLU A 315 26.08 40.12 -6.85
C GLU A 315 25.27 39.59 -5.67
N GLY A 316 24.19 38.88 -5.92
CA GLY A 316 23.29 38.49 -4.85
C GLY A 316 23.36 37.03 -4.43
N SER A 317 23.87 36.17 -5.32
CA SER A 317 23.81 34.74 -5.06
C SER A 317 24.74 34.34 -3.92
N MET A 318 24.40 33.23 -3.27
CA MET A 318 25.26 32.60 -2.27
C MET A 318 25.78 31.31 -2.90
N LEU A 319 27.05 31.33 -3.35
CA LEU A 319 27.59 30.21 -4.12
C LEU A 319 28.54 29.35 -3.31
N GLU A 320 28.86 29.75 -2.08
CA GLU A 320 29.69 28.99 -1.17
C GLU A 320 29.05 29.05 0.22
N LYS A 321 29.28 28.02 1.00
CA LYS A 321 28.85 28.07 2.40
C LYS A 321 29.59 29.19 3.13
N PRO A 322 28.88 30.10 3.79
CA PRO A 322 29.56 31.20 4.50
C PRO A 322 30.54 30.68 5.55
N ALA A 323 31.71 31.30 5.60
CA ALA A 323 32.72 30.97 6.58
C ALA A 323 32.68 31.88 7.81
N ASP A 324 31.71 32.78 7.89
CA ASP A 324 31.57 33.66 9.05
C ASP A 324 30.78 33.01 10.18
N GLY A 325 30.55 31.70 10.13
CA GLY A 325 29.83 31.01 11.17
C GLY A 325 28.33 31.01 11.03
N ARG A 326 27.77 31.80 10.12
CA ARG A 326 26.33 31.80 9.90
C ARG A 326 25.81 30.39 9.73
N GLU A 327 24.58 30.16 10.20
CA GLU A 327 23.81 28.98 9.82
C GLU A 327 23.04 29.32 8.56
N VAL A 328 23.05 28.42 7.58
CA VAL A 328 22.34 28.61 6.33
C VAL A 328 21.65 27.30 5.96
N VAL A 329 20.64 27.42 5.11
CA VAL A 329 20.05 26.26 4.43
C VAL A 329 20.99 25.89 3.29
N CYS A 330 21.65 24.74 3.39
CA CYS A 330 22.67 24.39 2.41
C CYS A 330 22.12 23.65 1.20
N HIS A 331 20.90 23.13 1.26
CA HIS A 331 20.34 22.45 0.09
C HIS A 331 20.27 23.41 -1.09
N ALA A 332 20.81 22.96 -2.23
CA ALA A 332 20.89 23.83 -3.41
C ALA A 332 19.51 24.22 -3.91
N SER A 333 19.34 25.51 -4.22
CA SER A 333 18.06 26.01 -4.71
C SER A 333 18.27 27.26 -5.56
N ALA A 334 17.30 27.51 -6.42
CA ALA A 334 17.28 28.61 -7.37
C ALA A 334 16.06 29.48 -7.13
N TRP A 335 16.25 30.80 -7.18
CA TRP A 335 15.31 31.75 -6.61
C TRP A 335 14.87 32.76 -7.65
N ASP A 336 13.56 32.86 -7.85
CA ASP A 336 12.92 33.93 -8.60
C ASP A 336 12.27 34.90 -7.60
N PHE A 337 12.65 36.17 -7.64
CA PHE A 337 12.09 37.17 -6.74
C PHE A 337 10.86 37.85 -7.32
N TYR A 338 10.46 37.51 -8.54
CA TYR A 338 9.22 37.98 -9.17
C TYR A 338 9.19 39.49 -9.36
N ASN A 339 10.37 40.12 -9.47
CA ASN A 339 10.44 41.52 -9.88
C ASN A 339 11.09 41.66 -11.26
N ARG A 340 11.33 40.56 -11.95
CA ARG A 340 11.87 40.52 -13.30
C ARG A 340 13.32 40.97 -13.36
N LYS A 341 13.99 41.09 -12.22
CA LYS A 341 15.34 41.62 -12.12
C LYS A 341 16.26 40.75 -11.26
N ASP A 342 15.75 40.25 -10.13
CA ASP A 342 16.55 39.52 -9.17
C ASP A 342 16.31 38.04 -9.30
N PHE A 343 17.40 37.31 -9.54
CA PHE A 343 17.40 35.86 -9.70
C PHE A 343 18.69 35.39 -9.03
N ARG A 344 18.60 34.38 -8.15
CA ARG A 344 19.79 33.96 -7.44
C ARG A 344 19.78 32.45 -7.22
N ILE A 345 20.97 31.91 -7.06
CA ILE A 345 21.14 30.53 -6.58
C ILE A 345 21.73 30.60 -5.18
N LYS A 346 21.29 29.67 -4.33
CA LYS A 346 21.86 29.46 -3.01
C LYS A 346 22.37 28.02 -2.94
N GLN A 347 23.69 27.85 -2.90
CA GLN A 347 24.28 26.53 -2.92
C GLN A 347 25.57 26.54 -2.11
N CYS A 348 25.74 25.57 -1.22
CA CYS A 348 26.98 25.38 -0.47
C CYS A 348 27.93 24.54 -1.33
N THR A 349 28.37 25.17 -2.41
CA THR A 349 29.02 24.42 -3.49
C THR A 349 30.34 23.81 -3.02
N ARG A 350 30.54 22.54 -3.37
CA ARG A 350 31.79 21.83 -3.18
C ARG A 350 32.37 21.50 -4.55
N VAL A 351 33.70 21.37 -4.60
CA VAL A 351 34.41 21.20 -5.87
C VAL A 351 34.45 19.71 -6.17
N THR A 352 33.39 19.21 -6.82
CA THR A 352 33.30 17.82 -7.21
C THR A 352 32.56 17.74 -8.55
N MET A 353 32.70 16.61 -9.22
CA MET A 353 31.99 16.44 -10.49
C MET A 353 30.47 16.42 -10.29
N ASP A 354 29.99 15.77 -9.24
CA ASP A 354 28.53 15.76 -9.02
C ASP A 354 28.00 17.15 -8.67
N GLN A 355 28.78 17.95 -7.96
CA GLN A 355 28.37 19.33 -7.72
C GLN A 355 28.35 20.15 -9.00
N LEU A 356 29.25 19.85 -9.95
CA LEU A 356 29.17 20.53 -11.23
C LEU A 356 27.83 20.24 -11.92
N SER A 357 27.34 19.01 -11.81
CA SER A 357 26.02 18.69 -12.35
C SER A 357 24.91 19.41 -11.60
N THR A 358 25.03 19.51 -10.28
CA THR A 358 24.04 20.25 -9.50
C THR A 358 24.03 21.72 -9.87
N VAL A 359 25.21 22.31 -10.09
CA VAL A 359 25.29 23.69 -10.57
C VAL A 359 24.48 23.86 -11.85
N HIS A 360 24.65 22.94 -12.80
CA HIS A 360 23.87 23.02 -14.04
C HIS A 360 22.37 22.87 -13.77
N HIS A 361 22.02 21.96 -12.89
CA HIS A 361 20.62 21.77 -12.52
C HIS A 361 20.00 23.07 -12.00
N GLU A 362 20.69 23.73 -11.07
CA GLU A 362 20.18 24.97 -10.53
C GLU A 362 20.16 26.08 -11.57
N MET A 363 21.23 26.20 -12.38
CA MET A 363 21.22 27.25 -13.38
C MET A 363 20.13 27.03 -14.42
N GLY A 364 19.73 25.77 -14.66
CA GLY A 364 18.60 25.51 -15.51
C GLY A 364 17.30 26.12 -15.00
N HIS A 365 17.10 26.12 -13.68
CA HIS A 365 15.98 26.85 -13.09
C HIS A 365 16.07 28.34 -13.41
N ILE A 366 17.28 28.91 -13.25
CA ILE A 366 17.43 30.33 -13.47
C ILE A 366 17.13 30.68 -14.92
N GLN A 367 17.60 29.85 -15.85
CA GLN A 367 17.36 30.12 -17.26
C GLN A 367 15.86 30.19 -17.54
N TYR A 368 15.12 29.22 -17.00
CA TYR A 368 13.65 29.26 -17.08
C TYR A 368 13.11 30.60 -16.61
N TYR A 369 13.51 31.04 -15.42
CA TYR A 369 13.01 32.31 -14.88
C TYR A 369 13.30 33.45 -15.84
N LEU A 370 14.51 33.49 -16.40
CA LEU A 370 14.88 34.58 -17.29
C LEU A 370 14.04 34.56 -18.56
N GLN A 371 13.70 33.38 -19.06
CA GLN A 371 13.00 33.29 -20.33
C GLN A 371 11.51 33.63 -20.19
N TYR A 372 10.89 33.37 -19.04
CA TYR A 372 9.47 33.65 -18.88
C TYR A 372 9.19 34.81 -17.93
N LYS A 373 10.19 35.66 -17.66
CA LYS A 373 10.01 36.72 -16.68
C LYS A 373 8.97 37.77 -17.11
N ASP A 374 8.62 37.83 -18.39
CA ASP A 374 7.70 38.84 -18.88
C ASP A 374 6.26 38.33 -19.02
N LEU A 375 6.00 37.09 -18.59
CA LEU A 375 4.64 36.59 -18.53
C LEU A 375 3.93 37.07 -17.26
N PRO A 376 2.61 36.93 -17.19
CA PRO A 376 1.92 37.16 -15.91
C PRO A 376 2.46 36.26 -14.82
N VAL A 377 2.53 36.81 -13.61
CA VAL A 377 3.18 36.11 -12.50
C VAL A 377 2.60 34.71 -12.32
N SER A 378 1.30 34.54 -12.54
CA SER A 378 0.70 33.22 -12.32
C SER A 378 1.20 32.18 -13.32
N LEU A 379 1.68 32.61 -14.48
CA LEU A 379 2.19 31.74 -15.51
C LEU A 379 3.71 31.60 -15.47
N ARG A 380 4.37 32.11 -14.43
CA ARG A 380 5.83 32.02 -14.29
C ARG A 380 6.17 30.77 -13.50
N ARG A 381 6.03 29.64 -14.19
CA ARG A 381 6.32 28.33 -13.62
C ARG A 381 6.53 27.39 -14.81
N GLY A 382 6.97 26.19 -14.51
CA GLY A 382 7.19 25.24 -15.57
C GLY A 382 5.87 24.78 -16.16
N ALA A 383 5.93 24.24 -17.38
CA ALA A 383 4.72 23.62 -17.93
C ALA A 383 4.15 22.60 -16.94
N ASN A 384 5.02 21.80 -16.32
CA ASN A 384 4.71 21.20 -15.03
C ASN A 384 5.99 21.22 -14.19
N PRO A 385 5.92 20.88 -12.90
CA PRO A 385 7.13 21.01 -12.06
C PRO A 385 8.29 20.13 -12.51
N GLY A 386 8.01 19.00 -13.15
CA GLY A 386 9.07 18.17 -13.68
C GLY A 386 9.82 18.80 -14.84
N PHE A 387 9.14 19.64 -15.62
CA PHE A 387 9.85 20.42 -16.65
C PHE A 387 10.93 21.29 -16.02
N HIS A 388 10.57 22.03 -14.97
CA HIS A 388 11.53 22.91 -14.31
C HIS A 388 12.73 22.15 -13.82
N GLU A 389 12.53 20.94 -13.28
CA GLU A 389 13.62 20.15 -12.73
C GLU A 389 14.50 19.52 -13.81
N ALA A 390 14.03 19.43 -15.05
CA ALA A 390 14.76 18.71 -16.08
C ALA A 390 15.68 19.59 -16.94
N ILE A 391 15.49 20.91 -16.93
CA ILE A 391 16.19 21.77 -17.88
C ILE A 391 17.70 21.64 -17.73
N GLY A 392 18.21 21.88 -16.52
CA GLY A 392 19.65 21.85 -16.31
C GLY A 392 20.23 20.47 -16.41
N ASP A 393 19.45 19.46 -16.03
CA ASP A 393 19.90 18.08 -16.17
C ASP A 393 20.16 17.73 -17.63
N VAL A 394 19.34 18.28 -18.53
CA VAL A 394 19.50 17.99 -19.96
C VAL A 394 20.86 18.50 -20.46
N LEU A 395 21.21 19.75 -20.12
CA LEU A 395 22.52 20.24 -20.50
C LEU A 395 23.63 19.43 -19.85
N ALA A 396 23.46 19.06 -18.57
CA ALA A 396 24.49 18.33 -17.87
C ALA A 396 24.72 16.96 -18.49
N LEU A 397 23.71 16.40 -19.17
CA LEU A 397 23.93 15.17 -19.92
C LEU A 397 24.96 15.37 -21.03
N SER A 398 24.93 16.54 -21.66
CA SER A 398 25.96 16.83 -22.69
C SER A 398 27.31 17.08 -22.04
N VAL A 399 27.31 17.84 -20.93
CA VAL A 399 28.56 18.22 -20.29
C VAL A 399 29.33 16.99 -19.81
N SER A 400 28.62 15.96 -19.36
N SER A 400 28.61 15.96 -19.36
CA SER A 400 29.28 14.80 -18.75
CA SER A 400 29.23 14.78 -18.77
C SER A 400 29.88 13.85 -19.79
C SER A 400 29.91 13.87 -19.78
N THR A 401 29.62 14.03 -21.07
CA THR A 401 30.19 13.12 -22.05
C THR A 401 31.72 13.24 -22.07
N PRO A 402 32.43 12.14 -22.25
CA PRO A 402 33.91 12.23 -22.34
C PRO A 402 34.39 13.25 -23.36
N GLU A 403 33.74 13.32 -24.52
CA GLU A 403 34.14 14.30 -25.53
C GLU A 403 34.04 15.72 -25.01
N HIS A 404 32.94 16.06 -24.31
CA HIS A 404 32.80 17.42 -23.82
C HIS A 404 33.78 17.71 -22.68
N LEU A 405 33.95 16.75 -21.77
CA LEU A 405 34.90 16.94 -20.69
C LEU A 405 36.31 17.19 -21.23
N HIS A 406 36.65 16.54 -22.34
CA HIS A 406 37.93 16.83 -22.99
C HIS A 406 37.99 18.29 -23.43
N LYS A 407 36.92 18.78 -24.06
CA LYS A 407 36.92 20.16 -24.56
C LYS A 407 37.17 21.16 -23.43
N ILE A 408 36.68 20.90 -22.22
CA ILE A 408 36.82 21.86 -21.12
C ILE A 408 38.01 21.52 -20.23
N GLY A 409 38.91 20.66 -20.69
CA GLY A 409 40.18 20.46 -20.00
C GLY A 409 40.15 19.51 -18.82
N LEU A 410 39.07 18.75 -18.64
CA LEU A 410 38.93 17.87 -17.49
C LEU A 410 39.20 16.40 -17.82
N LEU A 411 39.54 16.09 -19.07
CA LEU A 411 39.82 14.70 -19.46
C LEU A 411 40.81 14.76 -20.61
N ASP A 412 42.08 14.49 -20.32
CA ASP A 412 43.10 14.56 -21.36
C ASP A 412 42.91 13.46 -22.39
N ARG A 413 42.73 12.23 -21.93
CA ARG A 413 42.60 11.09 -22.84
C ARG A 413 41.16 10.95 -23.31
N VAL A 414 40.99 10.69 -24.60
CA VAL A 414 39.68 10.54 -25.21
C VAL A 414 39.67 9.27 -26.04
N THR A 415 38.67 8.42 -25.82
CA THR A 415 38.58 7.11 -26.42
C THR A 415 37.16 6.89 -26.94
N ASN A 416 37.03 6.08 -27.99
CA ASN A 416 35.71 5.71 -28.50
C ASN A 416 35.73 4.20 -28.76
N ASP A 417 35.43 3.42 -27.72
CA ASP A 417 35.40 1.97 -27.83
C ASP A 417 34.35 1.42 -26.86
N THR A 418 34.01 0.15 -27.04
CA THR A 418 32.87 -0.40 -26.31
C THR A 418 33.12 -0.46 -24.81
N GLU A 419 34.37 -0.68 -24.39
CA GLU A 419 34.66 -0.67 -22.96
C GLU A 419 34.47 0.72 -22.37
N SER A 420 34.91 1.76 -23.08
CA SER A 420 34.73 3.11 -22.59
C SER A 420 33.25 3.49 -22.54
N ASP A 421 32.46 3.04 -23.52
CA ASP A 421 31.02 3.28 -23.46
C ASP A 421 30.38 2.63 -22.25
N ILE A 422 30.76 1.38 -21.96
CA ILE A 422 30.17 0.69 -20.81
C ILE A 422 30.52 1.43 -19.52
N ASN A 423 31.79 1.82 -19.36
CA ASN A 423 32.19 2.60 -18.18
C ASN A 423 31.33 3.84 -18.04
N TYR A 424 31.15 4.57 -19.14
CA TYR A 424 30.42 5.83 -19.05
C TYR A 424 28.93 5.59 -18.75
N LEU A 425 28.33 4.62 -19.43
CA LEU A 425 26.91 4.37 -19.21
C LEU A 425 26.67 3.79 -17.81
N LEU A 426 27.63 3.03 -17.28
CA LEU A 426 27.50 2.55 -15.92
C LEU A 426 27.58 3.70 -14.93
N LYS A 427 28.51 4.64 -15.15
CA LYS A 427 28.58 5.81 -14.27
C LYS A 427 27.29 6.62 -14.33
N MET A 428 26.74 6.82 -15.53
CA MET A 428 25.48 7.54 -15.65
C MET A 428 24.33 6.77 -15.02
N ALA A 429 24.35 5.44 -15.08
CA ALA A 429 23.31 4.65 -14.43
C ALA A 429 23.34 4.83 -12.93
N LEU A 430 24.55 4.86 -12.34
CA LEU A 430 24.67 5.09 -10.90
C LEU A 430 24.04 6.42 -10.50
N GLU A 431 24.00 7.37 -11.42
CA GLU A 431 23.42 8.68 -11.14
C GLU A 431 21.93 8.75 -11.48
N LYS A 432 21.50 8.15 -12.59
CA LYS A 432 20.15 8.32 -13.11
C LYS A 432 19.24 7.12 -12.83
N ILE A 433 19.74 5.89 -13.05
N ILE A 433 19.73 5.88 -13.02
CA ILE A 433 18.90 4.72 -12.81
CA ILE A 433 18.86 4.74 -12.81
C ILE A 433 18.72 4.49 -11.31
C ILE A 433 18.72 4.42 -11.33
N ALA A 434 19.81 4.55 -10.55
CA ALA A 434 19.75 4.31 -9.13
C ALA A 434 18.78 5.25 -8.43
N PHE A 435 18.60 6.45 -8.97
CA PHE A 435 17.70 7.42 -8.35
C PHE A 435 16.23 7.05 -8.55
N LEU A 436 15.89 6.37 -9.64
CA LEU A 436 14.49 6.21 -10.04
C LEU A 436 13.61 5.66 -8.92
N PRO A 437 13.95 4.58 -8.23
CA PRO A 437 13.07 4.09 -7.17
C PRO A 437 12.87 5.10 -6.05
N PHE A 438 13.90 5.86 -5.72
CA PHE A 438 13.77 6.86 -4.67
C PHE A 438 12.89 8.02 -5.11
N GLY A 439 13.12 8.52 -6.32
CA GLY A 439 12.30 9.61 -6.82
C GLY A 439 10.83 9.24 -6.91
N TYR A 440 10.54 7.94 -7.07
CA TYR A 440 9.18 7.44 -7.15
C TYR A 440 8.57 7.25 -5.76
N LEU A 441 9.35 6.77 -4.80
CA LEU A 441 8.77 6.36 -3.52
C LEU A 441 8.50 7.51 -2.56
N VAL A 442 9.26 8.60 -2.62
CA VAL A 442 9.15 9.60 -1.57
C VAL A 442 7.71 10.12 -1.47
N ASP A 443 7.12 10.49 -2.60
CA ASP A 443 5.76 11.02 -2.56
C ASP A 443 4.70 9.93 -2.47
N GLN A 444 5.01 8.68 -2.81
CA GLN A 444 4.10 7.61 -2.41
C GLN A 444 3.94 7.60 -0.89
N TRP A 445 5.07 7.73 -0.17
CA TRP A 445 5.01 7.87 1.28
C TRP A 445 4.15 9.06 1.69
N ARG A 446 4.44 10.25 1.15
CA ARG A 446 3.76 11.45 1.61
C ARG A 446 2.29 11.46 1.18
N TRP A 447 1.99 10.93 -0.01
CA TRP A 447 0.58 10.80 -0.40
C TRP A 447 -0.18 9.94 0.61
N GLY A 448 0.44 8.86 1.09
CA GLY A 448 -0.21 8.04 2.09
C GLY A 448 -0.36 8.74 3.42
N VAL A 449 0.61 9.59 3.79
CA VAL A 449 0.47 10.36 5.01
C VAL A 449 -0.66 11.38 4.88
N PHE A 450 -0.67 12.11 3.76
CA PHE A 450 -1.69 13.13 3.57
C PHE A 450 -3.09 12.52 3.52
N SER A 451 -3.21 11.34 2.93
CA SER A 451 -4.51 10.72 2.79
C SER A 451 -4.95 10.01 4.08
N GLY A 452 -4.03 9.81 5.03
CA GLY A 452 -4.34 9.10 6.25
C GLY A 452 -4.12 7.61 6.22
N ARG A 453 -3.74 7.04 5.07
CA ARG A 453 -3.39 5.62 5.06
C ARG A 453 -2.18 5.36 5.97
N THR A 454 -1.29 6.34 6.12
CA THR A 454 -0.11 6.22 6.99
C THR A 454 -0.27 7.21 8.14
N PRO A 455 -0.82 6.78 9.28
CA PRO A 455 -0.87 7.64 10.45
C PRO A 455 0.49 7.77 11.10
N PRO A 456 0.65 8.72 12.04
CA PRO A 456 1.94 8.85 12.75
C PRO A 456 2.49 7.55 13.32
N SER A 457 1.62 6.65 13.77
CA SER A 457 2.05 5.37 14.32
C SER A 457 2.69 4.45 13.29
N ARG A 458 2.65 4.80 12.00
CA ARG A 458 3.30 3.99 10.98
C ARG A 458 4.22 4.81 10.06
N TYR A 459 4.62 6.01 10.48
CA TYR A 459 5.47 6.84 9.62
C TYR A 459 6.74 6.10 9.17
N ASN A 460 7.43 5.46 10.11
CA ASN A 460 8.70 4.84 9.78
C ASN A 460 8.54 3.43 9.24
N PHE A 461 7.54 2.71 9.75
CA PHE A 461 7.18 1.39 9.24
C PHE A 461 6.87 1.46 7.73
N ASP A 462 6.09 2.45 7.32
CA ASP A 462 5.73 2.58 5.92
C ASP A 462 6.88 3.18 5.07
N TRP A 463 7.66 4.08 5.66
CA TRP A 463 8.85 4.59 4.97
C TRP A 463 9.79 3.46 4.60
N TRP A 464 10.12 2.60 5.57
CA TRP A 464 11.04 1.52 5.28
C TRP A 464 10.42 0.41 4.47
N TYR A 465 9.09 0.22 4.57
CA TYR A 465 8.44 -0.68 3.64
C TYR A 465 8.74 -0.25 2.19
N LEU A 466 8.58 1.05 1.90
CA LEU A 466 8.77 1.54 0.54
C LEU A 466 10.25 1.57 0.14
N ARG A 467 11.12 1.91 1.07
CA ARG A 467 12.56 1.90 0.80
C ARG A 467 13.05 0.52 0.41
N THR A 468 12.64 -0.50 1.17
CA THR A 468 12.99 -1.86 0.79
C THR A 468 12.30 -2.27 -0.51
N LYS A 469 10.99 -2.01 -0.62
CA LYS A 469 10.23 -2.46 -1.78
C LYS A 469 10.83 -1.94 -3.09
N TYR A 470 11.17 -0.66 -3.14
CA TYR A 470 11.64 -0.03 -4.36
C TYR A 470 13.17 -0.01 -4.48
N GLN A 471 13.87 0.45 -3.45
CA GLN A 471 15.33 0.57 -3.56
C GLN A 471 16.07 -0.70 -3.21
N GLY A 472 15.45 -1.61 -2.45
CA GLY A 472 16.18 -2.81 -2.07
C GLY A 472 17.32 -2.52 -1.11
N ILE A 473 17.08 -1.64 -0.16
CA ILE A 473 18.02 -1.30 0.91
C ILE A 473 17.33 -1.54 2.25
N CYS A 474 18.14 -1.61 3.29
CA CYS A 474 17.67 -1.82 4.66
C CYS A 474 18.45 -0.91 5.59
N PRO A 475 17.85 -0.47 6.70
CA PRO A 475 18.59 0.37 7.63
C PRO A 475 19.70 -0.42 8.28
N PRO A 476 20.89 0.18 8.47
CA PRO A 476 22.00 -0.58 9.06
C PRO A 476 21.96 -0.70 10.57
N VAL A 477 21.05 -0.01 11.26
CA VAL A 477 20.77 -0.22 12.66
C VAL A 477 19.26 -0.31 12.82
N THR A 478 18.82 -0.88 13.93
CA THR A 478 17.40 -1.07 14.14
C THR A 478 16.68 0.27 14.26
N ARG A 479 15.49 0.35 13.67
CA ARG A 479 14.66 1.54 13.77
C ARG A 479 13.31 1.18 14.35
N ASN A 480 12.67 2.16 14.98
CA ASN A 480 11.31 2.02 15.50
C ASN A 480 10.59 3.34 15.26
N GLU A 481 9.36 3.47 15.78
CA GLU A 481 8.53 4.62 15.45
C GLU A 481 8.87 5.87 16.23
N THR A 482 9.85 5.81 17.12
CA THR A 482 10.44 7.04 17.64
C THR A 482 11.27 7.72 16.57
N HIS A 483 11.86 6.93 15.68
CA HIS A 483 12.61 7.46 14.56
C HIS A 483 11.65 7.93 13.47
N PHE A 484 12.09 8.96 12.73
CA PHE A 484 11.29 9.59 11.68
C PHE A 484 12.24 9.84 10.52
N ASP A 485 12.60 8.75 9.84
CA ASP A 485 13.70 8.78 8.89
C ASP A 485 13.33 9.54 7.61
N ALA A 486 12.04 9.59 7.27
CA ALA A 486 11.62 10.46 6.17
C ALA A 486 11.97 11.91 6.46
N GLY A 487 11.96 12.30 7.74
CA GLY A 487 12.25 13.66 8.11
C GLY A 487 13.70 14.04 7.91
N ALA A 488 14.58 13.06 7.80
CA ALA A 488 15.99 13.31 7.59
C ALA A 488 16.35 13.61 6.13
N LYS A 489 15.33 13.72 5.26
CA LYS A 489 15.48 14.09 3.86
C LYS A 489 14.94 15.50 3.66
N PHE A 490 15.78 16.39 3.12
CA PHE A 490 15.44 17.82 3.06
C PHE A 490 13.99 18.11 2.67
N HIS A 491 13.50 17.48 1.59
CA HIS A 491 12.24 17.90 1.01
C HIS A 491 11.03 17.65 1.91
N VAL A 492 11.16 16.75 2.88
CA VAL A 492 10.03 16.44 3.77
C VAL A 492 9.77 17.59 4.74
N PRO A 493 10.71 17.97 5.60
CA PRO A 493 10.46 19.12 6.49
C PRO A 493 10.35 20.46 5.76
N ASN A 494 10.98 20.60 4.60
CA ASN A 494 10.84 21.82 3.83
C ASN A 494 9.68 21.79 2.85
N VAL A 495 8.87 20.73 2.91
CA VAL A 495 7.59 20.64 2.21
C VAL A 495 7.77 20.96 0.72
N THR A 496 8.71 20.29 0.09
CA THR A 496 8.94 20.42 -1.35
C THR A 496 8.52 19.11 -2.00
N PRO A 497 7.52 19.10 -2.88
CA PRO A 497 7.09 17.83 -3.49
C PRO A 497 8.25 17.18 -4.24
N TYR A 498 8.16 15.84 -4.37
CA TYR A 498 9.25 15.05 -4.89
C TYR A 498 8.97 14.37 -6.22
N ILE A 499 7.70 14.12 -6.56
CA ILE A 499 7.42 13.30 -7.77
C ILE A 499 7.97 14.01 -9.00
N ARG A 500 8.10 15.34 -8.94
CA ARG A 500 8.71 16.11 -10.03
C ARG A 500 10.06 15.56 -10.44
N TYR A 501 10.81 14.95 -9.52
CA TYR A 501 12.15 14.48 -9.88
C TYR A 501 12.11 13.14 -10.61
N PHE A 502 11.16 12.28 -10.26
CA PHE A 502 10.97 11.07 -11.06
C PHE A 502 10.50 11.44 -12.47
N VAL A 503 9.56 12.37 -12.58
CA VAL A 503 9.14 12.86 -13.88
C VAL A 503 10.32 13.45 -14.65
N SER A 504 11.12 14.26 -13.95
CA SER A 504 12.29 14.91 -14.56
C SER A 504 13.29 13.92 -15.10
N PHE A 505 13.55 12.83 -14.37
CA PHE A 505 14.57 11.88 -14.81
C PHE A 505 14.11 11.07 -16.03
N VAL A 506 12.80 10.98 -16.25
CA VAL A 506 12.30 10.42 -17.49
C VAL A 506 12.31 11.46 -18.59
N LEU A 507 11.79 12.65 -18.28
CA LEU A 507 11.62 13.69 -19.28
C LEU A 507 12.95 14.12 -19.87
N GLN A 508 13.98 14.22 -19.03
CA GLN A 508 15.22 14.80 -19.53
C GLN A 508 15.81 13.99 -20.68
N PHE A 509 15.58 12.67 -20.71
CA PHE A 509 16.03 11.88 -21.84
C PHE A 509 15.16 12.09 -23.06
N GLN A 510 13.85 12.36 -22.87
CA GLN A 510 13.03 12.76 -24.00
C GLN A 510 13.53 14.08 -24.59
N PHE A 511 13.84 15.05 -23.73
CA PHE A 511 14.36 16.33 -24.20
C PHE A 511 15.71 16.14 -24.91
N HIS A 512 16.59 15.37 -24.29
CA HIS A 512 17.93 15.15 -24.84
C HIS A 512 17.85 14.56 -26.23
N GLU A 513 17.00 13.54 -26.41
CA GLU A 513 16.82 12.94 -27.72
C GLU A 513 16.35 13.99 -28.74
N ALA A 514 15.37 14.81 -28.36
CA ALA A 514 14.83 15.80 -29.29
C ALA A 514 15.84 16.88 -29.63
N LEU A 515 16.58 17.36 -28.63
CA LEU A 515 17.55 18.42 -28.89
C LEU A 515 18.73 17.89 -29.71
N CYS A 516 19.13 16.65 -29.46
CA CYS A 516 20.22 16.08 -30.24
C CYS A 516 19.81 15.92 -31.71
N LYS A 517 18.57 15.47 -31.95
CA LYS A 517 18.10 15.40 -33.32
C LYS A 517 18.07 16.79 -33.96
N GLU A 518 17.59 17.79 -33.22
CA GLU A 518 17.52 19.14 -33.76
C GLU A 518 18.92 19.67 -34.05
N ALA A 519 19.90 19.28 -33.26
CA ALA A 519 21.27 19.74 -33.45
C ALA A 519 21.93 19.10 -34.65
N GLY A 520 21.27 18.14 -35.31
CA GLY A 520 21.87 17.44 -36.42
C GLY A 520 22.79 16.31 -36.02
N TYR A 521 22.77 15.90 -34.75
CA TYR A 521 23.63 14.82 -34.30
C TYR A 521 23.06 13.47 -34.73
N GLU A 522 23.93 12.59 -35.22
CA GLU A 522 23.49 11.32 -35.83
C GLU A 522 24.26 10.11 -35.31
N GLY A 523 24.97 10.23 -34.19
CA GLY A 523 25.59 9.10 -33.56
C GLY A 523 24.80 8.58 -32.37
N PRO A 524 25.42 7.71 -31.56
CA PRO A 524 24.73 7.16 -30.40
C PRO A 524 24.25 8.24 -29.44
N LEU A 525 23.05 8.05 -28.92
CA LEU A 525 22.41 9.09 -28.11
C LEU A 525 23.26 9.48 -26.91
N HIS A 526 23.96 8.54 -26.30
CA HIS A 526 24.73 8.82 -25.11
C HIS A 526 26.06 9.51 -25.39
N GLN A 527 26.44 9.68 -26.65
CA GLN A 527 27.61 10.45 -27.01
C GLN A 527 27.27 11.82 -27.55
N CYS A 528 25.99 12.17 -27.59
CA CYS A 528 25.59 13.48 -28.09
C CYS A 528 26.04 14.59 -27.15
N ASP A 529 26.46 15.71 -27.73
CA ASP A 529 26.83 16.93 -27.00
C ASP A 529 26.23 18.09 -27.78
N ILE A 530 25.25 18.79 -27.20
CA ILE A 530 24.58 19.87 -27.92
C ILE A 530 25.28 21.21 -27.78
N TYR A 531 26.45 21.22 -27.13
CA TYR A 531 27.24 22.43 -26.98
C TYR A 531 27.34 23.19 -28.29
N ARG A 532 27.09 24.49 -28.23
CA ARG A 532 27.16 25.42 -29.36
C ARG A 532 26.12 25.18 -30.46
N SER A 533 25.09 24.37 -30.20
CA SER A 533 24.02 24.19 -31.18
C SER A 533 22.96 25.26 -30.94
N THR A 534 22.99 26.31 -31.77
CA THR A 534 21.98 27.35 -31.65
C THR A 534 20.59 26.84 -32.06
N LYS A 535 20.52 25.86 -32.96
CA LYS A 535 19.23 25.25 -33.28
C LYS A 535 18.65 24.53 -32.07
N ALA A 536 19.47 23.76 -31.35
CA ALA A 536 18.99 23.14 -30.12
C ALA A 536 18.57 24.22 -29.12
N GLY A 537 19.32 25.32 -29.07
CA GLY A 537 18.97 26.39 -28.16
C GLY A 537 17.60 26.98 -28.46
N ALA A 538 17.30 27.20 -29.74
CA ALA A 538 16.03 27.83 -30.10
C ALA A 538 14.87 26.92 -29.76
N LYS A 539 15.03 25.60 -29.93
CA LYS A 539 13.97 24.68 -29.57
C LYS A 539 13.75 24.66 -28.05
N LEU A 540 14.84 24.58 -27.27
CA LEU A 540 14.71 24.65 -25.82
C LEU A 540 14.09 25.97 -25.39
N ARG A 541 14.46 27.06 -26.07
CA ARG A 541 13.96 28.38 -25.69
C ARG A 541 12.43 28.45 -25.81
N LYS A 542 11.87 27.84 -26.86
CA LYS A 542 10.41 27.87 -27.03
C LYS A 542 9.72 27.24 -25.81
N VAL A 543 10.28 26.16 -25.28
CA VAL A 543 9.70 25.56 -24.08
C VAL A 543 9.80 26.54 -22.92
N LEU A 544 11.00 27.11 -22.71
CA LEU A 544 11.21 27.94 -21.52
C LEU A 544 10.32 29.19 -21.56
N ARG A 545 10.17 29.80 -22.72
CA ARG A 545 9.40 31.03 -22.81
C ARG A 545 7.90 30.81 -22.62
N ALA A 546 7.43 29.56 -22.73
CA ALA A 546 6.01 29.29 -22.57
C ALA A 546 5.56 29.29 -21.12
N GLY A 547 6.47 29.07 -20.18
CA GLY A 547 6.06 28.93 -18.80
C GLY A 547 4.94 27.91 -18.69
N SER A 548 3.91 28.25 -17.91
CA SER A 548 2.72 27.43 -17.78
C SER A 548 1.55 28.03 -18.56
N SER A 549 1.82 28.77 -19.61
CA SER A 549 0.74 29.38 -20.36
C SER A 549 -0.06 28.35 -21.14
N ARG A 550 0.48 27.15 -21.36
CA ARG A 550 -0.17 26.11 -22.15
C ARG A 550 -0.02 24.76 -21.48
N PRO A 551 -0.95 23.83 -21.74
CA PRO A 551 -0.87 22.51 -21.11
C PRO A 551 0.43 21.80 -21.45
N TRP A 552 1.02 21.15 -20.44
CA TRP A 552 2.35 20.60 -20.63
C TRP A 552 2.35 19.55 -21.74
N GLN A 553 1.24 18.83 -21.90
CA GLN A 553 1.16 17.80 -22.93
C GLN A 553 1.33 18.40 -24.32
N GLU A 554 0.82 19.61 -24.53
CA GLU A 554 0.98 20.30 -25.81
C GLU A 554 2.38 20.84 -25.98
N VAL A 555 2.95 21.43 -24.93
CA VAL A 555 4.33 21.89 -24.99
C VAL A 555 5.27 20.72 -25.31
N LEU A 556 5.06 19.59 -24.64
CA LEU A 556 5.89 18.42 -24.88
C LEU A 556 5.73 17.91 -26.31
N LYS A 557 4.50 17.90 -26.81
CA LYS A 557 4.27 17.43 -28.18
C LYS A 557 5.02 18.30 -29.18
N ASP A 558 4.97 19.62 -29.01
CA ASP A 558 5.71 20.49 -29.91
C ASP A 558 7.21 20.22 -29.86
N MET A 559 7.73 19.84 -28.71
CA MET A 559 9.17 19.72 -28.55
C MET A 559 9.69 18.36 -29.01
N VAL A 560 9.02 17.28 -28.60
CA VAL A 560 9.52 15.93 -28.84
C VAL A 560 8.62 15.10 -29.74
N GLY A 561 7.45 15.61 -30.11
CA GLY A 561 6.57 14.88 -31.00
C GLY A 561 5.66 13.88 -30.34
N LEU A 562 5.58 13.90 -29.01
CA LEU A 562 4.71 13.02 -28.24
C LEU A 562 4.10 13.82 -27.11
N ASP A 563 2.83 13.55 -26.79
CA ASP A 563 2.11 14.30 -25.76
C ASP A 563 2.12 13.60 -24.40
N ALA A 564 3.12 12.77 -24.13
CA ALA A 564 3.12 11.99 -22.90
C ALA A 564 4.54 11.67 -22.46
N LEU A 565 4.70 11.44 -21.17
CA LEU A 565 5.93 10.88 -20.65
C LEU A 565 6.16 9.51 -21.27
N ASP A 566 7.43 9.20 -21.55
CA ASP A 566 7.78 8.00 -22.30
C ASP A 566 9.16 7.57 -21.84
N ALA A 567 9.29 6.31 -21.44
CA ALA A 567 10.57 5.77 -20.99
C ALA A 567 11.48 5.35 -22.16
N GLN A 568 10.96 5.28 -23.38
CA GLN A 568 11.78 4.75 -24.47
C GLN A 568 13.09 5.52 -24.69
N PRO A 569 13.14 6.85 -24.62
CA PRO A 569 14.45 7.52 -24.80
C PRO A 569 15.45 7.18 -23.74
N LEU A 570 15.02 7.06 -22.48
CA LEU A 570 15.94 6.63 -21.42
C LEU A 570 16.42 5.21 -21.68
N LEU A 571 15.53 4.32 -22.10
CA LEU A 571 15.93 2.95 -22.38
C LEU A 571 16.93 2.90 -23.54
N LYS A 572 16.70 3.72 -24.58
CA LYS A 572 17.59 3.76 -25.72
C LYS A 572 18.98 4.26 -25.32
N TYR A 573 19.01 5.30 -24.48
CA TYR A 573 20.27 5.85 -23.99
C TYR A 573 21.11 4.78 -23.32
N PHE A 574 20.51 3.99 -22.45
CA PHE A 574 21.22 3.03 -21.63
C PHE A 574 21.32 1.65 -22.25
N GLN A 575 20.69 1.44 -23.41
CA GLN A 575 20.62 0.13 -24.04
C GLN A 575 21.88 -0.73 -23.92
N LEU A 576 23.05 -0.17 -24.22
CA LEU A 576 24.27 -0.99 -24.22
C LEU A 576 24.58 -1.54 -22.83
N VAL A 577 24.49 -0.70 -21.79
CA VAL A 577 24.83 -1.17 -20.45
C VAL A 577 23.69 -2.02 -19.86
N THR A 578 22.45 -1.76 -20.25
CA THR A 578 21.35 -2.63 -19.83
C THR A 578 21.62 -4.06 -20.25
N GLN A 579 21.98 -4.26 -21.52
CA GLN A 579 22.28 -5.60 -22.00
C GLN A 579 23.52 -6.17 -21.32
N TRP A 580 24.55 -5.34 -21.12
CA TRP A 580 25.78 -5.82 -20.52
C TRP A 580 25.58 -6.22 -19.05
N LEU A 581 24.86 -5.39 -18.28
CA LEU A 581 24.63 -5.74 -16.88
C LEU A 581 23.85 -7.05 -16.76
N GLN A 582 22.85 -7.23 -17.62
CA GLN A 582 22.07 -8.45 -17.61
C GLN A 582 22.96 -9.66 -17.88
N GLU A 583 23.84 -9.57 -18.87
CA GLU A 583 24.75 -10.67 -19.16
C GLU A 583 25.69 -10.93 -17.99
N GLN A 584 26.26 -9.85 -17.43
CA GLN A 584 27.20 -10.03 -16.31
C GLN A 584 26.53 -10.72 -15.13
N ASN A 585 25.32 -10.29 -14.79
CA ASN A 585 24.63 -10.89 -13.64
C ASN A 585 24.33 -12.37 -13.87
N GLN A 586 23.87 -12.71 -15.08
CA GLN A 586 23.61 -14.11 -15.39
C GLN A 586 24.87 -14.95 -15.28
N GLN A 587 25.98 -14.45 -15.84
CA GLN A 587 27.23 -15.19 -15.79
C GLN A 587 27.71 -15.36 -14.35
N ASN A 588 27.48 -14.36 -13.50
CA ASN A 588 27.88 -14.44 -12.11
C ASN A 588 26.90 -15.21 -11.25
N GLY A 589 25.80 -15.69 -11.81
CA GLY A 589 24.81 -16.39 -11.03
C GLY A 589 24.12 -15.53 -9.99
N GLU A 590 23.86 -14.27 -10.32
CA GLU A 590 23.24 -13.37 -9.37
C GLU A 590 21.77 -13.70 -9.19
N VAL A 591 21.27 -13.41 -8.00
CA VAL A 591 19.83 -13.35 -7.76
C VAL A 591 19.40 -11.91 -7.98
N LEU A 592 18.48 -11.70 -8.93
CA LEU A 592 17.90 -10.38 -9.11
C LEU A 592 16.85 -10.17 -8.02
N GLY A 593 16.96 -9.05 -7.32
CA GLY A 593 16.05 -8.76 -6.21
C GLY A 593 16.69 -9.08 -4.88
N TRP A 594 15.86 -9.02 -3.84
CA TRP A 594 16.29 -9.19 -2.46
C TRP A 594 15.28 -10.08 -1.75
N PRO A 595 15.24 -11.37 -2.11
CA PRO A 595 14.23 -12.25 -1.50
C PRO A 595 14.39 -12.43 -0.01
N GLU A 596 15.58 -12.21 0.55
CA GLU A 596 15.75 -12.22 2.02
C GLU A 596 15.42 -10.82 2.53
N TYR A 597 14.13 -10.47 2.38
CA TYR A 597 13.67 -9.11 2.61
C TYR A 597 13.76 -8.72 4.09
N GLN A 598 13.87 -9.69 4.98
CA GLN A 598 13.96 -9.44 6.42
C GLN A 598 15.39 -9.22 6.90
N TRP A 599 16.38 -9.45 6.05
CA TRP A 599 17.76 -9.39 6.51
C TRP A 599 18.20 -7.96 6.80
N HIS A 600 18.90 -7.79 7.91
CA HIS A 600 19.61 -6.56 8.28
C HIS A 600 21.04 -6.93 8.67
N PRO A 601 22.00 -6.05 8.47
CA PRO A 601 23.40 -6.40 8.85
C PRO A 601 23.57 -6.37 10.36
N PRO A 602 24.55 -7.10 10.90
CA PRO A 602 24.85 -6.97 12.33
C PRO A 602 25.54 -5.64 12.58
N LEU A 603 25.63 -5.29 13.86
CA LEU A 603 26.40 -4.12 14.23
C LEU A 603 27.89 -4.44 14.22
N PRO A 604 28.75 -3.48 13.90
CA PRO A 604 30.19 -3.69 14.07
C PRO A 604 30.52 -4.04 15.51
N ASP A 605 31.47 -4.96 15.67
CA ASP A 605 32.05 -5.18 16.99
C ASP A 605 32.77 -3.92 17.43
N ASN A 606 32.54 -3.51 18.67
CA ASN A 606 33.13 -2.29 19.22
C ASN A 606 32.50 -1.06 18.58
N TYR A 607 31.18 -1.07 18.50
CA TYR A 607 30.42 0.06 17.97
C TYR A 607 29.55 0.64 19.07
N PRO A 608 29.45 1.98 19.18
CA PRO A 608 30.10 3.02 18.36
C PRO A 608 31.41 3.54 18.96
N GLU A 609 32.11 2.73 19.76
CA GLU A 609 33.22 3.26 20.55
C GLU A 609 34.44 3.57 19.68
N GLY A 610 34.70 2.73 18.67
CA GLY A 610 35.88 2.91 17.84
C GLY A 610 35.98 4.28 17.21
N ILE A 611 34.86 4.96 17.06
CA ILE A 611 34.84 6.28 16.43
C ILE A 611 35.68 7.26 17.24
N LEU B 1 -21.10 -30.90 -25.27
CA LEU B 1 -22.20 -30.65 -24.29
C LEU B 1 -23.52 -31.17 -24.83
N ASP B 2 -24.22 -31.93 -23.98
CA ASP B 2 -25.54 -32.47 -24.29
C ASP B 2 -26.44 -31.44 -24.97
N PRO B 3 -27.13 -31.82 -26.04
CA PRO B 3 -28.05 -30.87 -26.69
C PRO B 3 -29.10 -30.29 -25.76
N GLY B 4 -29.72 -31.10 -24.91
CA GLY B 4 -30.75 -30.64 -24.00
C GLY B 4 -30.27 -29.61 -22.99
N LEU B 5 -28.97 -29.35 -22.92
CA LEU B 5 -28.42 -28.30 -22.07
C LEU B 5 -28.01 -27.07 -22.85
N GLN B 6 -27.93 -27.16 -24.18
CA GLN B 6 -27.60 -26.00 -25.01
C GLN B 6 -28.82 -25.10 -25.17
N PRO B 7 -28.61 -23.80 -25.34
CA PRO B 7 -29.73 -22.86 -25.27
C PRO B 7 -30.58 -22.85 -26.52
N GLY B 8 -31.88 -22.61 -26.31
CA GLY B 8 -32.84 -22.51 -27.40
C GLY B 8 -32.93 -21.10 -27.96
N GLN B 9 -33.94 -20.90 -28.79
CA GLN B 9 -34.15 -19.63 -29.46
C GLN B 9 -35.13 -18.77 -28.67
N PHE B 10 -34.80 -17.48 -28.54
CA PHE B 10 -35.56 -16.55 -27.72
C PHE B 10 -35.57 -15.19 -28.39
N SER B 11 -36.66 -14.46 -28.19
CA SER B 11 -36.77 -13.11 -28.74
C SER B 11 -35.83 -12.14 -28.01
N ALA B 12 -35.39 -11.13 -28.74
CA ALA B 12 -34.44 -10.13 -28.21
C ALA B 12 -35.21 -8.98 -27.57
N ASP B 13 -35.88 -9.32 -26.46
CA ASP B 13 -36.62 -8.35 -25.66
C ASP B 13 -36.83 -8.95 -24.28
N GLU B 14 -37.39 -8.14 -23.37
CA GLU B 14 -37.47 -8.57 -21.98
C GLU B 14 -38.36 -9.79 -21.79
N ALA B 15 -39.43 -9.89 -22.58
CA ALA B 15 -40.32 -11.04 -22.48
C ALA B 15 -39.60 -12.31 -22.88
N GLY B 16 -38.83 -12.26 -23.97
CA GLY B 16 -38.00 -13.41 -24.33
C GLY B 16 -36.91 -13.67 -23.30
N ALA B 17 -36.36 -12.60 -22.72
CA ALA B 17 -35.35 -12.77 -21.69
C ALA B 17 -35.93 -13.46 -20.45
N GLN B 18 -37.21 -13.24 -20.17
CA GLN B 18 -37.85 -13.93 -19.05
C GLN B 18 -37.93 -15.43 -19.31
N LEU B 19 -38.34 -15.82 -20.52
CA LEU B 19 -38.29 -17.23 -20.88
C LEU B 19 -36.85 -17.72 -20.92
N PHE B 20 -35.94 -16.89 -21.42
CA PHE B 20 -34.53 -17.26 -21.47
C PHE B 20 -34.02 -17.63 -20.08
N ALA B 21 -34.26 -16.78 -19.09
CA ALA B 21 -33.81 -17.07 -17.74
C ALA B 21 -34.38 -18.39 -17.22
N GLN B 22 -35.66 -18.65 -17.46
CA GLN B 22 -36.26 -19.89 -16.98
C GLN B 22 -35.58 -21.10 -17.59
N SER B 23 -35.40 -21.09 -18.90
CA SER B 23 -34.71 -22.21 -19.56
C SER B 23 -33.27 -22.33 -19.10
N TYR B 24 -32.63 -21.22 -18.76
CA TYR B 24 -31.25 -21.28 -18.27
C TYR B 24 -31.19 -22.01 -16.94
N GLN B 25 -32.05 -21.64 -15.99
CA GLN B 25 -31.96 -22.12 -14.62
C GLN B 25 -32.54 -23.51 -14.43
N SER B 26 -33.32 -24.01 -15.38
CA SER B 26 -33.70 -25.42 -15.37
C SER B 26 -32.56 -26.31 -15.86
N SER B 27 -31.78 -25.82 -16.82
CA SER B 27 -30.64 -26.58 -17.31
C SER B 27 -29.43 -26.44 -16.38
N ALA B 28 -29.27 -25.27 -15.77
CA ALA B 28 -28.17 -25.07 -14.82
C ALA B 28 -28.32 -25.99 -13.62
N GLU B 29 -29.56 -26.25 -13.18
CA GLU B 29 -29.79 -27.11 -12.03
C GLU B 29 -29.07 -28.45 -12.19
N GLN B 30 -29.06 -28.98 -13.40
CA GLN B 30 -28.46 -30.30 -13.64
C GLN B 30 -26.95 -30.22 -13.69
N VAL B 31 -26.40 -29.12 -14.23
CA VAL B 31 -24.96 -28.99 -14.37
C VAL B 31 -24.32 -28.74 -13.01
N LEU B 32 -24.90 -27.83 -12.24
CA LEU B 32 -24.39 -27.55 -10.90
C LEU B 32 -24.35 -28.81 -10.04
N PHE B 33 -25.39 -29.64 -10.11
CA PHE B 33 -25.41 -30.83 -9.28
C PHE B 33 -24.22 -31.73 -9.57
N GLN B 34 -23.90 -31.91 -10.85
CA GLN B 34 -22.83 -32.84 -11.21
C GLN B 34 -21.45 -32.26 -10.87
N SER B 35 -21.34 -30.93 -10.84
CA SER B 35 -20.12 -30.31 -10.33
C SER B 35 -19.99 -30.51 -8.83
N VAL B 36 -21.03 -30.17 -8.06
CA VAL B 36 -20.95 -30.28 -6.61
C VAL B 36 -20.76 -31.74 -6.22
N ALA B 37 -21.50 -32.63 -6.86
CA ALA B 37 -21.36 -34.06 -6.56
C ALA B 37 -19.92 -34.54 -6.73
N ALA B 38 -19.26 -34.12 -7.80
CA ALA B 38 -17.89 -34.59 -8.04
C ALA B 38 -16.91 -33.92 -7.08
N SER B 39 -17.11 -32.65 -6.76
CA SER B 39 -16.30 -32.02 -5.74
C SER B 39 -16.43 -32.73 -4.40
N TRP B 40 -17.65 -33.16 -4.06
CA TRP B 40 -17.86 -33.82 -2.78
C TRP B 40 -17.11 -35.14 -2.72
N ALA B 41 -17.20 -35.94 -3.79
CA ALA B 41 -16.49 -37.21 -3.84
C ALA B 41 -14.98 -37.02 -3.69
N HIS B 42 -14.45 -35.90 -4.17
CA HIS B 42 -13.01 -35.65 -4.03
C HIS B 42 -12.66 -35.19 -2.61
N ASP B 43 -13.36 -34.18 -2.11
CA ASP B 43 -12.98 -33.60 -0.81
C ASP B 43 -13.17 -34.57 0.35
N THR B 44 -14.04 -35.57 0.22
CA THR B 44 -14.19 -36.58 1.27
C THR B 44 -13.34 -37.82 1.00
N ASN B 45 -12.53 -37.81 -0.05
CA ASN B 45 -11.76 -38.96 -0.48
C ASN B 45 -10.80 -38.48 -1.57
N ILE B 46 -9.69 -37.89 -1.15
CA ILE B 46 -8.76 -37.24 -2.07
C ILE B 46 -7.98 -38.32 -2.82
N THR B 47 -8.19 -38.42 -4.14
CA THR B 47 -7.41 -39.30 -4.99
C THR B 47 -7.28 -38.69 -6.39
N ALA B 48 -6.33 -39.22 -7.16
CA ALA B 48 -6.15 -38.73 -8.53
C ALA B 48 -7.40 -38.96 -9.37
N GLU B 49 -8.11 -40.07 -9.12
CA GLU B 49 -9.27 -40.40 -9.94
C GLU B 49 -10.45 -39.47 -9.63
N ASN B 50 -10.68 -39.21 -8.34
CA ASN B 50 -11.71 -38.23 -7.97
C ASN B 50 -11.31 -36.84 -8.43
N ALA B 51 -10.01 -36.54 -8.47
CA ALA B 51 -9.55 -35.29 -9.06
C ALA B 51 -9.85 -35.26 -10.56
N ARG B 52 -9.58 -36.37 -11.26
CA ARG B 52 -9.89 -36.44 -12.68
C ARG B 52 -11.37 -36.15 -12.94
N ARG B 53 -12.25 -36.75 -12.13
CA ARG B 53 -13.67 -36.62 -12.41
C ARG B 53 -14.20 -35.25 -12.03
N GLN B 54 -13.67 -34.68 -10.95
CA GLN B 54 -14.05 -33.31 -10.61
C GLN B 54 -13.65 -32.34 -11.71
N GLU B 55 -12.53 -32.60 -12.38
CA GLU B 55 -12.09 -31.75 -13.50
C GLU B 55 -12.91 -31.98 -14.76
N GLU B 56 -13.30 -33.23 -15.03
CA GLU B 56 -14.26 -33.47 -16.11
C GLU B 56 -15.55 -32.70 -15.88
N ALA B 57 -16.03 -32.67 -14.63
CA ALA B 57 -17.25 -31.93 -14.32
C ALA B 57 -17.04 -30.44 -14.47
N ALA B 58 -15.84 -29.94 -14.16
CA ALA B 58 -15.58 -28.51 -14.28
C ALA B 58 -15.54 -28.09 -15.74
N LEU B 59 -14.91 -28.89 -16.59
CA LEU B 59 -14.92 -28.61 -18.03
C LEU B 59 -16.35 -28.55 -18.56
N LEU B 60 -17.19 -29.51 -18.16
CA LEU B 60 -18.58 -29.49 -18.60
C LEU B 60 -19.29 -28.23 -18.13
N SER B 61 -19.00 -27.79 -16.90
CA SER B 61 -19.62 -26.56 -16.40
C SER B 61 -19.22 -25.37 -17.26
N GLN B 62 -17.95 -25.28 -17.61
CA GLN B 62 -17.47 -24.17 -18.44
C GLN B 62 -18.07 -24.23 -19.85
N GLU B 63 -18.26 -25.42 -20.39
CA GLU B 63 -18.97 -25.53 -21.67
C GLU B 63 -20.39 -24.97 -21.56
N PHE B 64 -21.09 -25.30 -20.48
CA PHE B 64 -22.44 -24.78 -20.26
C PHE B 64 -22.44 -23.25 -20.13
N ALA B 65 -21.56 -22.70 -19.29
CA ALA B 65 -21.54 -21.26 -19.09
C ALA B 65 -21.18 -20.53 -20.37
N GLU B 66 -20.23 -21.07 -21.14
CA GLU B 66 -19.90 -20.51 -22.44
C GLU B 66 -21.17 -20.41 -23.29
N ALA B 67 -21.76 -21.55 -23.62
CA ALA B 67 -22.93 -21.57 -24.50
C ALA B 67 -24.00 -20.58 -24.05
N TRP B 68 -24.32 -20.55 -22.75
CA TRP B 68 -25.41 -19.69 -22.30
C TRP B 68 -24.99 -18.23 -22.17
N GLY B 69 -23.73 -17.97 -21.84
CA GLY B 69 -23.25 -16.60 -21.81
C GLY B 69 -23.15 -15.99 -23.19
N GLN B 70 -22.61 -16.74 -24.15
CA GLN B 70 -22.52 -16.23 -25.51
C GLN B 70 -23.89 -15.96 -26.11
N LYS B 71 -24.84 -16.88 -25.87
CA LYS B 71 -26.21 -16.62 -26.29
C LYS B 71 -26.76 -15.37 -25.61
N ALA B 72 -26.46 -15.19 -24.32
CA ALA B 72 -27.05 -14.08 -23.58
C ALA B 72 -26.61 -12.74 -24.15
N LYS B 73 -25.32 -12.58 -24.43
CA LYS B 73 -24.86 -11.35 -25.05
C LYS B 73 -25.39 -11.23 -26.48
N GLU B 74 -25.40 -12.34 -27.21
CA GLU B 74 -25.96 -12.35 -28.56
C GLU B 74 -27.38 -11.76 -28.57
N LEU B 75 -28.21 -12.16 -27.62
CA LEU B 75 -29.60 -11.71 -27.61
C LEU B 75 -29.77 -10.36 -26.92
N TYR B 76 -29.20 -10.19 -25.73
CA TYR B 76 -29.59 -9.11 -24.83
C TYR B 76 -28.47 -8.16 -24.44
N GLU B 77 -27.25 -8.36 -24.91
CA GLU B 77 -26.13 -7.54 -24.44
C GLU B 77 -26.42 -6.04 -24.48
N PRO B 78 -27.14 -5.49 -25.46
CA PRO B 78 -27.37 -4.04 -25.48
C PRO B 78 -28.65 -3.56 -24.81
N ILE B 79 -29.54 -4.46 -24.38
CA ILE B 79 -30.85 -4.05 -23.90
C ILE B 79 -31.14 -4.48 -22.46
N TRP B 80 -30.42 -5.45 -21.90
CA TRP B 80 -30.85 -6.02 -20.63
C TRP B 80 -30.71 -5.03 -19.47
N GLN B 81 -29.76 -4.10 -19.55
CA GLN B 81 -29.63 -3.08 -18.52
C GLN B 81 -30.86 -2.19 -18.43
N GLN B 82 -31.74 -2.24 -19.41
CA GLN B 82 -32.92 -1.37 -19.47
C GLN B 82 -34.20 -2.11 -19.14
N PHE B 83 -34.13 -3.40 -18.83
CA PHE B 83 -35.32 -4.13 -18.39
C PHE B 83 -35.93 -3.46 -17.16
N THR B 84 -37.26 -3.50 -17.09
CA THR B 84 -37.94 -2.97 -15.91
C THR B 84 -37.81 -3.91 -14.72
N ASP B 85 -37.98 -5.21 -14.95
CA ASP B 85 -37.80 -6.24 -13.93
C ASP B 85 -36.40 -6.17 -13.35
N PRO B 86 -36.25 -5.80 -12.06
CA PRO B 86 -34.91 -5.75 -11.48
C PRO B 86 -34.33 -7.13 -11.21
N GLN B 87 -35.16 -8.11 -10.84
CA GLN B 87 -34.66 -9.46 -10.63
C GLN B 87 -34.09 -10.04 -11.93
N LEU B 88 -34.78 -9.82 -13.04
CA LEU B 88 -34.29 -10.33 -14.32
C LEU B 88 -32.97 -9.67 -14.70
N ARG B 89 -32.84 -8.36 -14.47
CA ARG B 89 -31.56 -7.69 -14.70
C ARG B 89 -30.44 -8.39 -13.93
N ARG B 90 -30.68 -8.72 -12.66
CA ARG B 90 -29.70 -9.45 -11.88
C ARG B 90 -29.28 -10.72 -12.58
N ILE B 91 -30.26 -11.55 -12.99
CA ILE B 91 -29.95 -12.86 -13.55
C ILE B 91 -29.13 -12.72 -14.83
N ILE B 92 -29.53 -11.80 -15.71
CA ILE B 92 -28.93 -11.75 -17.04
C ILE B 92 -27.47 -11.30 -16.95
N GLY B 93 -27.22 -10.21 -16.23
CA GLY B 93 -25.84 -9.77 -16.06
C GLY B 93 -24.94 -10.87 -15.52
N ALA B 94 -25.47 -11.69 -14.61
CA ALA B 94 -24.70 -12.82 -14.10
C ALA B 94 -24.40 -13.81 -15.21
N VAL B 95 -25.44 -14.25 -15.93
CA VAL B 95 -25.24 -15.25 -16.98
C VAL B 95 -24.22 -14.76 -18.00
N ARG B 96 -24.22 -13.45 -18.28
CA ARG B 96 -23.30 -12.83 -19.22
C ARG B 96 -21.85 -12.84 -18.74
N THR B 97 -21.60 -13.21 -17.48
CA THR B 97 -20.25 -13.26 -16.92
C THR B 97 -19.76 -14.71 -16.97
N LEU B 98 -18.75 -14.96 -17.80
CA LEU B 98 -18.33 -16.33 -18.10
C LEU B 98 -17.22 -16.85 -17.22
N GLY B 99 -16.44 -15.97 -16.60
CA GLY B 99 -15.36 -16.44 -15.74
C GLY B 99 -14.38 -17.30 -16.48
N SER B 100 -13.98 -18.40 -15.85
CA SER B 100 -13.02 -19.31 -16.46
C SER B 100 -13.51 -19.90 -17.78
N ALA B 101 -14.79 -19.70 -18.12
CA ALA B 101 -15.28 -20.14 -19.43
C ALA B 101 -14.75 -19.26 -20.56
N ASN B 102 -14.30 -18.04 -20.25
CA ASN B 102 -13.65 -17.21 -21.24
C ASN B 102 -12.32 -17.79 -21.69
N LEU B 103 -11.77 -18.75 -20.95
CA LEU B 103 -10.49 -19.32 -21.31
C LEU B 103 -10.64 -20.25 -22.50
N PRO B 104 -9.61 -20.36 -23.34
CA PRO B 104 -9.59 -21.44 -24.33
C PRO B 104 -9.52 -22.79 -23.62
N LEU B 105 -9.78 -23.86 -24.37
CA LEU B 105 -9.94 -25.17 -23.75
C LEU B 105 -8.68 -25.60 -23.01
N ALA B 106 -7.51 -25.44 -23.62
CA ALA B 106 -6.29 -25.92 -22.98
C ALA B 106 -5.99 -25.15 -21.70
N LYS B 107 -6.35 -23.86 -21.65
CA LYS B 107 -6.18 -23.11 -20.42
C LYS B 107 -7.21 -23.52 -19.37
N ARG B 108 -8.43 -23.87 -19.81
CA ARG B 108 -9.43 -24.39 -18.89
C ARG B 108 -8.91 -25.62 -18.17
N GLN B 109 -8.33 -26.55 -18.93
CA GLN B 109 -7.73 -27.75 -18.35
C GLN B 109 -6.69 -27.37 -17.30
N GLN B 110 -5.80 -26.45 -17.65
CA GLN B 110 -4.72 -26.07 -16.74
C GLN B 110 -5.25 -25.45 -15.46
N TYR B 111 -6.25 -24.56 -15.58
CA TYR B 111 -6.84 -23.90 -14.42
C TYR B 111 -7.53 -24.89 -13.51
N ASN B 112 -8.42 -25.72 -14.09
CA ASN B 112 -9.09 -26.76 -13.32
C ASN B 112 -8.07 -27.65 -12.61
N ALA B 113 -6.93 -27.92 -13.26
CA ALA B 113 -5.94 -28.82 -12.69
C ALA B 113 -5.16 -28.17 -11.55
N LEU B 114 -4.90 -26.86 -11.62
CA LEU B 114 -4.19 -26.22 -10.53
C LEU B 114 -5.02 -26.22 -9.25
N LEU B 115 -6.33 -26.01 -9.37
CA LEU B 115 -7.19 -26.06 -8.19
C LEU B 115 -7.12 -27.42 -7.51
N SER B 116 -7.17 -28.50 -8.29
CA SER B 116 -7.09 -29.83 -7.70
C SER B 116 -5.77 -30.03 -6.97
N GLN B 117 -4.67 -29.57 -7.55
CA GLN B 117 -3.35 -29.82 -6.97
C GLN B 117 -3.08 -28.93 -5.75
N MET B 118 -3.52 -27.67 -5.79
CA MET B 118 -3.39 -26.82 -4.62
C MET B 118 -4.22 -27.36 -3.46
N SER B 119 -5.41 -27.86 -3.75
CA SER B 119 -6.24 -28.45 -2.70
C SER B 119 -5.57 -29.68 -2.09
N ARG B 120 -5.07 -30.57 -2.93
CA ARG B 120 -4.40 -31.77 -2.42
C ARG B 120 -3.22 -31.40 -1.53
N ILE B 121 -2.40 -30.46 -1.99
CA ILE B 121 -1.18 -30.10 -1.26
C ILE B 121 -1.53 -29.56 0.12
N TYR B 122 -2.52 -28.68 0.20
CA TYR B 122 -2.86 -28.10 1.50
C TYR B 122 -3.39 -29.15 2.46
N SER B 123 -4.30 -30.01 2.00
CA SER B 123 -5.02 -30.90 2.90
C SER B 123 -4.30 -32.21 3.19
N THR B 124 -3.23 -32.52 2.45
CA THR B 124 -2.41 -33.70 2.73
C THR B 124 -1.06 -33.36 3.34
N ALA B 125 -0.72 -32.08 3.47
CA ALA B 125 0.56 -31.71 4.05
C ALA B 125 0.65 -32.19 5.49
N LYS B 126 1.83 -32.67 5.87
CA LYS B 126 2.06 -33.20 7.21
C LYS B 126 3.34 -32.60 7.76
N VAL B 127 3.45 -32.63 9.09
CA VAL B 127 4.67 -32.24 9.78
C VAL B 127 5.23 -33.48 10.46
N CYS B 128 6.43 -33.89 10.03
CA CYS B 128 7.07 -35.09 10.55
C CYS B 128 8.16 -34.69 11.53
N LEU B 129 8.33 -35.52 12.57
CA LEU B 129 9.26 -35.20 13.65
C LEU B 129 10.62 -35.84 13.41
N PRO B 130 11.61 -35.61 14.30
CA PRO B 130 12.87 -36.35 14.29
C PRO B 130 13.00 -37.33 15.46
N THR B 135 6.64 -40.94 12.59
CA THR B 135 5.33 -40.36 12.87
C THR B 135 5.21 -38.97 12.25
N CYS B 136 4.01 -38.61 11.81
CA CYS B 136 3.80 -37.31 11.16
C CYS B 136 2.47 -36.72 11.59
N TRP B 137 2.48 -35.43 11.92
CA TRP B 137 1.31 -34.73 12.42
C TRP B 137 0.56 -34.06 11.28
N SER B 138 -0.76 -34.14 11.33
CA SER B 138 -1.62 -33.40 10.41
C SER B 138 -2.14 -32.13 11.07
N LEU B 139 -2.58 -31.20 10.24
CA LEU B 139 -3.10 -29.93 10.75
C LEU B 139 -4.31 -30.16 11.65
N ASP B 140 -5.23 -30.98 11.21
CA ASP B 140 -6.47 -31.26 11.95
C ASP B 140 -6.51 -32.75 12.20
N PRO B 141 -6.44 -33.21 13.45
CA PRO B 141 -6.47 -32.47 14.71
C PRO B 141 -5.11 -32.14 15.34
N ASP B 142 -4.01 -32.73 14.85
CA ASP B 142 -2.77 -32.74 15.63
C ASP B 142 -2.23 -31.34 15.87
N LEU B 143 -1.90 -30.61 14.80
CA LEU B 143 -1.32 -29.29 14.96
C LEU B 143 -2.34 -28.29 15.54
N THR B 144 -3.61 -28.40 15.14
CA THR B 144 -4.65 -27.60 15.75
C THR B 144 -4.64 -27.76 17.27
N ASN B 145 -4.54 -29.01 17.74
CA ASN B 145 -4.57 -29.24 19.18
C ASN B 145 -3.31 -28.71 19.86
N ILE B 146 -2.15 -28.85 19.22
CA ILE B 146 -0.91 -28.30 19.80
C ILE B 146 -1.02 -26.79 19.93
N LEU B 147 -1.39 -26.10 18.84
CA LEU B 147 -1.50 -24.65 18.89
C LEU B 147 -2.49 -24.20 19.96
N ALA B 148 -3.55 -25.00 20.21
CA ALA B 148 -4.59 -24.56 21.13
C ALA B 148 -4.21 -24.77 22.59
N SER B 149 -3.43 -25.80 22.90
N SER B 149 -3.40 -25.79 22.90
CA SER B 149 -3.23 -26.24 24.26
CA SER B 149 -3.23 -26.20 24.28
C SER B 149 -1.79 -26.15 24.75
C SER B 149 -1.80 -26.40 24.75
N SER B 150 -0.81 -26.32 23.87
CA SER B 150 0.58 -26.32 24.31
C SER B 150 0.94 -24.92 24.79
N ARG B 151 1.61 -24.83 25.94
CA ARG B 151 2.22 -23.60 26.41
C ARG B 151 3.73 -23.70 26.43
N SER B 152 4.28 -24.62 25.64
CA SER B 152 5.72 -24.71 25.43
C SER B 152 6.09 -23.88 24.20
N TYR B 153 6.90 -22.83 24.41
CA TYR B 153 7.30 -21.99 23.30
C TYR B 153 7.90 -22.80 22.16
N ALA B 154 8.78 -23.75 22.48
CA ALA B 154 9.51 -24.46 21.45
C ALA B 154 8.60 -25.44 20.71
N MET B 155 7.68 -26.10 21.42
CA MET B 155 6.73 -26.99 20.76
C MET B 155 5.80 -26.20 19.84
N LEU B 156 5.32 -25.06 20.32
CA LEU B 156 4.46 -24.21 19.48
C LEU B 156 5.21 -23.72 18.25
N LEU B 157 6.50 -23.40 18.42
CA LEU B 157 7.31 -22.95 17.28
C LEU B 157 7.46 -24.07 16.26
N PHE B 158 7.84 -25.25 16.72
CA PHE B 158 8.01 -26.39 15.82
C PHE B 158 6.76 -26.62 15.00
N ALA B 159 5.59 -26.54 15.64
CA ALA B 159 4.34 -26.78 14.92
C ALA B 159 4.04 -25.64 13.96
N TRP B 160 4.27 -24.40 14.38
CA TRP B 160 4.00 -23.25 13.51
C TRP B 160 4.93 -23.25 12.29
N GLU B 161 6.25 -23.40 12.52
CA GLU B 161 7.19 -23.41 11.42
C GLU B 161 6.99 -24.63 10.54
N GLY B 162 6.82 -25.80 11.16
CA GLY B 162 6.60 -27.01 10.39
C GLY B 162 5.42 -26.90 9.45
N TRP B 163 4.31 -26.36 9.93
CA TRP B 163 3.12 -26.27 9.10
C TRP B 163 3.32 -25.27 7.97
N HIS B 164 3.80 -24.07 8.30
CA HIS B 164 3.91 -23.04 7.29
C HIS B 164 4.89 -23.44 6.19
N ASN B 165 5.97 -24.11 6.56
CA ASN B 165 6.93 -24.59 5.56
C ASN B 165 6.31 -25.71 4.71
N ALA B 166 5.65 -26.67 5.35
CA ALA B 166 5.19 -27.87 4.65
C ALA B 166 4.10 -27.53 3.64
N ALA B 167 3.20 -26.61 3.99
CA ALA B 167 2.11 -26.25 3.10
C ALA B 167 2.49 -25.12 2.15
N GLY B 168 3.13 -24.07 2.67
CA GLY B 168 3.34 -22.87 1.88
C GLY B 168 4.32 -23.04 0.74
N ILE B 169 5.50 -23.59 1.05
CA ILE B 169 6.59 -23.61 0.05
C ILE B 169 6.17 -24.31 -1.24
N PRO B 170 5.64 -25.54 -1.21
CA PRO B 170 5.27 -26.21 -2.48
C PRO B 170 4.10 -25.57 -3.21
N LEU B 171 3.30 -24.74 -2.53
CA LEU B 171 2.15 -24.13 -3.19
C LEU B 171 2.54 -22.94 -4.05
N LYS B 172 3.65 -22.27 -3.76
CA LYS B 172 3.90 -20.97 -4.38
C LYS B 172 3.98 -21.05 -5.91
N PRO B 173 4.73 -21.96 -6.53
CA PRO B 173 4.75 -21.99 -8.01
C PRO B 173 3.36 -22.19 -8.60
N LEU B 174 2.53 -23.01 -7.96
CA LEU B 174 1.18 -23.23 -8.46
C LEU B 174 0.30 -22.00 -8.30
N TYR B 175 0.41 -21.31 -7.16
CA TYR B 175 -0.46 -20.15 -6.95
C TYR B 175 -0.15 -19.05 -7.97
N GLU B 176 1.12 -18.91 -8.38
CA GLU B 176 1.45 -17.93 -9.40
C GLU B 176 0.74 -18.25 -10.71
N ASP B 177 0.79 -19.52 -11.14
CA ASP B 177 0.12 -19.90 -12.38
C ASP B 177 -1.39 -19.70 -12.27
N PHE B 178 -1.97 -20.07 -11.12
CA PHE B 178 -3.40 -19.88 -10.94
C PHE B 178 -3.78 -18.42 -11.09
N THR B 179 -3.04 -17.54 -10.40
CA THR B 179 -3.34 -16.11 -10.45
C THR B 179 -3.37 -15.59 -11.87
N ALA B 180 -2.38 -15.97 -12.67
CA ALA B 180 -2.30 -15.47 -14.04
C ALA B 180 -3.49 -15.97 -14.86
N LEU B 181 -3.84 -17.26 -14.73
CA LEU B 181 -4.96 -17.80 -15.49
C LEU B 181 -6.29 -17.21 -15.04
N SER B 182 -6.46 -17.01 -13.74
CA SER B 182 -7.70 -16.41 -13.24
C SER B 182 -7.88 -15.00 -13.78
N ASN B 183 -6.80 -14.21 -13.78
CA ASN B 183 -6.91 -12.83 -14.27
C ASN B 183 -7.23 -12.79 -15.76
N GLU B 184 -6.62 -13.68 -16.54
CA GLU B 184 -6.90 -13.75 -17.97
C GLU B 184 -8.37 -14.02 -18.24
N ALA B 185 -8.98 -14.91 -17.45
CA ALA B 185 -10.38 -15.28 -17.65
C ALA B 185 -11.29 -14.09 -17.43
N TYR B 186 -11.17 -13.42 -16.28
CA TYR B 186 -12.14 -12.39 -15.92
C TYR B 186 -11.91 -11.06 -16.61
N LYS B 187 -10.67 -10.79 -17.08
CA LYS B 187 -10.49 -9.61 -17.93
C LYS B 187 -11.40 -9.65 -19.14
N GLN B 188 -11.70 -10.85 -19.65
CA GLN B 188 -12.58 -10.98 -20.80
C GLN B 188 -14.02 -10.61 -20.46
N ASP B 189 -14.37 -10.57 -19.17
CA ASP B 189 -15.69 -10.10 -18.75
C ASP B 189 -15.71 -8.59 -18.46
N GLY B 190 -14.59 -7.91 -18.60
CA GLY B 190 -14.52 -6.49 -18.37
C GLY B 190 -14.00 -6.07 -17.02
N PHE B 191 -13.55 -7.00 -16.20
CA PHE B 191 -12.98 -6.69 -14.90
C PHE B 191 -11.48 -6.47 -15.05
N THR B 192 -10.98 -5.40 -14.40
CA THR B 192 -9.54 -5.15 -14.43
C THR B 192 -8.76 -6.35 -13.93
N ASP B 193 -9.31 -7.09 -12.96
CA ASP B 193 -8.66 -8.29 -12.46
C ASP B 193 -9.67 -9.10 -11.65
N THR B 194 -9.27 -10.31 -11.28
CA THR B 194 -10.15 -11.20 -10.53
C THR B 194 -10.64 -10.54 -9.25
N GLY B 195 -9.78 -9.79 -8.56
CA GLY B 195 -10.20 -9.14 -7.33
C GLY B 195 -11.39 -8.22 -7.55
N ALA B 196 -11.37 -7.47 -8.65
CA ALA B 196 -12.47 -6.57 -8.98
C ALA B 196 -13.76 -7.32 -9.19
N TYR B 197 -13.69 -8.52 -9.74
CA TYR B 197 -14.89 -9.35 -9.88
C TYR B 197 -15.42 -9.77 -8.51
N TRP B 198 -14.53 -10.29 -7.67
CA TRP B 198 -14.92 -10.67 -6.30
C TRP B 198 -15.61 -9.52 -5.60
N ARG B 199 -15.02 -8.32 -5.67
CA ARG B 199 -15.61 -7.17 -4.99
C ARG B 199 -16.95 -6.78 -5.61
N SER B 200 -17.14 -7.02 -6.89
CA SER B 200 -18.39 -6.63 -7.53
C SER B 200 -19.60 -7.31 -6.89
N TRP B 201 -19.39 -8.46 -6.23
CA TRP B 201 -20.51 -9.15 -5.60
C TRP B 201 -21.25 -8.27 -4.61
N TYR B 202 -20.58 -7.26 -4.05
CA TYR B 202 -21.20 -6.42 -3.02
C TYR B 202 -21.94 -5.22 -3.58
N ASN B 203 -21.93 -5.03 -4.89
CA ASN B 203 -22.74 -4.00 -5.56
C ASN B 203 -22.68 -2.69 -4.81
N SER B 204 -21.48 -2.21 -4.57
CA SER B 204 -21.27 -0.98 -3.84
C SER B 204 -20.12 -0.22 -4.47
N PRO B 205 -20.34 1.02 -4.94
CA PRO B 205 -19.21 1.77 -5.51
C PRO B 205 -18.14 2.09 -4.49
N THR B 206 -18.49 2.20 -3.21
CA THR B 206 -17.55 2.61 -2.17
C THR B 206 -17.18 1.46 -1.23
N PHE B 207 -17.19 0.23 -1.74
CA PHE B 207 -16.94 -0.94 -0.90
C PHE B 207 -15.65 -0.78 -0.09
N GLU B 208 -14.53 -0.53 -0.75
CA GLU B 208 -13.25 -0.53 -0.04
C GLU B 208 -13.15 0.62 0.95
N ASP B 209 -13.62 1.80 0.57
CA ASP B 209 -13.66 2.92 1.51
C ASP B 209 -14.57 2.62 2.70
N ASP B 210 -15.73 2.01 2.45
CA ASP B 210 -16.64 1.69 3.54
C ASP B 210 -16.03 0.68 4.50
N LEU B 211 -15.32 -0.32 3.94
CA LEU B 211 -14.61 -1.26 4.80
C LEU B 211 -13.57 -0.56 5.65
N GLU B 212 -12.82 0.37 5.05
CA GLU B 212 -11.78 1.06 5.80
C GLU B 212 -12.37 1.92 6.91
N HIS B 213 -13.53 2.52 6.66
CA HIS B 213 -14.21 3.31 7.69
C HIS B 213 -14.69 2.42 8.83
N LEU B 214 -15.27 1.27 8.50
CA LEU B 214 -15.62 0.30 9.54
C LEU B 214 -14.39 -0.05 10.38
N TYR B 215 -13.29 -0.40 9.73
CA TYR B 215 -12.12 -0.83 10.50
C TYR B 215 -11.59 0.29 11.40
N GLN B 216 -11.70 1.55 10.96
CA GLN B 216 -11.22 2.65 11.79
C GLN B 216 -11.98 2.72 13.13
N GLN B 217 -13.27 2.39 13.12
CA GLN B 217 -14.04 2.41 14.36
C GLN B 217 -13.73 1.21 15.24
N LEU B 218 -13.34 0.09 14.65
CA LEU B 218 -13.05 -1.13 15.36
C LEU B 218 -11.62 -1.20 15.89
N GLU B 219 -10.67 -0.49 15.28
CA GLU B 219 -9.27 -0.70 15.61
C GLU B 219 -8.92 -0.37 17.06
N PRO B 220 -9.46 0.68 17.69
CA PRO B 220 -9.15 0.91 19.12
C PRO B 220 -9.47 -0.29 19.98
N LEU B 221 -10.57 -1.00 19.69
CA LEU B 221 -10.93 -2.19 20.45
C LEU B 221 -9.87 -3.27 20.31
N TYR B 222 -9.41 -3.51 19.08
CA TYR B 222 -8.38 -4.51 18.86
C TYR B 222 -7.07 -4.13 19.54
N LEU B 223 -6.69 -2.85 19.46
CA LEU B 223 -5.41 -2.43 20.04
C LEU B 223 -5.40 -2.64 21.55
N ASN B 224 -6.53 -2.37 22.22
CA ASN B 224 -6.56 -2.59 23.67
C ASN B 224 -6.57 -4.08 23.99
N LEU B 225 -7.34 -4.87 23.24
CA LEU B 225 -7.32 -6.31 23.47
C LEU B 225 -5.91 -6.85 23.28
N HIS B 226 -5.26 -6.43 22.19
CA HIS B 226 -3.90 -6.84 21.88
C HIS B 226 -2.94 -6.54 23.03
N ALA B 227 -2.95 -5.32 23.52
CA ALA B 227 -1.98 -4.94 24.55
C ALA B 227 -2.24 -5.72 25.84
N PHE B 228 -3.51 -5.93 26.19
CA PHE B 228 -3.85 -6.72 27.38
C PHE B 228 -3.33 -8.15 27.26
N VAL B 229 -3.56 -8.78 26.09
CA VAL B 229 -3.12 -10.14 25.87
C VAL B 229 -1.60 -10.23 25.82
N ARG B 230 -0.95 -9.25 25.18
CA ARG B 230 0.51 -9.23 25.16
C ARG B 230 1.09 -9.20 26.57
N ARG B 231 0.45 -8.48 27.48
CA ARG B 231 0.96 -8.43 28.86
C ARG B 231 0.88 -9.80 29.51
N ALA B 232 -0.20 -10.54 29.25
CA ALA B 232 -0.34 -11.88 29.82
C ALA B 232 0.69 -12.84 29.24
N LEU B 233 0.98 -12.73 27.94
CA LEU B 233 2.01 -13.56 27.34
C LEU B 233 3.39 -13.22 27.91
N HIS B 234 3.65 -11.95 28.20
CA HIS B 234 4.94 -11.56 28.75
C HIS B 234 5.20 -12.25 30.08
N ARG B 235 4.18 -12.34 30.93
CA ARG B 235 4.35 -13.00 32.22
C ARG B 235 4.68 -14.48 32.04
N ARG B 236 4.09 -15.12 31.03
CA ARG B 236 4.25 -16.57 30.87
C ARG B 236 5.60 -16.91 30.23
N TYR B 237 6.03 -16.15 29.22
CA TYR B 237 7.18 -16.53 28.42
C TYR B 237 8.43 -15.69 28.66
N GLY B 238 8.30 -14.50 29.24
CA GLY B 238 9.45 -13.71 29.62
C GLY B 238 9.76 -12.59 28.65
N ASP B 239 10.65 -11.71 29.10
CA ASP B 239 11.13 -10.60 28.29
C ASP B 239 11.94 -11.07 27.09
N ARG B 240 12.45 -12.30 27.14
CA ARG B 240 13.21 -12.84 26.02
C ARG B 240 12.32 -13.02 24.79
N TYR B 241 11.07 -13.44 24.99
CA TYR B 241 10.21 -13.85 23.91
C TYR B 241 9.06 -12.89 23.63
N ILE B 242 8.84 -11.90 24.48
CA ILE B 242 7.73 -10.97 24.34
C ILE B 242 8.27 -9.56 24.54
N ASN B 243 7.97 -8.69 23.58
CA ASN B 243 8.35 -7.29 23.60
C ASN B 243 7.08 -6.49 23.87
N LEU B 244 7.01 -5.86 25.04
CA LEU B 244 5.83 -5.11 25.44
C LEU B 244 5.56 -3.91 24.54
N ARG B 245 6.49 -3.57 23.64
CA ARG B 245 6.30 -2.49 22.68
C ARG B 245 6.43 -2.98 21.25
N GLY B 246 6.41 -4.29 21.03
CA GLY B 246 6.54 -4.84 19.70
C GLY B 246 5.44 -5.85 19.38
N PRO B 247 5.49 -6.41 18.17
CA PRO B 247 4.46 -7.37 17.78
C PRO B 247 4.54 -8.67 18.57
N ILE B 248 3.40 -9.33 18.68
CA ILE B 248 3.32 -10.62 19.38
C ILE B 248 3.81 -11.71 18.44
N PRO B 249 4.71 -12.60 18.89
CA PRO B 249 5.06 -13.76 18.06
C PRO B 249 3.83 -14.54 17.65
N ALA B 250 3.77 -14.91 16.35
CA ALA B 250 2.52 -15.33 15.70
C ALA B 250 2.02 -16.70 16.11
N HIS B 251 2.78 -17.46 16.90
CA HIS B 251 2.43 -18.83 17.26
C HIS B 251 1.87 -18.96 18.67
N LEU B 252 1.66 -17.85 19.38
CA LEU B 252 1.40 -17.87 20.81
C LEU B 252 -0.06 -17.58 21.18
N LEU B 253 -0.93 -17.42 20.19
CA LEU B 253 -2.29 -16.93 20.41
C LEU B 253 -3.35 -18.01 20.33
N GLY B 254 -2.97 -19.28 20.32
CA GLY B 254 -3.88 -20.39 20.44
C GLY B 254 -4.39 -20.94 19.12
N ASP B 255 -3.88 -20.45 18.01
CA ASP B 255 -4.44 -20.69 16.69
C ASP B 255 -3.32 -20.56 15.66
N MET B 256 -3.34 -21.41 14.64
CA MET B 256 -2.24 -21.48 13.69
C MET B 256 -2.05 -20.16 12.95
N TRP B 257 -3.13 -19.40 12.77
CA TRP B 257 -3.09 -18.13 12.04
C TRP B 257 -3.25 -16.95 12.97
N ALA B 258 -3.25 -17.18 14.28
CA ALA B 258 -3.49 -16.13 15.27
C ALA B 258 -4.80 -15.38 14.97
N GLN B 259 -5.75 -16.07 14.33
CA GLN B 259 -6.95 -15.40 13.84
C GLN B 259 -8.07 -15.32 14.86
N SER B 260 -8.09 -16.20 15.84
CA SER B 260 -8.96 -16.04 16.99
C SER B 260 -8.20 -16.57 18.18
N TRP B 261 -8.42 -15.93 19.33
CA TRP B 261 -7.57 -16.13 20.50
C TRP B 261 -8.27 -16.84 21.66
N GLU B 262 -9.44 -17.44 21.42
CA GLU B 262 -10.20 -18.00 22.54
C GLU B 262 -9.45 -19.11 23.26
N ASN B 263 -8.52 -19.78 22.59
CA ASN B 263 -7.84 -20.91 23.21
C ASN B 263 -6.77 -20.50 24.23
N ILE B 264 -6.43 -19.22 24.36
CA ILE B 264 -5.58 -18.78 25.47
C ILE B 264 -6.40 -18.03 26.52
N TYR B 265 -7.72 -18.15 26.45
CA TYR B 265 -8.58 -17.52 27.47
C TYR B 265 -8.14 -17.88 28.89
N ASP B 266 -7.76 -19.15 29.10
CA ASP B 266 -7.39 -19.55 30.46
C ASP B 266 -6.10 -18.87 30.93
N MET B 267 -5.29 -18.32 30.02
CA MET B 267 -4.11 -17.56 30.41
C MET B 267 -4.42 -16.09 30.69
N VAL B 268 -5.49 -15.55 30.12
CA VAL B 268 -5.80 -14.13 30.26
C VAL B 268 -7.08 -13.88 31.04
N VAL B 269 -7.83 -14.92 31.40
CA VAL B 269 -9.04 -14.77 32.20
C VAL B 269 -8.66 -14.04 33.47
N PRO B 270 -9.20 -12.83 33.72
CA PRO B 270 -8.77 -12.10 34.91
C PRO B 270 -9.25 -12.71 36.23
N PHE B 271 -10.40 -13.38 36.23
CA PHE B 271 -11.01 -13.90 37.45
C PHE B 271 -11.11 -15.41 37.37
N PRO B 272 -9.98 -16.11 37.42
CA PRO B 272 -10.00 -17.57 37.29
C PRO B 272 -10.74 -18.27 38.41
N ASP B 273 -11.06 -17.55 39.50
CA ASP B 273 -11.89 -18.11 40.56
C ASP B 273 -13.28 -18.48 40.03
N LYS B 274 -13.81 -17.69 39.10
CA LYS B 274 -15.18 -17.81 38.67
C LYS B 274 -15.40 -19.07 37.85
N PRO B 275 -16.66 -19.44 37.60
CA PRO B 275 -16.94 -20.59 36.74
C PRO B 275 -16.18 -20.50 35.43
N ASN B 276 -15.64 -21.64 35.00
CA ASN B 276 -14.92 -21.72 33.73
C ASN B 276 -15.93 -21.63 32.59
N LEU B 277 -15.91 -20.52 31.85
CA LEU B 277 -16.81 -20.31 30.73
C LEU B 277 -16.40 -21.09 29.49
N ASP B 278 -15.25 -21.75 29.49
CA ASP B 278 -14.89 -22.71 28.45
C ASP B 278 -15.43 -24.06 28.90
N VAL B 279 -16.55 -24.47 28.30
CA VAL B 279 -17.27 -25.65 28.76
C VAL B 279 -16.73 -26.91 28.11
N THR B 280 -15.58 -26.83 27.47
CA THR B 280 -15.04 -27.99 26.77
C THR B 280 -14.91 -29.19 27.71
N SER B 281 -14.30 -28.98 28.88
CA SER B 281 -14.09 -30.08 29.82
C SER B 281 -15.41 -30.70 30.25
N THR B 282 -16.46 -29.88 30.39
CA THR B 282 -17.78 -30.44 30.72
C THR B 282 -18.36 -31.22 29.55
N MET B 283 -18.20 -30.72 28.32
CA MET B 283 -18.66 -31.47 27.16
C MET B 283 -18.05 -32.87 27.13
N LEU B 284 -16.74 -32.97 27.38
CA LEU B 284 -16.09 -34.28 27.36
C LEU B 284 -16.52 -35.12 28.55
N GLN B 285 -16.55 -34.52 29.74
CA GLN B 285 -16.99 -35.25 30.94
C GLN B 285 -18.36 -35.88 30.73
N GLN B 286 -19.25 -35.19 30.01
CA GLN B 286 -20.60 -35.68 29.77
C GLN B 286 -20.71 -36.60 28.56
N GLY B 287 -19.65 -36.75 27.76
CA GLY B 287 -19.70 -37.69 26.66
C GLY B 287 -20.24 -37.15 25.36
N TRP B 288 -20.19 -35.83 25.16
CA TRP B 288 -20.62 -35.27 23.89
C TRP B 288 -19.82 -35.88 22.73
N GLN B 289 -20.51 -36.10 21.61
CA GLN B 289 -19.89 -36.51 20.37
C GLN B 289 -20.35 -35.57 19.25
N ALA B 290 -19.70 -35.70 18.08
CA ALA B 290 -20.04 -34.85 16.96
C ALA B 290 -21.54 -34.82 16.70
N THR B 291 -22.19 -35.98 16.73
CA THR B 291 -23.60 -36.03 16.35
C THR B 291 -24.47 -35.30 17.36
N HIS B 292 -24.12 -35.35 18.65
CA HIS B 292 -24.83 -34.57 19.65
C HIS B 292 -24.72 -33.08 19.37
N MET B 293 -23.53 -32.63 19.00
CA MET B 293 -23.31 -31.21 18.74
C MET B 293 -24.17 -30.73 17.59
N PHE B 294 -24.31 -31.54 16.55
CA PHE B 294 -25.14 -31.15 15.42
C PHE B 294 -26.64 -31.20 15.78
N ARG B 295 -27.05 -32.14 16.61
CA ARG B 295 -28.45 -32.21 17.03
C ARG B 295 -28.82 -31.04 17.93
N VAL B 296 -27.89 -30.60 18.78
CA VAL B 296 -28.17 -29.46 19.64
C VAL B 296 -28.29 -28.19 18.82
N ALA B 297 -27.40 -28.01 17.83
CA ALA B 297 -27.52 -26.87 16.94
C ALA B 297 -28.83 -26.89 16.18
N GLU B 298 -29.17 -28.05 15.60
CA GLU B 298 -30.44 -28.20 14.89
C GLU B 298 -31.62 -27.74 15.74
N GLU B 299 -31.67 -28.18 17.00
CA GLU B 299 -32.82 -27.88 17.84
C GLU B 299 -32.93 -26.37 18.11
N PHE B 300 -31.81 -25.64 18.11
CA PHE B 300 -31.90 -24.19 18.20
C PHE B 300 -32.64 -23.63 17.00
N PHE B 301 -32.28 -24.10 15.80
CA PHE B 301 -32.95 -23.64 14.58
C PHE B 301 -34.44 -23.95 14.62
N THR B 302 -34.80 -25.17 14.98
CA THR B 302 -36.22 -25.53 15.02
C THR B 302 -36.93 -24.84 16.17
N SER B 303 -36.21 -24.49 17.26
CA SER B 303 -36.84 -23.72 18.33
C SER B 303 -37.36 -22.39 17.79
N LEU B 304 -36.70 -21.84 16.78
CA LEU B 304 -37.13 -20.63 16.09
C LEU B 304 -38.18 -20.91 15.02
N GLU B 305 -38.63 -22.15 14.89
CA GLU B 305 -39.50 -22.59 13.80
C GLU B 305 -38.85 -22.42 12.44
N LEU B 306 -37.52 -22.60 12.37
CA LEU B 306 -36.85 -22.84 11.11
C LEU B 306 -36.82 -24.34 10.87
N SER B 307 -36.28 -24.76 9.73
CA SER B 307 -36.42 -26.15 9.33
C SER B 307 -35.42 -27.05 10.06
N PRO B 308 -35.78 -28.30 10.32
CA PRO B 308 -34.79 -29.29 10.74
C PRO B 308 -33.94 -29.74 9.56
N MET B 309 -32.85 -30.41 9.87
CA MET B 309 -32.02 -31.02 8.83
C MET B 309 -32.77 -32.20 8.21
N PRO B 310 -32.81 -32.33 6.89
CA PRO B 310 -33.58 -33.43 6.27
C PRO B 310 -32.84 -34.75 6.37
N PRO B 311 -33.52 -35.86 6.16
CA PRO B 311 -32.84 -37.17 6.21
C PRO B 311 -31.60 -37.24 5.33
N GLU B 312 -31.65 -36.62 4.15
CA GLU B 312 -30.50 -36.64 3.26
C GLU B 312 -29.26 -36.01 3.90
N PHE B 313 -29.45 -35.03 4.78
CA PHE B 313 -28.32 -34.42 5.48
C PHE B 313 -27.65 -35.41 6.43
N TRP B 314 -28.44 -36.10 7.25
CA TRP B 314 -27.85 -37.00 8.24
C TRP B 314 -27.22 -38.21 7.56
N GLU B 315 -27.85 -38.71 6.50
CA GLU B 315 -27.29 -39.89 5.83
C GLU B 315 -26.03 -39.56 5.05
N GLY B 316 -25.94 -38.37 4.47
CA GLY B 316 -24.85 -38.05 3.54
C GLY B 316 -23.70 -37.25 4.11
N SER B 317 -23.91 -36.57 5.22
CA SER B 317 -22.88 -35.68 5.74
C SER B 317 -21.69 -36.47 6.29
N MET B 318 -20.55 -35.80 6.35
CA MET B 318 -19.33 -36.33 6.98
C MET B 318 -19.07 -35.47 8.21
N LEU B 319 -19.47 -35.96 9.38
CA LEU B 319 -19.39 -35.18 10.61
C LEU B 319 -18.19 -35.52 11.49
N GLU B 320 -17.42 -36.55 11.12
CA GLU B 320 -16.19 -36.90 11.82
C GLU B 320 -15.11 -37.18 10.78
N LYS B 321 -13.85 -37.02 11.20
CA LYS B 321 -12.75 -37.40 10.32
C LYS B 321 -12.72 -38.92 10.17
N PRO B 322 -12.72 -39.44 8.94
CA PRO B 322 -12.72 -40.90 8.78
C PRO B 322 -11.45 -41.54 9.35
N ALA B 323 -11.64 -42.70 9.97
CA ALA B 323 -10.54 -43.42 10.61
C ALA B 323 -10.04 -44.59 9.75
N ASP B 324 -10.35 -44.59 8.45
CA ASP B 324 -9.99 -45.68 7.55
C ASP B 324 -8.78 -45.33 6.70
N GLY B 325 -7.79 -44.65 7.27
CA GLY B 325 -6.59 -44.30 6.52
C GLY B 325 -6.85 -43.45 5.30
N ARG B 326 -7.93 -42.69 5.29
CA ARG B 326 -8.34 -41.90 4.14
C ARG B 326 -7.91 -40.45 4.29
N GLU B 327 -7.74 -39.78 3.15
CA GLU B 327 -7.38 -38.37 3.12
C GLU B 327 -8.61 -37.55 2.78
N VAL B 328 -8.85 -36.49 3.56
CA VAL B 328 -10.01 -35.63 3.35
C VAL B 328 -9.58 -34.18 3.52
N VAL B 329 -10.38 -33.29 2.93
CA VAL B 329 -10.33 -31.87 3.24
C VAL B 329 -11.04 -31.70 4.57
N CYS B 330 -10.27 -31.46 5.63
CA CYS B 330 -10.88 -31.36 6.95
C CYS B 330 -11.48 -29.99 7.24
N HIS B 331 -11.14 -28.97 6.46
CA HIS B 331 -11.71 -27.66 6.72
C HIS B 331 -13.23 -27.72 6.63
N ALA B 332 -13.89 -27.22 7.65
CA ALA B 332 -15.35 -27.38 7.74
C ALA B 332 -16.06 -26.62 6.63
N SER B 333 -17.09 -27.24 6.04
CA SER B 333 -17.79 -26.61 4.94
C SER B 333 -19.19 -27.21 4.80
N ALA B 334 -20.07 -26.43 4.16
CA ALA B 334 -21.47 -26.79 3.97
C ALA B 334 -21.83 -26.74 2.50
N TRP B 335 -22.58 -27.73 2.05
CA TRP B 335 -22.72 -28.05 0.63
C TRP B 335 -24.17 -28.01 0.20
N ASP B 336 -24.43 -27.29 -0.89
CA ASP B 336 -25.72 -27.27 -1.59
C ASP B 336 -25.55 -27.95 -2.94
N PHE B 337 -26.36 -28.97 -3.20
CA PHE B 337 -26.25 -29.74 -4.43
C PHE B 337 -27.17 -29.24 -5.54
N TYR B 338 -27.88 -28.13 -5.32
CA TYR B 338 -28.76 -27.53 -6.31
C TYR B 338 -29.69 -28.58 -6.94
N ASN B 339 -30.26 -29.44 -6.10
CA ASN B 339 -31.33 -30.34 -6.50
C ASN B 339 -32.53 -30.25 -5.56
N ARG B 340 -32.56 -29.27 -4.65
CA ARG B 340 -33.64 -29.07 -3.69
C ARG B 340 -33.81 -30.24 -2.72
N LYS B 341 -32.85 -31.17 -2.68
CA LYS B 341 -32.97 -32.35 -1.85
C LYS B 341 -31.73 -32.56 -0.98
N ASP B 342 -30.55 -32.57 -1.60
CA ASP B 342 -29.32 -32.95 -0.92
C ASP B 342 -28.61 -31.71 -0.39
N PHE B 343 -28.36 -31.70 0.91
CA PHE B 343 -27.63 -30.64 1.61
C PHE B 343 -26.77 -31.35 2.66
N ARG B 344 -25.48 -31.01 2.73
CA ARG B 344 -24.57 -31.74 3.61
C ARG B 344 -23.52 -30.84 4.23
N ILE B 345 -22.98 -31.31 5.35
CA ILE B 345 -21.83 -30.69 6.00
C ILE B 345 -20.69 -31.70 5.99
N LYS B 346 -19.48 -31.19 5.73
CA LYS B 346 -18.22 -31.94 5.84
C LYS B 346 -17.38 -31.25 6.89
N GLN B 347 -17.21 -31.88 8.05
CA GLN B 347 -16.44 -31.30 9.15
C GLN B 347 -15.75 -32.42 9.91
N CYS B 348 -14.46 -32.23 10.18
CA CYS B 348 -13.69 -33.15 11.02
C CYS B 348 -13.89 -32.73 12.49
N THR B 349 -15.13 -32.90 12.93
CA THR B 349 -15.56 -32.29 14.18
C THR B 349 -14.81 -32.84 15.38
N ARG B 350 -14.40 -31.95 16.27
CA ARG B 350 -13.81 -32.27 17.55
C ARG B 350 -14.73 -31.77 18.66
N VAL B 351 -14.63 -32.41 19.83
CA VAL B 351 -15.54 -32.13 20.93
C VAL B 351 -14.91 -31.01 21.76
N THR B 352 -15.19 -29.77 21.35
CA THR B 352 -14.74 -28.59 22.04
C THR B 352 -15.80 -27.51 21.91
N MET B 353 -15.69 -26.49 22.75
CA MET B 353 -16.66 -25.38 22.68
C MET B 353 -16.53 -24.59 21.39
N ASP B 354 -15.30 -24.32 20.92
CA ASP B 354 -15.21 -23.53 19.68
C ASP B 354 -15.70 -24.33 18.49
N GLN B 355 -15.62 -25.67 18.55
CA GLN B 355 -16.16 -26.47 17.47
C GLN B 355 -17.68 -26.47 17.49
N LEU B 356 -18.29 -26.32 18.67
CA LEU B 356 -19.75 -26.19 18.74
C LEU B 356 -20.19 -24.92 18.00
N SER B 357 -19.45 -23.84 18.18
CA SER B 357 -19.70 -22.63 17.41
C SER B 357 -19.48 -22.86 15.91
N THR B 358 -18.44 -23.61 15.54
CA THR B 358 -18.22 -23.91 14.13
C THR B 358 -19.38 -24.74 13.57
N VAL B 359 -19.90 -25.68 14.37
CA VAL B 359 -21.06 -26.47 13.95
C VAL B 359 -22.25 -25.56 13.67
N HIS B 360 -22.48 -24.56 14.53
CA HIS B 360 -23.60 -23.65 14.28
C HIS B 360 -23.37 -22.83 13.03
N HIS B 361 -22.15 -22.35 12.86
CA HIS B 361 -21.80 -21.62 11.64
C HIS B 361 -22.13 -22.42 10.38
N GLU B 362 -21.73 -23.69 10.34
CA GLU B 362 -21.97 -24.51 9.15
C GLU B 362 -23.46 -24.77 8.97
N MET B 363 -24.18 -25.06 10.06
CA MET B 363 -25.61 -25.31 9.96
C MET B 363 -26.35 -24.05 9.52
N GLY B 364 -25.82 -22.87 9.86
CA GLY B 364 -26.34 -21.64 9.29
C GLY B 364 -26.41 -21.67 7.78
N HIS B 365 -25.34 -22.14 7.15
CA HIS B 365 -25.34 -22.28 5.69
C HIS B 365 -26.44 -23.19 5.23
N ILE B 366 -26.55 -24.37 5.86
CA ILE B 366 -27.56 -25.33 5.45
C ILE B 366 -28.95 -24.72 5.57
N GLN B 367 -29.22 -24.04 6.68
CA GLN B 367 -30.53 -23.42 6.85
C GLN B 367 -30.84 -22.48 5.69
N TYR B 368 -29.85 -21.64 5.33
CA TYR B 368 -29.99 -20.78 4.16
C TYR B 368 -30.39 -21.61 2.93
N TYR B 369 -29.60 -22.63 2.62
CA TYR B 369 -29.89 -23.49 1.46
C TYR B 369 -31.33 -23.97 1.50
N LEU B 370 -31.78 -24.43 2.67
CA LEU B 370 -33.12 -25.00 2.78
C LEU B 370 -34.20 -23.95 2.57
N GLN B 371 -33.97 -22.72 3.01
CA GLN B 371 -34.98 -21.69 2.94
C GLN B 371 -35.14 -21.10 1.55
N TYR B 372 -34.14 -21.24 0.66
CA TYR B 372 -34.28 -20.72 -0.70
C TYR B 372 -34.14 -21.79 -1.78
N LYS B 373 -34.29 -23.07 -1.42
CA LYS B 373 -34.05 -24.13 -2.39
C LYS B 373 -35.06 -24.07 -3.54
N ASP B 374 -36.25 -23.52 -3.31
CA ASP B 374 -37.25 -23.46 -4.37
C ASP B 374 -37.03 -22.27 -5.31
N LEU B 375 -36.25 -21.26 -4.88
CA LEU B 375 -35.94 -20.15 -5.77
C LEU B 375 -35.24 -20.66 -7.04
N PRO B 376 -35.26 -19.87 -8.11
CA PRO B 376 -34.47 -20.25 -9.29
C PRO B 376 -32.99 -20.03 -9.01
N VAL B 377 -32.18 -20.96 -9.52
CA VAL B 377 -30.78 -21.12 -9.12
C VAL B 377 -30.04 -19.82 -8.90
N SER B 378 -30.10 -18.91 -9.88
CA SER B 378 -29.24 -17.73 -9.83
C SER B 378 -29.46 -16.90 -8.57
N LEU B 379 -30.60 -17.07 -7.91
CA LEU B 379 -30.89 -16.36 -6.67
C LEU B 379 -30.56 -17.20 -5.43
N ARG B 380 -30.04 -18.42 -5.59
CA ARG B 380 -29.77 -19.31 -4.47
C ARG B 380 -28.41 -18.96 -3.90
N ARG B 381 -28.34 -17.78 -3.32
CA ARG B 381 -27.15 -17.28 -2.67
C ARG B 381 -27.59 -16.30 -1.60
N GLY B 382 -26.64 -15.91 -0.74
CA GLY B 382 -26.92 -14.87 0.20
C GLY B 382 -27.12 -13.53 -0.48
N ALA B 383 -27.84 -12.63 0.20
CA ALA B 383 -27.94 -11.26 -0.28
C ALA B 383 -26.57 -10.74 -0.70
N ASN B 384 -25.54 -11.07 0.07
CA ASN B 384 -24.15 -11.06 -0.38
C ASN B 384 -23.44 -12.15 0.38
N PRO B 385 -22.18 -12.45 0.03
CA PRO B 385 -21.50 -13.59 0.68
C PRO B 385 -21.36 -13.45 2.19
N GLY B 386 -21.25 -12.21 2.71
CA GLY B 386 -21.18 -12.04 4.15
C GLY B 386 -22.46 -12.42 4.88
N PHE B 387 -23.62 -12.25 4.23
CA PHE B 387 -24.87 -12.73 4.82
C PHE B 387 -24.79 -14.23 5.10
N HIS B 388 -24.30 -15.00 4.12
CA HIS B 388 -24.25 -16.44 4.28
C HIS B 388 -23.36 -16.84 5.44
N GLU B 389 -22.20 -16.18 5.59
CA GLU B 389 -21.30 -16.53 6.69
C GLU B 389 -21.81 -16.08 8.05
N ALA B 390 -22.80 -15.20 8.11
CA ALA B 390 -23.23 -14.63 9.37
C ALA B 390 -24.35 -15.39 10.06
N ILE B 391 -25.15 -16.16 9.32
CA ILE B 391 -26.41 -16.69 9.85
C ILE B 391 -26.15 -17.55 11.09
N GLY B 392 -25.29 -18.56 10.97
CA GLY B 392 -25.05 -19.44 12.09
C GLY B 392 -24.36 -18.75 13.25
N ASP B 393 -23.51 -17.77 12.95
CA ASP B 393 -22.79 -17.05 14.00
C ASP B 393 -23.75 -16.29 14.90
N VAL B 394 -24.83 -15.76 14.32
CA VAL B 394 -25.82 -15.05 15.11
C VAL B 394 -26.42 -15.98 16.14
N LEU B 395 -26.84 -17.18 15.73
CA LEU B 395 -27.40 -18.12 16.70
C LEU B 395 -26.36 -18.49 17.75
N ALA B 396 -25.10 -18.70 17.32
CA ALA B 396 -24.05 -19.08 18.26
C ALA B 396 -23.81 -17.99 19.31
N LEU B 397 -24.10 -16.73 18.98
CA LEU B 397 -24.00 -15.67 19.96
C LEU B 397 -24.95 -15.90 21.12
N SER B 398 -26.18 -16.38 20.83
CA SER B 398 -27.13 -16.70 21.89
C SER B 398 -26.71 -17.95 22.64
N VAL B 399 -26.19 -18.95 21.92
CA VAL B 399 -25.83 -20.23 22.54
C VAL B 399 -24.69 -20.04 23.55
N SER B 400 -23.76 -19.13 23.26
N SER B 400 -23.77 -19.10 23.27
CA SER B 400 -22.58 -18.97 24.11
CA SER B 400 -22.59 -18.93 24.09
C SER B 400 -22.85 -18.20 25.41
C SER B 400 -22.87 -18.24 25.41
N THR B 401 -24.01 -17.58 25.57
CA THR B 401 -24.28 -16.85 26.79
C THR B 401 -24.31 -17.82 27.97
N PRO B 402 -23.78 -17.43 29.13
CA PRO B 402 -23.83 -18.34 30.29
C PRO B 402 -25.23 -18.81 30.62
N GLU B 403 -26.23 -17.96 30.42
N GLU B 403 -26.23 -17.95 30.45
CA GLU B 403 -27.61 -18.36 30.70
CA GLU B 403 -27.61 -18.35 30.68
C GLU B 403 -28.05 -19.51 29.81
C GLU B 403 -27.99 -19.54 29.81
N HIS B 404 -27.70 -19.45 28.51
CA HIS B 404 -28.09 -20.53 27.62
C HIS B 404 -27.27 -21.78 27.89
N LEU B 405 -25.95 -21.62 28.09
CA LEU B 405 -25.13 -22.78 28.45
C LEU B 405 -25.71 -23.48 29.66
N HIS B 406 -26.24 -22.71 30.61
CA HIS B 406 -26.91 -23.31 31.76
C HIS B 406 -28.14 -24.11 31.34
N LYS B 407 -28.93 -23.57 30.40
CA LYS B 407 -30.15 -24.27 29.98
C LYS B 407 -29.82 -25.62 29.36
N ILE B 408 -28.72 -25.72 28.62
CA ILE B 408 -28.37 -26.97 27.94
C ILE B 408 -27.39 -27.81 28.75
N GLY B 409 -27.26 -27.52 30.04
CA GLY B 409 -26.56 -28.42 30.95
C GLY B 409 -25.05 -28.36 30.91
N LEU B 410 -24.47 -27.31 30.36
CA LEU B 410 -23.01 -27.18 30.21
C LEU B 410 -22.38 -26.23 31.22
N LEU B 411 -23.17 -25.58 32.08
CA LEU B 411 -22.62 -24.62 33.03
C LEU B 411 -23.52 -24.57 34.26
N ASP B 412 -22.95 -24.83 35.43
CA ASP B 412 -23.65 -24.56 36.67
C ASP B 412 -23.92 -23.07 36.78
N ARG B 413 -25.19 -22.72 37.02
CA ARG B 413 -25.65 -21.34 36.97
C ARG B 413 -24.65 -20.37 37.60
N VAL B 414 -24.28 -19.35 36.84
CA VAL B 414 -23.33 -18.35 37.29
C VAL B 414 -24.10 -17.15 37.82
N THR B 415 -23.40 -16.28 38.55
CA THR B 415 -24.01 -15.07 39.09
C THR B 415 -23.89 -13.93 38.10
N ASN B 416 -24.92 -13.09 38.06
CA ASN B 416 -24.98 -11.93 37.17
C ASN B 416 -24.31 -10.74 37.85
N ASP B 417 -23.01 -10.93 38.14
CA ASP B 417 -22.14 -9.93 38.73
C ASP B 417 -21.25 -9.31 37.66
N THR B 418 -20.36 -8.42 38.09
CA THR B 418 -19.50 -7.71 37.14
C THR B 418 -18.28 -8.53 36.73
N GLU B 419 -17.75 -9.35 37.65
CA GLU B 419 -16.60 -10.20 37.29
C GLU B 419 -17.00 -11.22 36.24
N SER B 420 -18.22 -11.76 36.31
CA SER B 420 -18.68 -12.74 35.33
C SER B 420 -19.03 -12.08 34.00
N ASP B 421 -19.56 -10.86 34.03
CA ASP B 421 -19.81 -10.12 32.79
C ASP B 421 -18.52 -9.83 32.06
N ILE B 422 -17.48 -9.40 32.79
CA ILE B 422 -16.20 -9.11 32.16
C ILE B 422 -15.56 -10.39 31.63
N ASN B 423 -15.54 -11.44 32.45
CA ASN B 423 -15.01 -12.72 31.99
C ASN B 423 -15.64 -13.13 30.66
N TYR B 424 -16.97 -12.99 30.55
CA TYR B 424 -17.66 -13.46 29.35
C TYR B 424 -17.32 -12.60 28.14
N LEU B 425 -17.42 -11.27 28.29
CA LEU B 425 -17.19 -10.40 27.14
C LEU B 425 -15.75 -10.45 26.68
N LEU B 426 -14.81 -10.70 27.59
CA LEU B 426 -13.43 -10.89 27.20
C LEU B 426 -13.28 -12.15 26.37
N LYS B 427 -13.87 -13.26 26.82
CA LYS B 427 -13.80 -14.49 26.04
C LYS B 427 -14.41 -14.28 24.66
N MET B 428 -15.52 -13.54 24.58
CA MET B 428 -16.10 -13.25 23.27
C MET B 428 -15.21 -12.33 22.46
N ALA B 429 -14.50 -11.40 23.12
CA ALA B 429 -13.57 -10.53 22.40
C ALA B 429 -12.43 -11.34 21.81
N LEU B 430 -11.94 -12.34 22.53
CA LEU B 430 -10.87 -13.19 22.02
C LEU B 430 -11.31 -13.91 20.74
N GLU B 431 -12.60 -14.17 20.62
CA GLU B 431 -13.13 -14.90 19.48
C GLU B 431 -13.52 -13.98 18.32
N LYS B 432 -14.03 -12.80 18.62
CA LYS B 432 -14.63 -11.92 17.62
C LYS B 432 -13.80 -10.70 17.31
N ILE B 433 -13.33 -9.97 18.33
N ILE B 433 -13.33 -9.97 18.33
CA ILE B 433 -12.54 -8.78 18.10
CA ILE B 433 -12.54 -8.77 18.07
C ILE B 433 -11.19 -9.14 17.52
C ILE B 433 -11.17 -9.13 17.52
N ALA B 434 -10.54 -10.17 18.08
CA ALA B 434 -9.21 -10.54 17.59
C ALA B 434 -9.23 -10.96 16.12
N PHE B 435 -10.37 -11.43 15.63
CA PHE B 435 -10.47 -11.87 14.25
C PHE B 435 -10.49 -10.69 13.29
N LEU B 436 -11.00 -9.55 13.71
CA LEU B 436 -11.28 -8.48 12.78
C LEU B 436 -10.09 -8.10 11.90
N PRO B 437 -8.89 -7.87 12.44
CA PRO B 437 -7.76 -7.54 11.54
C PRO B 437 -7.44 -8.61 10.52
N PHE B 438 -7.53 -9.89 10.91
CA PHE B 438 -7.25 -10.96 9.99
C PHE B 438 -8.31 -11.04 8.90
N GLY B 439 -9.59 -10.99 9.29
CA GLY B 439 -10.65 -11.00 8.31
C GLY B 439 -10.53 -9.87 7.32
N TYR B 440 -9.98 -8.74 7.74
CA TYR B 440 -9.81 -7.58 6.87
C TYR B 440 -8.63 -7.74 5.92
N LEU B 441 -7.51 -8.28 6.39
CA LEU B 441 -6.25 -8.20 5.66
C LEU B 441 -6.05 -9.30 4.61
N VAL B 442 -6.68 -10.45 4.75
CA VAL B 442 -6.38 -11.56 3.84
C VAL B 442 -6.68 -11.16 2.39
N ASP B 443 -7.83 -10.57 2.14
CA ASP B 443 -8.15 -10.17 0.78
C ASP B 443 -7.49 -8.85 0.39
N GLN B 444 -7.06 -8.04 1.34
CA GLN B 444 -6.14 -6.96 0.97
C GLN B 444 -4.89 -7.52 0.32
N TRP B 445 -4.33 -8.57 0.91
CA TRP B 445 -3.20 -9.27 0.29
C TRP B 445 -3.60 -9.82 -1.08
N ARG B 446 -4.71 -10.54 -1.14
CA ARG B 446 -5.10 -11.21 -2.39
C ARG B 446 -5.50 -10.22 -3.46
N TRP B 447 -6.12 -9.11 -3.09
CA TRP B 447 -6.44 -8.09 -4.08
C TRP B 447 -5.17 -7.52 -4.71
N GLY B 448 -4.13 -7.31 -3.90
CA GLY B 448 -2.89 -6.80 -4.46
C GLY B 448 -2.17 -7.78 -5.35
N VAL B 449 -2.26 -9.07 -5.04
CA VAL B 449 -1.73 -10.09 -5.93
C VAL B 449 -2.48 -10.08 -7.25
N PHE B 450 -3.81 -10.10 -7.21
CA PHE B 450 -4.58 -10.10 -8.46
C PHE B 450 -4.33 -8.82 -9.26
N SER B 451 -4.21 -7.67 -8.60
CA SER B 451 -4.01 -6.43 -9.32
C SER B 451 -2.61 -6.28 -9.90
N GLY B 452 -1.66 -7.11 -9.47
CA GLY B 452 -0.29 -6.96 -9.90
C GLY B 452 0.58 -6.14 -8.97
N ARG B 453 -0.02 -5.43 -8.01
N ARG B 453 -0.02 -5.43 -8.01
CA ARG B 453 0.77 -4.66 -7.05
CA ARG B 453 0.76 -4.67 -7.04
C ARG B 453 1.74 -5.56 -6.28
C ARG B 453 1.72 -5.56 -6.27
N THR B 454 1.37 -6.83 -6.07
CA THR B 454 2.17 -7.80 -5.32
C THR B 454 2.57 -8.90 -6.28
N PRO B 455 3.74 -8.82 -6.90
CA PRO B 455 4.22 -9.92 -7.73
C PRO B 455 4.72 -11.07 -6.88
N PRO B 456 4.93 -12.25 -7.46
CA PRO B 456 5.53 -13.35 -6.70
C PRO B 456 6.75 -12.95 -5.88
N SER B 457 7.54 -12.02 -6.39
CA SER B 457 8.77 -11.59 -5.71
C SER B 457 8.49 -10.90 -4.38
N ARG B 458 7.21 -10.55 -4.10
CA ARG B 458 6.84 -9.92 -2.84
C ARG B 458 5.64 -10.58 -2.16
N TYR B 459 5.32 -11.85 -2.49
CA TYR B 459 4.20 -12.51 -1.82
C TYR B 459 4.33 -12.48 -0.30
N ASN B 460 5.51 -12.86 0.22
CA ASN B 460 5.66 -12.99 1.66
C ASN B 460 5.97 -11.65 2.31
N PHE B 461 6.79 -10.84 1.64
CA PHE B 461 7.03 -9.46 2.08
C PHE B 461 5.72 -8.72 2.33
N ASP B 462 4.79 -8.78 1.38
CA ASP B 462 3.55 -8.02 1.53
C ASP B 462 2.57 -8.69 2.49
N TRP B 463 2.59 -10.03 2.57
CA TRP B 463 1.77 -10.73 3.56
C TRP B 463 2.16 -10.29 4.98
N TRP B 464 3.46 -10.32 5.29
CA TRP B 464 3.88 -10.00 6.64
C TRP B 464 3.80 -8.51 6.94
N TYR B 465 3.97 -7.65 5.93
CA TYR B 465 3.63 -6.26 6.11
C TYR B 465 2.20 -6.13 6.65
N LEU B 466 1.26 -6.83 6.03
CA LEU B 466 -0.15 -6.68 6.41
C LEU B 466 -0.42 -7.33 7.75
N ARG B 467 0.17 -8.51 8.01
CA ARG B 467 -0.01 -9.16 9.28
C ARG B 467 0.47 -8.29 10.43
N THR B 468 1.62 -7.65 10.24
CA THR B 468 2.11 -6.74 11.28
C THR B 468 1.28 -5.48 11.33
N LYS B 469 0.97 -4.90 10.18
CA LYS B 469 0.19 -3.67 10.16
C LYS B 469 -1.14 -3.83 10.92
N TYR B 470 -1.85 -4.92 10.66
CA TYR B 470 -3.22 -5.09 11.16
C TYR B 470 -3.29 -5.90 12.45
N GLN B 471 -2.67 -7.08 12.50
CA GLN B 471 -2.72 -7.90 13.70
C GLN B 471 -1.63 -7.58 14.71
N GLY B 472 -0.56 -6.91 14.30
CA GLY B 472 0.52 -6.66 15.25
C GLY B 472 1.18 -7.93 15.73
N ILE B 473 1.45 -8.86 14.82
CA ILE B 473 2.18 -10.08 15.10
C ILE B 473 3.43 -10.12 14.22
N CYS B 474 4.34 -11.00 14.56
CA CYS B 474 5.56 -11.20 13.78
C CYS B 474 5.86 -12.68 13.68
N PRO B 475 6.53 -13.10 12.61
CA PRO B 475 6.91 -14.51 12.49
C PRO B 475 7.93 -14.87 13.55
N PRO B 476 7.79 -16.01 14.20
CA PRO B 476 8.73 -16.38 15.28
C PRO B 476 10.03 -16.95 14.76
N VAL B 477 10.14 -17.18 13.45
CA VAL B 477 11.41 -17.50 12.81
C VAL B 477 11.51 -16.62 11.58
N THR B 478 12.72 -16.49 11.09
CA THR B 478 12.95 -15.67 9.90
C THR B 478 12.23 -16.26 8.70
N ARG B 479 11.63 -15.41 7.90
CA ARG B 479 11.01 -15.82 6.64
C ARG B 479 11.66 -15.06 5.47
N ASN B 480 11.60 -15.67 4.30
CA ASN B 480 12.04 -15.02 3.07
C ASN B 480 11.08 -15.44 1.96
N GLU B 481 11.40 -15.06 0.72
CA GLU B 481 10.44 -15.22 -0.36
C GLU B 481 10.39 -16.65 -0.89
N THR B 482 11.23 -17.55 -0.37
CA THR B 482 11.01 -18.98 -0.60
C THR B 482 9.76 -19.46 0.14
N HIS B 483 9.46 -18.84 1.26
CA HIS B 483 8.26 -19.20 2.01
C HIS B 483 7.06 -18.51 1.40
N PHE B 484 5.91 -19.15 1.56
CA PHE B 484 4.65 -18.66 1.01
C PHE B 484 3.61 -18.87 2.13
N ASP B 485 3.67 -17.99 3.12
CA ASP B 485 2.93 -18.20 4.36
C ASP B 485 1.44 -17.93 4.18
N ALA B 486 1.08 -17.06 3.24
CA ALA B 486 -0.33 -16.95 2.87
C ALA B 486 -0.87 -18.28 2.38
N GLY B 487 -0.02 -19.07 1.71
CA GLY B 487 -0.44 -20.38 1.23
C GLY B 487 -0.79 -21.37 2.31
N ALA B 488 -0.35 -21.13 3.54
CA ALA B 488 -0.60 -22.04 4.65
C ALA B 488 -1.94 -21.79 5.32
N LYS B 489 -2.76 -20.90 4.76
CA LYS B 489 -4.13 -20.66 5.20
C LYS B 489 -5.09 -21.24 4.19
N PHE B 490 -6.05 -22.05 4.67
CA PHE B 490 -6.87 -22.89 3.78
C PHE B 490 -7.44 -22.14 2.60
N HIS B 491 -7.98 -20.94 2.83
CA HIS B 491 -8.75 -20.26 1.79
C HIS B 491 -7.91 -19.78 0.60
N VAL B 492 -6.60 -19.68 0.77
CA VAL B 492 -5.78 -19.17 -0.34
C VAL B 492 -5.67 -20.25 -1.41
N PRO B 493 -5.08 -21.43 -1.13
CA PRO B 493 -5.05 -22.47 -2.18
C PRO B 493 -6.41 -22.96 -2.61
N ASN B 494 -7.40 -22.96 -1.72
CA ASN B 494 -8.74 -23.39 -2.07
C ASN B 494 -9.58 -22.25 -2.64
N VAL B 495 -8.95 -21.12 -2.93
CA VAL B 495 -9.55 -20.02 -3.68
C VAL B 495 -10.93 -19.70 -3.16
N THR B 496 -11.04 -19.46 -1.86
CA THR B 496 -12.29 -19.03 -1.25
C THR B 496 -12.11 -17.60 -0.77
N PRO B 497 -12.86 -16.63 -1.29
CA PRO B 497 -12.66 -15.24 -0.85
C PRO B 497 -12.84 -15.14 0.66
N TYR B 498 -12.22 -14.09 1.24
CA TYR B 498 -12.17 -13.93 2.68
C TYR B 498 -12.88 -12.69 3.22
N ILE B 499 -13.10 -11.65 2.40
CA ILE B 499 -13.65 -10.41 2.94
C ILE B 499 -15.06 -10.65 3.50
N ARG B 500 -15.77 -11.66 2.96
CA ARG B 500 -17.05 -12.09 3.51
C ARG B 500 -17.01 -12.31 5.02
N TYR B 501 -15.85 -12.68 5.57
CA TYR B 501 -15.82 -12.97 7.00
C TYR B 501 -15.67 -11.69 7.83
N PHE B 502 -14.95 -10.69 7.33
CA PHE B 502 -14.95 -9.39 7.99
C PHE B 502 -16.34 -8.77 7.94
N VAL B 503 -17.00 -8.85 6.79
CA VAL B 503 -18.37 -8.36 6.67
C VAL B 503 -19.28 -9.11 7.65
N SER B 504 -19.15 -10.44 7.70
CA SER B 504 -19.99 -11.24 8.59
C SER B 504 -19.80 -10.87 10.05
N PHE B 505 -18.55 -10.63 10.47
CA PHE B 505 -18.32 -10.39 11.90
C PHE B 505 -18.87 -9.05 12.34
N VAL B 506 -19.04 -8.11 11.41
CA VAL B 506 -19.73 -6.87 11.74
C VAL B 506 -21.25 -7.07 11.64
N LEU B 507 -21.69 -7.75 10.58
CA LEU B 507 -23.10 -7.90 10.29
C LEU B 507 -23.82 -8.72 11.36
N GLN B 508 -23.15 -9.75 11.90
CA GLN B 508 -23.83 -10.63 12.85
C GLN B 508 -24.28 -9.88 14.09
N PHE B 509 -23.56 -8.82 14.47
CA PHE B 509 -24.00 -8.01 15.60
C PHE B 509 -25.15 -7.10 15.22
N GLN B 510 -25.21 -6.65 13.97
CA GLN B 510 -26.42 -5.95 13.52
C GLN B 510 -27.62 -6.89 13.52
N PHE B 511 -27.45 -8.13 13.04
CA PHE B 511 -28.53 -9.10 13.10
C PHE B 511 -28.95 -9.39 14.54
N HIS B 512 -27.95 -9.63 15.40
CA HIS B 512 -28.23 -9.98 16.79
C HIS B 512 -29.08 -8.91 17.45
N GLU B 513 -28.71 -7.63 17.29
CA GLU B 513 -29.49 -6.56 17.90
C GLU B 513 -30.91 -6.53 17.35
N ALA B 514 -31.06 -6.72 16.03
CA ALA B 514 -32.40 -6.69 15.45
C ALA B 514 -33.25 -7.84 15.99
N LEU B 515 -32.66 -9.03 16.13
CA LEU B 515 -33.44 -10.19 16.54
C LEU B 515 -33.77 -10.12 18.03
N CYS B 516 -32.82 -9.67 18.85
CA CYS B 516 -33.09 -9.49 20.27
C CYS B 516 -34.21 -8.49 20.50
N LYS B 517 -34.22 -7.39 19.74
CA LYS B 517 -35.33 -6.46 19.82
C LYS B 517 -36.64 -7.11 19.38
N GLU B 518 -36.61 -7.80 18.24
CA GLU B 518 -37.80 -8.48 17.76
C GLU B 518 -38.28 -9.56 18.71
N ALA B 519 -37.40 -10.09 19.56
CA ALA B 519 -37.78 -11.10 20.54
C ALA B 519 -38.37 -10.50 21.81
N GLY B 520 -38.35 -9.18 21.96
CA GLY B 520 -38.84 -8.54 23.16
C GLY B 520 -37.82 -8.40 24.26
N TYR B 521 -36.59 -8.84 24.04
CA TYR B 521 -35.56 -8.77 25.07
C TYR B 521 -35.21 -7.31 25.36
N GLU B 522 -34.88 -7.03 26.62
CA GLU B 522 -34.59 -5.66 27.02
C GLU B 522 -33.43 -5.55 28.00
N GLY B 523 -32.69 -6.63 28.24
CA GLY B 523 -31.49 -6.56 29.04
C GLY B 523 -30.30 -6.11 28.21
N PRO B 524 -29.09 -6.24 28.75
CA PRO B 524 -27.91 -5.94 27.96
C PRO B 524 -27.87 -6.82 26.71
N LEU B 525 -27.43 -6.23 25.59
CA LEU B 525 -27.40 -6.94 24.32
C LEU B 525 -26.58 -8.22 24.42
N HIS B 526 -25.50 -8.20 25.19
CA HIS B 526 -24.60 -9.34 25.27
C HIS B 526 -25.11 -10.43 26.19
N GLN B 527 -26.29 -10.27 26.78
CA GLN B 527 -26.94 -11.31 27.58
C GLN B 527 -28.23 -11.80 26.92
N CYS B 528 -28.48 -11.41 25.67
CA CYS B 528 -29.69 -11.81 24.97
C CYS B 528 -29.57 -13.24 24.45
N ASP B 529 -30.67 -13.98 24.56
CA ASP B 529 -30.79 -15.33 24.02
C ASP B 529 -32.10 -15.39 23.24
N ILE B 530 -32.02 -15.55 21.92
CA ILE B 530 -33.23 -15.58 21.10
C ILE B 530 -33.84 -16.97 21.00
N TYR B 531 -33.28 -17.95 21.69
CA TYR B 531 -33.83 -19.30 21.77
C TYR B 531 -35.34 -19.24 21.96
N ARG B 532 -36.05 -20.01 21.13
CA ARG B 532 -37.51 -20.20 21.16
C ARG B 532 -38.29 -18.94 20.82
N SER B 533 -37.65 -17.89 20.31
CA SER B 533 -38.39 -16.71 19.85
C SER B 533 -38.86 -16.95 18.42
N THR B 534 -40.15 -17.25 18.27
CA THR B 534 -40.71 -17.49 16.94
C THR B 534 -40.81 -16.21 16.13
N LYS B 535 -40.93 -15.06 16.81
CA LYS B 535 -40.89 -13.78 16.10
C LYS B 535 -39.49 -13.51 15.53
N ALA B 536 -38.45 -13.76 16.32
CA ALA B 536 -37.10 -13.63 15.79
C ALA B 536 -36.88 -14.57 14.63
N GLY B 537 -37.29 -15.84 14.78
CA GLY B 537 -37.15 -16.79 13.69
C GLY B 537 -37.84 -16.31 12.42
N ALA B 538 -39.00 -15.67 12.57
CA ALA B 538 -39.77 -15.24 11.40
C ALA B 538 -39.05 -14.13 10.65
N LYS B 539 -38.51 -13.15 11.38
CA LYS B 539 -37.77 -12.08 10.72
C LYS B 539 -36.49 -12.59 10.06
N LEU B 540 -35.84 -13.60 10.66
CA LEU B 540 -34.68 -14.20 10.02
C LEU B 540 -35.10 -15.02 8.80
N ARG B 541 -36.20 -15.77 8.91
CA ARG B 541 -36.65 -16.57 7.77
C ARG B 541 -36.83 -15.70 6.53
N LYS B 542 -37.30 -14.47 6.72
CA LYS B 542 -37.52 -13.60 5.57
C LYS B 542 -36.23 -13.34 4.81
N VAL B 543 -35.15 -13.07 5.53
CA VAL B 543 -33.86 -12.87 4.90
C VAL B 543 -33.45 -14.13 4.13
N LEU B 544 -33.54 -15.28 4.79
CA LEU B 544 -33.05 -16.51 4.19
C LEU B 544 -33.82 -16.86 2.93
N ARG B 545 -35.13 -16.60 2.92
CA ARG B 545 -35.92 -16.92 1.74
C ARG B 545 -35.68 -15.94 0.62
N ALA B 546 -35.26 -14.71 0.93
CA ALA B 546 -35.00 -13.71 -0.11
C ALA B 546 -33.85 -14.12 -1.02
N GLY B 547 -32.97 -15.01 -0.56
CA GLY B 547 -31.81 -15.37 -1.35
C GLY B 547 -31.07 -14.14 -1.83
N SER B 548 -30.64 -14.17 -3.09
CA SER B 548 -30.04 -13.01 -3.75
C SER B 548 -31.00 -12.42 -4.77
N SER B 549 -32.30 -12.36 -4.42
CA SER B 549 -33.29 -11.77 -5.31
C SER B 549 -33.28 -10.25 -5.22
N ARG B 550 -33.09 -9.71 -4.02
CA ARG B 550 -33.09 -8.28 -3.78
C ARG B 550 -31.72 -7.79 -3.36
N PRO B 551 -31.35 -6.55 -3.69
CA PRO B 551 -30.09 -6.00 -3.22
C PRO B 551 -29.94 -6.15 -1.71
N TRP B 552 -28.72 -6.47 -1.26
CA TRP B 552 -28.53 -6.70 0.16
C TRP B 552 -28.81 -5.45 0.97
N GLN B 553 -28.63 -4.27 0.37
CA GLN B 553 -28.95 -3.04 1.08
C GLN B 553 -30.42 -2.96 1.45
N GLU B 554 -31.30 -3.46 0.56
CA GLU B 554 -32.73 -3.46 0.85
C GLU B 554 -33.11 -4.56 1.83
N VAL B 555 -32.58 -5.77 1.62
CA VAL B 555 -32.83 -6.86 2.55
C VAL B 555 -32.38 -6.45 3.96
N LEU B 556 -31.25 -5.75 4.05
CA LEU B 556 -30.71 -5.39 5.36
C LEU B 556 -31.60 -4.35 6.04
N LYS B 557 -32.01 -3.33 5.31
CA LYS B 557 -32.87 -2.29 5.90
C LYS B 557 -34.18 -2.89 6.40
N ASP B 558 -34.76 -3.84 5.66
CA ASP B 558 -35.96 -4.50 6.13
C ASP B 558 -35.77 -5.14 7.51
N MET B 559 -34.57 -5.64 7.78
CA MET B 559 -34.37 -6.41 9.00
C MET B 559 -33.91 -5.56 10.18
N VAL B 560 -33.00 -4.62 9.96
CA VAL B 560 -32.37 -3.87 11.04
C VAL B 560 -32.67 -2.38 10.98
N GLY B 561 -33.35 -1.89 9.95
CA GLY B 561 -33.69 -0.50 9.85
C GLY B 561 -32.64 0.38 9.22
N LEU B 562 -31.59 -0.20 8.65
CA LEU B 562 -30.47 0.54 8.10
C LEU B 562 -30.02 -0.19 6.85
N ASP B 563 -29.59 0.57 5.84
CA ASP B 563 -29.25 0.00 4.54
C ASP B 563 -27.74 -0.15 4.34
N ALA B 564 -26.95 -0.21 5.42
CA ALA B 564 -25.52 -0.37 5.26
C ALA B 564 -24.91 -1.02 6.50
N LEU B 565 -23.71 -1.56 6.31
CA LEU B 565 -22.94 -2.10 7.42
C LEU B 565 -22.65 -1.01 8.43
N ASP B 566 -22.63 -1.40 9.71
CA ASP B 566 -22.56 -0.45 10.82
C ASP B 566 -21.91 -1.17 11.99
N ALA B 567 -20.88 -0.54 12.56
CA ALA B 567 -20.15 -1.15 13.68
C ALA B 567 -20.81 -0.87 15.03
N GLN B 568 -21.80 0.02 15.08
CA GLN B 568 -22.38 0.40 16.37
C GLN B 568 -22.89 -0.80 17.15
N PRO B 569 -23.63 -1.75 16.56
CA PRO B 569 -24.06 -2.91 17.34
C PRO B 569 -22.91 -3.67 17.96
N LEU B 570 -21.85 -3.93 17.20
CA LEU B 570 -20.69 -4.61 17.77
C LEU B 570 -20.11 -3.79 18.92
N LEU B 571 -20.01 -2.47 18.74
CA LEU B 571 -19.47 -1.62 19.79
C LEU B 571 -20.35 -1.66 21.03
N LYS B 572 -21.68 -1.69 20.83
CA LYS B 572 -22.60 -1.73 21.97
C LYS B 572 -22.49 -3.05 22.70
N TYR B 573 -22.40 -4.16 21.96
CA TYR B 573 -22.28 -5.47 22.58
C TYR B 573 -21.09 -5.51 23.54
N PHE B 574 -19.93 -5.00 23.09
CA PHE B 574 -18.68 -5.13 23.84
C PHE B 574 -18.40 -3.94 24.76
N GLN B 575 -19.27 -2.93 24.80
CA GLN B 575 -19.00 -1.68 25.49
C GLN B 575 -18.36 -1.83 26.87
N LEU B 576 -18.80 -2.79 27.67
CA LEU B 576 -18.31 -2.89 29.05
C LEU B 576 -16.87 -3.38 29.11
N VAL B 577 -16.50 -4.33 28.26
CA VAL B 577 -15.13 -4.85 28.29
C VAL B 577 -14.20 -3.91 27.54
N THR B 578 -14.73 -3.11 26.60
CA THR B 578 -13.93 -2.07 25.98
C THR B 578 -13.46 -1.05 27.01
N GLN B 579 -14.36 -0.63 27.90
CA GLN B 579 -13.98 0.29 28.97
C GLN B 579 -13.02 -0.38 29.94
N TRP B 580 -13.32 -1.60 30.34
CA TRP B 580 -12.47 -2.29 31.30
C TRP B 580 -11.05 -2.51 30.76
N LEU B 581 -10.94 -2.93 29.50
CA LEU B 581 -9.62 -3.18 28.93
C LEU B 581 -8.79 -1.91 28.88
N GLN B 582 -9.40 -0.81 28.45
CA GLN B 582 -8.74 0.49 28.50
C GLN B 582 -8.14 0.75 29.87
N GLU B 583 -8.93 0.57 30.93
CA GLU B 583 -8.46 0.85 32.28
C GLU B 583 -7.31 -0.05 32.66
N GLN B 584 -7.44 -1.36 32.43
CA GLN B 584 -6.34 -2.27 32.75
C GLN B 584 -5.04 -1.84 32.09
N ASN B 585 -5.10 -1.46 30.81
CA ASN B 585 -3.88 -1.11 30.09
C ASN B 585 -3.24 0.14 30.65
N GLN B 586 -4.04 1.14 31.04
CA GLN B 586 -3.48 2.34 31.66
C GLN B 586 -2.82 2.02 32.98
N GLN B 587 -3.51 1.26 33.84
CA GLN B 587 -2.94 0.84 35.12
C GLN B 587 -1.56 0.23 34.93
N ASN B 588 -1.44 -0.67 33.96
CA ASN B 588 -0.17 -1.32 33.67
C ASN B 588 0.74 -0.47 32.80
N GLY B 589 0.35 0.76 32.48
CA GLY B 589 1.18 1.61 31.65
C GLY B 589 1.52 0.98 30.31
N GLU B 590 0.55 0.36 29.67
CA GLU B 590 0.81 -0.29 28.39
C GLU B 590 1.03 0.74 27.30
N VAL B 591 1.83 0.37 26.31
CA VAL B 591 1.88 1.10 25.04
C VAL B 591 0.87 0.44 24.12
N LEU B 592 -0.05 1.22 23.58
CA LEU B 592 -1.00 0.69 22.62
C LEU B 592 -0.33 0.66 21.25
N GLY B 593 -0.37 -0.49 20.61
CA GLY B 593 0.31 -0.70 19.35
C GLY B 593 1.65 -1.37 19.55
N TRP B 594 2.44 -1.34 18.48
CA TRP B 594 3.71 -2.05 18.43
C TRP B 594 4.73 -1.17 17.73
N PRO B 595 5.15 -0.08 18.39
CA PRO B 595 6.07 0.86 17.74
C PRO B 595 7.42 0.25 17.38
N GLU B 596 7.87 -0.80 18.07
CA GLU B 596 9.08 -1.51 17.68
C GLU B 596 8.71 -2.56 16.63
N TYR B 597 8.37 -2.04 15.44
CA TYR B 597 7.76 -2.85 14.40
C TYR B 597 8.73 -3.83 13.78
N GLN B 598 10.04 -3.62 13.98
CA GLN B 598 11.08 -4.47 13.43
C GLN B 598 11.40 -5.67 14.32
N TRP B 599 10.83 -5.74 15.51
CA TRP B 599 11.26 -6.74 16.47
C TRP B 599 10.76 -8.13 16.11
N HIS B 600 11.67 -9.10 16.21
CA HIS B 600 11.35 -10.52 16.12
C HIS B 600 11.96 -11.24 17.32
N PRO B 601 11.31 -12.26 17.84
CA PRO B 601 11.88 -12.99 18.98
C PRO B 601 13.12 -13.76 18.56
N PRO B 602 14.00 -14.08 19.50
CA PRO B 602 15.11 -14.98 19.19
C PRO B 602 14.62 -16.42 19.17
N LEU B 603 15.47 -17.29 18.64
CA LEU B 603 15.16 -18.71 18.62
C LEU B 603 15.35 -19.31 20.01
N PRO B 604 14.65 -20.40 20.33
CA PRO B 604 14.98 -21.14 21.55
C PRO B 604 16.34 -21.81 21.40
N ASP B 605 17.00 -22.03 22.53
CA ASP B 605 18.36 -22.57 22.49
C ASP B 605 18.35 -23.98 21.92
N ASN B 606 19.28 -24.23 21.00
CA ASN B 606 19.45 -25.53 20.35
C ASN B 606 18.12 -26.08 19.84
N TYR B 607 17.39 -25.23 19.13
CA TYR B 607 16.18 -25.52 18.36
C TYR B 607 16.58 -25.87 16.92
N PRO B 608 16.03 -26.92 16.32
CA PRO B 608 15.04 -27.88 16.82
C PRO B 608 15.64 -28.95 17.72
C1 NAG C . 21.86 37.97 9.80
C2 NAG C . 22.63 39.20 9.33
C3 NAG C . 22.86 40.17 10.50
C4 NAG C . 21.54 40.51 11.19
C5 NAG C . 20.79 39.21 11.53
C6 NAG C . 19.43 39.46 12.11
C7 NAG C . 24.18 39.00 7.43
C8 NAG C . 25.55 38.55 7.02
N2 NAG C . 23.89 38.82 8.72
O3 NAG C . 23.50 41.30 9.98
O4 NAG C . 21.83 41.23 12.36
O5 NAG C . 20.65 38.41 10.37
O6 NAG C . 18.92 38.27 12.67
O7 NAG C . 23.41 39.51 6.63
H2 NAG C . 22.10 39.65 8.66
H3 NAG C . 23.41 39.71 11.16
H4 NAG C . 21.03 41.04 10.56
H5 NAG C . 21.32 38.73 12.18
H61 NAG C . 18.85 39.81 11.42
H62 NAG C . 19.50 40.16 12.78
H81 NAG C . 25.65 38.66 6.06
H82 NAG C . 25.66 37.61 7.25
H83 NAG C . 26.21 39.08 7.48
HN2 NAG C . 24.48 38.46 9.24
HO3 NAG C . 23.69 41.81 10.64
HO6 NAG C . 18.08 38.25 12.54
C1 NAG C . 21.57 42.64 12.16
C2 NAG C . 21.30 43.27 13.53
C3 NAG C . 21.18 44.79 13.43
C4 NAG C . 22.38 45.38 12.69
C5 NAG C . 22.55 44.65 11.35
C6 NAG C . 23.75 45.12 10.57
C7 NAG C . 20.12 41.84 15.16
C8 NAG C . 18.77 41.39 15.64
N2 NAG C . 20.11 42.71 14.13
O3 NAG C . 21.08 45.32 14.73
O4 NAG C . 22.12 46.75 12.52
O5 NAG C . 22.70 43.26 11.58
O6 NAG C . 23.38 45.40 9.23
O7 NAG C . 21.14 41.45 15.69
H2 NAG C . 22.05 43.06 14.10
H3 NAG C . 20.38 44.98 12.91
H4 NAG C . 23.17 45.23 13.23
H5 NAG C . 21.76 44.81 10.82
H61 NAG C . 24.43 44.44 10.61
H62 NAG C . 24.12 45.91 11.00
H81 NAG C . 18.89 40.73 16.35
H82 NAG C . 18.28 41.00 14.91
H83 NAG C . 18.29 42.16 16.00
HN2 NAG C . 19.35 42.95 13.81
HO3 NAG C . 21.58 46.00 14.77
HO4 NAG C . 22.79 47.20 12.82
HO6 NAG C . 23.69 46.17 9.03
C1 NAG D . 32.17 6.60 -31.84
C2 NAG D . 31.62 7.92 -32.42
C3 NAG D . 30.22 7.72 -32.97
C4 NAG D . 30.13 6.51 -33.87
C5 NAG D . 30.77 5.29 -33.20
C6 NAG D . 30.81 4.08 -34.11
C7 NAG D . 32.58 9.90 -31.31
C8 NAG D . 32.38 10.87 -30.19
N2 NAG D . 31.64 8.95 -31.42
O3 NAG D . 29.87 8.90 -33.67
O4 NAG D . 28.78 6.27 -34.14
O5 NAG D . 32.08 5.59 -32.80
O6 NAG D . 31.38 4.48 -35.35
O7 NAG D . 33.53 9.98 -32.06
H2 NAG D . 32.21 8.17 -33.15
H3 NAG D . 29.63 7.56 -32.21
H4 NAG D . 30.64 6.73 -34.67
H5 NAG D . 30.24 5.04 -32.42
H61 NAG D . 29.91 3.73 -34.22
H62 NAG D . 31.34 3.38 -33.69
H81 NAG D . 33.12 11.48 -30.16
H82 NAG D . 32.31 10.39 -29.35
H83 NAG D . 31.55 11.37 -30.34
HN2 NAG D . 30.98 8.95 -30.85
HO3 NAG D . 29.58 8.67 -34.43
C1 NAG D . 28.51 6.42 -35.54
C2 NAG D . 27.15 5.79 -35.82
C3 NAG D . 26.81 5.94 -37.31
C4 NAG D . 26.91 7.40 -37.72
C5 NAG D . 28.23 8.02 -37.26
C6 NAG D . 28.25 9.53 -37.46
C7 NAG D . 26.42 3.93 -34.38
C8 NAG D . 26.53 2.46 -34.13
N2 NAG D . 27.13 4.40 -35.43
O3 NAG D . 25.51 5.44 -37.49
O4 NAG D . 26.82 7.46 -39.14
O5 NAG D . 28.48 7.77 -35.89
O6 NAG D . 29.57 10.00 -37.50
O7 NAG D . 25.71 4.63 -33.68
H2 NAG D . 26.48 6.24 -35.31
H3 NAG D . 27.46 5.45 -37.83
H4 NAG D . 26.18 7.85 -37.28
H5 NAG D . 28.94 7.62 -37.79
H61 NAG D . 27.74 9.93 -36.73
H62 NAG D . 27.76 9.74 -38.27
H81 NAG D . 26.13 2.25 -33.28
H82 NAG D . 27.46 2.20 -34.13
H83 NAG D . 26.05 1.98 -34.84
HN2 NAG D . 27.60 3.85 -35.89
HO3 NAG D . 25.29 5.59 -38.30
HO6 NAG D . 29.56 10.85 -37.46
C1 BMA D . 25.59 8.15 -39.52
C2 BMA D . 25.82 8.77 -40.88
C3 BMA D . 24.50 9.37 -41.42
C4 BMA D . 23.35 8.33 -41.38
C5 BMA D . 23.25 7.67 -40.00
C6 BMA D . 22.23 6.54 -39.88
O2 BMA D . 26.36 7.82 -41.77
O3 BMA D . 24.75 9.89 -42.69
O4 BMA D . 22.17 9.04 -41.69
O5 BMA D . 24.51 7.22 -39.53
O6 BMA D . 21.78 6.55 -38.54
H1 BMA D . 25.38 8.87 -38.90
H2 BMA D . 26.44 9.50 -40.73
H3 BMA D . 24.22 10.09 -40.84
H4 BMA D . 23.49 7.65 -42.04
H5 BMA D . 22.91 8.34 -39.39
H61 BMA D . 22.63 5.70 -40.11
H62 BMA D . 21.49 6.69 -40.50
HO2 BMA D . 27.17 8.04 -41.91
HO3 BMA D . 24.80 10.74 -42.65
HO4 BMA D . 22.03 8.98 -42.53
C1 FUC D . 31.02 3.51 -36.37
C2 FUC D . 31.65 3.99 -37.70
C3 FUC D . 33.17 3.90 -37.63
C4 FUC D . 33.57 2.47 -37.29
C5 FUC D . 32.92 2.09 -35.96
C6 FUC D . 33.18 0.66 -35.58
O2 FUC D . 31.19 5.29 -37.97
O3 FUC D . 33.69 4.34 -38.86
O4 FUC D . 33.15 1.60 -38.32
O5 FUC D . 31.51 2.23 -36.04
H1 FUC D . 30.07 3.42 -36.47
H2 FUC D . 31.33 3.38 -38.38
H3 FUC D . 33.48 4.48 -36.91
H4 FUC D . 34.54 2.45 -37.19
H5 FUC D . 33.29 2.67 -35.28
H61 FUC D . 32.77 0.46 -34.71
H62 FUC D . 32.80 0.06 -36.24
H63 FUC D . 34.13 0.50 -35.51
HO2 FUC D . 30.56 5.24 -38.53
HO3 FUC D . 34.37 4.83 -38.71
HO4 FUC D . 33.76 1.58 -38.92
C1 NAG E . -28.18 -8.99 34.78
C2 NAG E . -29.49 -9.21 34.01
C3 NAG E . -29.83 -7.98 33.17
C4 NAG E . -29.78 -6.73 34.03
C5 NAG E . -28.48 -6.64 34.81
C6 NAG E . -28.46 -5.46 35.76
C7 NAG E . -29.56 -11.65 33.59
C8 NAG E . -29.42 -12.72 32.57
N2 NAG E . -29.40 -10.38 33.16
O3 NAG E . -31.08 -8.16 32.59
O4 NAG E . -29.89 -5.62 33.16
O5 NAG E . -28.30 -7.82 35.56
O6 NAG E . -27.53 -5.70 36.79
O7 NAG E . -29.81 -11.92 34.76
H2 NAG E . -30.20 -9.37 34.65
H3 NAG E . -29.13 -7.90 32.49
H4 NAG E . -30.54 -6.80 34.64
H5 NAG E . -27.74 -6.55 34.20
H61 NAG E . -29.36 -5.33 36.11
H62 NAG E . -28.25 -4.66 35.26
H81 NAG E . -28.61 -12.58 32.06
H82 NAG E . -30.19 -12.71 31.98
H83 NAG E . -29.38 -13.58 33.02
HN2 NAG E . -29.22 -10.25 32.33
HO3 NAG E . -31.22 -7.54 32.04
HO6 NAG E . -27.96 -5.94 37.49
C1 NAG E . -31.15 -4.98 33.34
C2 NAG E . -31.01 -3.55 32.81
C3 NAG E . -32.32 -2.81 33.00
C4 NAG E . -33.43 -3.61 32.36
C5 NAG E . -33.44 -5.08 32.79
C6 NAG E . -34.45 -5.90 32.00
C7 NAG E . -28.69 -2.75 32.90
C8 NAG E . -27.68 -2.01 33.72
N2 NAG E . -29.92 -2.88 33.45
O3 NAG E . -32.18 -1.55 32.42
O4 NAG E . -34.66 -2.98 32.71
O5 NAG E . -32.17 -5.65 32.62
O6 NAG E . -34.36 -7.26 32.33
O7 NAG E . -28.42 -3.17 31.79
H2 NAG E . -30.81 -3.58 31.86
H3 NAG E . -32.51 -2.74 33.95
H4 NAG E . -33.26 -3.59 31.41
H5 NAG E . -33.69 -5.13 33.73
H61 NAG E . -34.26 -5.76 31.05
H62 NAG E . -35.33 -5.55 32.16
H81 NAG E . -26.96 -2.61 33.95
H82 NAG E . -28.10 -1.67 34.52
H83 NAG E . -27.32 -1.28 33.20
HN2 NAG E . -30.04 -2.56 34.24
HO3 NAG E . -32.95 -1.19 32.38
HO4 NAG E . -35.02 -3.43 33.33
HO6 NAG E . -33.66 -7.59 31.95
C1 NAG F . 15.29 -18.69 3.06
C2 NAG F . 16.78 -18.69 2.65
C3 NAG F . 17.30 -20.13 2.59
C4 NAG F . 17.08 -20.81 3.94
C5 NAG F . 15.61 -20.70 4.34
C6 NAG F . 15.30 -21.28 5.71
C7 NAG F . 16.34 -18.21 0.27
C8 NAG F . 16.77 -17.36 -0.87
N2 NAG F . 17.01 -17.99 1.42
O3 NAG F . 18.65 -20.09 2.22
O4 NAG F . 17.50 -22.15 3.78
O5 NAG F . 15.18 -19.35 4.29
O6 NAG F . 16.14 -20.77 6.74
O7 NAG F . 15.46 -19.05 0.15
H2 NAG F . 17.28 -18.21 3.35
H3 NAG F . 16.79 -20.61 1.93
H4 NAG F . 17.62 -20.35 4.61
H5 NAG F . 15.10 -21.22 3.69
H61 NAG F . 15.37 -22.24 5.65
H62 NAG F . 14.37 -21.09 5.90
H81 NAG F . 16.06 -17.32 -1.53
H82 NAG F . 17.56 -17.72 -1.27
H83 NAG F . 16.94 -16.46 -0.54
HN2 NAG F . 17.61 -17.38 1.43
HO3 NAG F . 18.96 -20.88 2.25
HO4 NAG F . 17.76 -22.45 4.54
C1 FUC F . 15.83 -19.39 7.03
C2 FUC F . 15.77 -19.16 8.54
C3 FUC F . 17.12 -19.46 9.18
C4 FUC F . 18.22 -18.63 8.51
C5 FUC F . 18.14 -18.78 6.98
C6 FUC F . 19.08 -17.86 6.26
O2 FUC F . 14.72 -19.91 9.09
O3 FUC F . 16.98 -19.19 10.55
O4 FUC F . 18.06 -17.28 8.91
O5 FUC F . 16.81 -18.54 6.50
H1 FUC F . 14.98 -19.17 6.61
H2 FUC F . 15.59 -18.21 8.65
H3 FUC F . 17.35 -20.39 9.03
H4 FUC F . 19.07 -18.99 8.79
H5 FUC F . 18.37 -19.70 6.78
H61 FUC F . 18.97 -17.96 5.29
H62 FUC F . 20.00 -18.08 6.48
H63 FUC F . 18.91 -16.94 6.50
HO2 FUC F . 14.13 -19.38 9.38
HO3 FUC F . 17.42 -19.77 10.99
HO4 FUC F . 18.65 -17.10 9.50
C1 NAG G . 13.60 2.82 19.76
C2 NAG G . 13.27 2.30 21.17
C3 NAG G . 13.91 3.24 22.20
C4 NAG G . 15.41 3.22 21.98
C5 NAG G . 15.75 3.54 20.52
C6 NAG G . 17.24 3.35 20.21
C7 NAG G . 10.95 3.14 21.44
C8 NAG G . 9.55 2.69 21.67
N2 NAG G . 11.86 2.14 21.38
O3 NAG G . 13.53 2.80 23.48
O4 NAG G . 15.98 4.17 22.87
O5 NAG G . 14.99 2.73 19.61
O6 NAG G . 17.47 2.12 19.53
O7 NAG G . 11.24 4.31 21.30
H2 NAG G . 13.63 1.41 21.26
H3 NAG G . 13.60 4.14 22.06
H4 NAG G . 15.73 2.32 22.16
H5 NAG G . 15.51 4.46 20.35
H61 NAG G . 17.71 3.38 21.06
H62 NAG G . 17.54 4.11 19.69
H81 NAG G . 9.49 2.21 22.51
H82 NAG G . 8.96 3.47 21.70
H83 NAG G . 9.27 2.11 20.94
HN2 NAG G . 11.56 1.33 21.48
HO3 NAG G . 13.82 3.36 24.04
HO4 NAG G . 16.81 4.00 22.95
HO6 NAG G . 18.27 1.90 19.67
ZN ZN H . 15.61 21.77 -8.85
C11 A1IRQ I . 17.26 14.78 -6.60
C12 A1IRQ I . 17.12 15.31 -8.05
C13 A1IRQ I . 17.50 16.80 -7.91
C15 A1IRQ I . 19.19 16.93 -9.81
C16 A1IRQ I . 20.49 17.06 -10.29
C18 A1IRQ I . 21.56 17.19 -9.40
C19 A1IRQ I . 21.33 17.21 -8.03
C20 A1IRQ I . 20.02 17.08 -7.52
C22 A1IRQ I . 15.89 22.63 -5.60
C25 A1IRQ I . 14.03 23.41 -3.96
C02 A1IRQ I . 16.38 21.28 -6.13
C04 A1IRQ I . 18.17 19.62 -6.74
C05 A1IRQ I . 17.64 18.41 -5.95
C07 A1IRQ I . 16.87 15.81 -5.86
C08 A1IRQ I . 17.57 15.79 -4.47
C14 A1IRQ I . 18.96 16.95 -8.41
C24 A1IRQ I . 14.44 22.54 -5.22
C26 A1IRQ I . 12.82 24.11 -3.98
C27 A1IRQ I . 12.43 24.88 -2.90
C28 A1IRQ I . 13.24 24.94 -1.79
C30 A1IRQ I . 14.45 24.24 -1.77
C31 A1IRQ I . 14.83 23.48 -2.85
N03 A1IRQ I . 17.82 20.98 -6.19
N06 A1IRQ I . 17.36 17.10 -6.63
O01 A1IRQ I . 15.60 20.50 -6.53
O09 A1IRQ I . 17.03 15.24 -3.52
O10 A1IRQ I . 18.72 16.34 -4.30
O17 A1IRQ I . 20.72 17.04 -11.73
O21 A1IRQ I . 17.45 18.49 -4.79
O29 A1IRQ I . 12.85 25.72 -0.70
S23 A1IRQ I . 16.14 23.68 -7.06
H112 A1IRQ I . 16.68 14.02 -6.46
H111 A1IRQ I . 18.18 14.55 -6.41
H121 A1IRQ I . 16.21 15.22 -8.36
H122 A1IRQ I . 17.73 14.85 -8.64
H131 A1IRQ I . 16.91 17.39 -8.39
H151 A1IRQ I . 18.49 16.83 -10.40
H181 A1IRQ I . 22.43 17.28 -9.72
H191 A1IRQ I . 22.04 17.31 -7.43
H201 A1IRQ I . 19.86 17.08 -6.61
H221 A1IRQ I . 16.35 22.96 -4.80
H042 A1IRQ I . 19.14 19.55 -6.79
H041 A1IRQ I . 17.82 19.56 -7.65
H071 A1IRQ I . 15.90 15.79 -5.77
H242 A1IRQ I . 14.23 21.61 -5.03
H241 A1IRQ I . 13.90 22.82 -5.98
H261 A1IRQ I . 12.27 24.08 -4.73
H271 A1IRQ I . 11.63 25.35 -2.92
H301 A1IRQ I . 15.00 24.29 -1.01
H311 A1IRQ I . 15.63 22.99 -2.83
H031 A1IRQ I . 18.42 21.53 -5.93
H171 A1IRQ I . 20.46 16.30 -12.05
H291 A1IRQ I . 12.88 25.25 0.01
H231 A1IRQ I . 16.98 23.20 -7.76
CL CL J . 5.66 18.10 -8.12
MG MG K . 31.15 12.31 -6.17
O1 XPE L . 35.12 33.85 -16.48
C2 XPE L . 34.54 35.07 -16.02
C3 XPE L . 35.52 35.77 -15.12
O4 XPE L . 34.85 36.63 -14.24
C5 XPE L . 35.73 37.24 -13.32
C6 XPE L . 36.12 36.28 -12.23
O7 XPE L . 37.51 36.02 -12.25
C8 XPE L . 37.86 34.75 -11.75
C9 XPE L . 38.59 33.95 -12.80
O10 XPE L . 39.46 33.04 -12.17
C11 XPE L . 40.47 32.53 -13.00
C12 XPE L . 41.50 31.81 -12.15
O13 XPE L . 41.29 30.42 -12.21
C14 XPE L . 42.24 29.65 -11.51
C15 XPE L . 41.89 28.18 -11.66
O16 XPE L . 41.03 28.07 -12.76
C17 XPE L . 40.30 26.85 -12.84
C18 XPE L . 38.96 27.16 -13.49
O19 XPE L . 38.78 26.38 -14.63
C20 XPE L . 38.04 26.98 -15.66
C21 XPE L . 38.44 26.29 -16.95
O22 XPE L . 37.51 26.45 -17.99
C23 XPE L . 37.99 25.86 -19.18
C24 XPE L . 36.92 25.80 -20.25
O25 XPE L . 35.86 26.66 -19.91
C26 XPE L . 34.99 26.93 -20.99
C27 XPE L . 34.09 28.05 -20.57
O28 XPE L . 34.76 28.83 -19.62
C29 XPE L . 34.01 29.85 -19.02
C30 XPE L . 34.90 30.57 -18.04
O31 XPE L . 35.77 29.64 -17.42
HO1 XPE L . 34.56 33.48 -17.00
H21 XPE L . 33.73 34.92 -15.51
H22 XPE L . 34.32 35.67 -16.75
H31A XPE L . 36.03 35.09 -14.65
H32 XPE L . 36.15 36.25 -15.68
H51 XPE L . 36.54 37.55 -13.75
H52 XPE L . 35.33 38.02 -12.90
H61 XPE L . 35.86 36.63 -11.37
H62 XPE L . 35.63 35.44 -12.35
H81 XPE L . 38.44 34.82 -10.97
H82 XPE L . 37.08 34.25 -11.47
H91 XPE L . 37.95 33.48 -13.36
H92 XPE L . 39.09 34.54 -13.39
H111 XPE L . 40.12 31.90 -13.66
H112 XPE L . 40.92 33.23 -13.50
H121 XPE L . 41.44 32.13 -11.25
H122 XPE L . 42.40 32.02 -12.47
H141 XPE L . 43.14 29.79 -11.85
H142 XPE L . 42.26 29.86 -10.57
H151 XPE L . 42.69 27.66 -11.80
H152 XPE L . 41.47 27.85 -10.85
H171 XPE L . 40.76 26.19 -13.37
H172 XPE L . 40.14 26.45 -11.97
H181 XPE L . 38.26 26.99 -12.84
H182 XPE L . 38.93 28.10 -13.71
H201 XPE L . 37.08 26.89 -15.54
H202 XPE L . 38.22 27.93 -15.75
H211 XPE L . 39.30 26.64 -17.23
H212 XPE L . 38.56 25.34 -16.76
H231 XPE L . 38.74 26.38 -19.55
H232 XPE L . 38.32 24.96 -19.03
H241 XPE L . 37.30 26.04 -21.11
H242 XPE L . 36.61 24.89 -20.33
H261 XPE L . 35.47 27.19 -21.79
H262 XPE L . 34.46 26.16 -21.23
H271 XPE L . 33.84 28.59 -21.34
H272 XPE L . 33.26 27.70 -20.20
H291 XPE L . 33.67 30.48 -19.67
H292 XPE L . 33.24 29.49 -18.55
H301 XPE L . 35.39 31.26 -18.50
H302 XPE L . 34.34 31.02 -17.37
H31 XPE L . 35.99 29.95 -16.66
C ACY M . -2.98 8.52 -3.63
O ACY M . -1.85 8.01 -3.79
OXT ACY M . -3.82 8.76 -4.51
CH3 ACY M . -3.41 8.89 -2.18
H1 ACY M . -4.16 8.35 -1.85
H2 ACY M . -3.69 9.81 -2.09
H3 ACY M . -2.71 8.77 -1.53
O1 PG4 N . -1.11 5.44 0.04
C1 PG4 N . -0.42 4.28 0.45
C2 PG4 N . 1.01 4.61 0.79
O2 PG4 N . 1.79 3.43 0.84
C3 PG4 N . 2.62 3.35 1.96
C4 PG4 N . 3.06 1.91 2.16
O3 PG4 N . 1.96 1.08 1.92
C5 PG4 N . 2.29 -0.28 1.85
C6 PG4 N . 1.05 -1.07 1.53
O4 PG4 N . 1.38 -2.34 0.99
C7 PG4 N . 0.31 -3.22 1.17
C8 PG4 N . 0.43 -4.46 0.33
O5 PG4 N . -0.88 -4.96 0.04
HO1 PG4 N . -1.94 5.30 0.14
H11 PG4 N . -0.85 3.88 1.23
H12 PG4 N . -0.43 3.60 -0.24
H21 PG4 N . 1.35 5.24 0.13
H22 PG4 N . 1.03 5.08 1.64
H31 PG4 N . 3.41 3.91 1.86
H32 PG4 N . 2.16 3.66 2.76
H41 PG4 N . 3.41 1.81 3.07
H42 PG4 N . 3.79 1.73 1.56
H51 PG4 N . 2.97 -0.44 1.17
H52 PG4 N . 2.67 -0.60 2.69
H61 PG4 N . 0.52 -0.56 0.91
H62 PG4 N . 0.53 -1.16 2.34
H71 PG4 N . 0.25 -3.48 2.11
H72 PG4 N . -0.53 -2.78 0.96
H81 PG4 N . 0.91 -4.22 -0.48
H82 PG4 N . 0.97 -5.10 0.80
HO5 PG4 N . -0.79 -5.64 -0.46
C1 EDO O . 2.23 24.26 -10.29
O1 EDO O . 1.14 25.14 -10.13
C2 EDO O . 3.45 24.76 -9.57
O2 EDO O . 3.16 25.09 -8.23
H11 EDO O . 2.44 24.14 -11.22
H12 EDO O . 2.01 23.39 -9.94
HO1 EDO O . 0.48 24.84 -10.56
H21 EDO O . 3.78 25.53 -10.08
H22 EDO O . 4.13 24.07 -9.64
HO2 EDO O . 3.87 25.36 -7.87
C1 EDO P . 30.69 -6.41 -9.95
O1 EDO P . 30.37 -7.69 -10.44
C2 EDO P . 31.95 -5.92 -10.64
O2 EDO P . 32.23 -4.57 -10.28
H11 EDO P . 29.98 -5.77 -10.11
H12 EDO P . 30.84 -6.42 -8.99
HO1 EDO P . 29.58 -7.88 -10.19
H21 EDO P . 31.83 -6.04 -11.59
H22 EDO P . 32.67 -6.52 -10.38
HO2 EDO P . 32.91 -4.32 -10.72
C1 PEG Q . -10.16 22.72 -7.89
O1 PEG Q . -10.97 23.00 -9.00
C2 PEG Q . -10.85 21.70 -7.01
O2 PEG Q . -10.50 20.40 -7.40
C3 PEG Q . -11.01 19.43 -6.52
C4 PEG Q . -11.18 18.11 -7.22
O4 PEG Q . -12.44 18.06 -7.83
H11 PEG Q . -9.99 23.52 -7.37
H12 PEG Q . -9.30 22.36 -8.16
HO1 PEG Q . -10.53 23.51 -9.53
H21 PEG Q . -10.60 21.88 -6.08
H22 PEG Q . -11.81 21.85 -7.06
H31 PEG Q . -10.41 19.32 -5.76
H32 PEG Q . -11.86 19.71 -6.15
H41 PEG Q . -10.46 18.03 -7.86
H42 PEG Q . -11.06 17.41 -6.56
HO4 PEG Q . -12.54 17.29 -8.17
C1 PGE R . 6.71 28.58 -8.97
O1 PGE R . 5.77 27.64 -8.50
C2 PGE R . 7.61 27.92 -9.98
O2 PGE R . 8.78 27.45 -9.36
C3 PGE R . 9.71 26.85 -10.22
C4 PGE R . 11.06 26.57 -9.61
O4 PGE R . 12.82 26.41 -5.80
C6 PGE R . 11.66 26.10 -6.52
C5 PGE R . 12.08 25.46 -7.83
O3 PGE R . 10.98 25.52 -8.70
H1 PGE R . 7.27 28.94 -8.27
H12 PGE R . 6.28 29.33 -9.41
HO1 PGE R . 5.95 27.49 -7.67
H2 PGE R . 7.82 28.57 -10.68
H22 PGE R . 7.13 27.20 -10.41
H3 PGE R . 9.84 27.42 -11.00
H32 PGE R . 9.35 26.01 -10.55
H4 PGE R . 11.69 26.38 -10.33
H42 PGE R . 11.37 27.39 -9.19
HO4 PGE R . 12.84 27.25 -5.67
H6 PGE R . 11.13 26.90 -6.72
H62 PGE R . 11.08 25.49 -6.05
H5 PGE R . 12.35 24.53 -7.67
H52 PGE R . 12.85 25.92 -8.20
C1 NAG S . -12.10 -43.46 -2.58
C2 NAG S . -13.10 -44.61 -2.39
C3 NAG S . -12.66 -45.89 -3.11
C4 NAG S . -12.29 -45.59 -4.55
C5 NAG S . -11.23 -44.48 -4.57
C6 NAG S . -10.78 -44.10 -5.96
C7 NAG S . -14.47 -44.59 -0.35
C8 NAG S . -14.51 -44.89 1.11
N2 NAG S . -13.32 -44.85 -0.99
O3 NAG S . -13.70 -46.82 -3.03
O4 NAG S . -11.82 -46.78 -5.14
O5 NAG S . -11.77 -43.32 -3.95
O6 NAG S . -11.45 -42.95 -6.40
O7 NAG S . -15.46 -44.12 -0.91
H2 NAG S . -13.94 -44.33 -2.81
H3 NAG S . -11.86 -46.20 -2.65
H4 NAG S . -13.09 -45.28 -5.02
H5 NAG S . -10.46 -44.78 -4.08
H61 NAG S . -10.93 -44.86 -6.55
H62 NAG S . -9.81 -43.97 -5.93
H81 NAG S . -13.82 -44.37 1.56
H82 NAG S . -14.34 -45.84 1.24
H83 NAG S . -15.37 -44.66 1.47
HN2 NAG S . -12.67 -45.17 -0.54
HO3 NAG S . -13.57 -47.41 -3.64
HO4 NAG S . -11.94 -46.74 -5.98
HO6 NAG S . -11.20 -42.78 -7.20
C1 FUC T . -25.59 -4.82 35.13
C2 FUC T . -25.19 -3.91 36.30
C3 FUC T . -24.80 -4.67 37.57
C4 FUC T . -23.86 -5.80 37.18
C5 FUC T . -24.64 -6.73 36.28
C6 FUC T . -23.84 -7.96 35.91
O2 FUC T . -26.25 -3.02 36.54
O3 FUC T . -24.21 -3.74 38.45
O4 FUC T . -22.77 -5.23 36.52
O5 FUC T . -24.92 -6.05 35.07
C1 BMA U . -35.09 -2.50 30.04
C2 BMA U . -36.49 -1.97 30.25
C3 BMA U . -36.79 -0.97 29.10
C4 BMA U . -35.67 0.08 28.89
C5 BMA U . -34.24 -0.42 29.12
C6 BMA U . -33.20 0.66 29.42
O2 BMA U . -36.57 -1.36 31.52
O3 BMA U . -38.06 -0.44 29.36
O4 BMA U . -35.82 0.49 27.54
O5 BMA U . -34.13 -1.48 30.05
O6 BMA U . -33.56 1.38 30.58
ZN ZN V . -18.97 -20.48 6.27
C11 A1IRQ W . -13.04 -17.55 9.83
C12 A1IRQ W . -14.55 -17.22 10.05
C13 A1IRQ W . -15.23 -18.58 9.74
C15 A1IRQ W . -16.75 -18.80 11.77
C16 A1IRQ W . -17.10 -19.38 12.97
C18 A1IRQ W . -16.32 -20.40 13.51
C19 A1IRQ W . -15.19 -20.85 12.84
C20 A1IRQ W . -14.82 -20.27 11.61
C22 A1IRQ W . -16.70 -22.71 5.06
C25 A1IRQ W . -15.60 -22.82 2.67
C02 A1IRQ W . -16.39 -21.87 6.31
C04 A1IRQ W . -15.85 -21.44 8.69
C05 A1IRQ W . -14.56 -20.64 8.45
C07 A1IRQ W . -13.04 -18.43 8.84
C08 A1IRQ W . -11.82 -19.36 8.94
C14 A1IRQ W . -15.60 -19.25 11.09
C24 A1IRQ W . -15.97 -21.97 3.96
C26 A1IRQ W . -15.98 -22.33 1.42
C27 A1IRQ W . -15.67 -23.02 0.28
C28 A1IRQ W . -14.99 -24.21 0.36
C30 A1IRQ W . -14.61 -24.70 1.61
C31 A1IRQ W . -14.93 -24.00 2.76
N03 A1IRQ W . -16.12 -22.46 7.62
N06 A1IRQ W . -14.36 -19.27 9.03
O01 A1IRQ W . -16.43 -20.70 6.19
O09 A1IRQ W . -10.74 -19.04 8.42
O10 A1IRQ W . -11.87 -20.48 9.59
O17 A1IRQ W . -18.29 -18.89 13.66
O21 A1IRQ W . -13.69 -21.11 7.81
O29 A1IRQ W . -14.69 -24.91 -0.81
S23 A1IRQ W . -18.49 -22.63 4.99
H112 A1IRQ W . -12.56 -16.75 9.58
H111 A1IRQ W . -12.65 -17.94 10.63
H121 A1IRQ W . -14.84 -16.53 9.44
H122 A1IRQ W . -14.71 -16.95 10.97
H131 A1IRQ W . -16.02 -18.46 9.19
H151 A1IRQ W . -17.26 -18.10 11.40
H181 A1IRQ W . -16.56 -20.79 14.33
H191 A1IRQ W . -14.67 -21.54 13.20
H201 A1IRQ W . -14.06 -20.56 11.16
H221 A1IRQ W . -16.42 -23.64 5.01
H042 A1IRQ W . -15.80 -21.89 9.55
H041 A1IRQ W . -16.60 -20.82 8.73
H071 A1IRQ W . -13.04 -17.96 7.99
H242 A1IRQ W . -16.53 -21.23 3.68
H241 A1IRQ W . -15.15 -21.62 4.33
H261 A1IRQ W . -16.43 -21.52 1.36
H271 A1IRQ W . -15.91 -22.69 -0.56
H301 A1IRQ W . -14.15 -25.52 1.66
H311 A1IRQ W . -14.67 -24.34 3.60
H031 A1IRQ W . -16.10 -23.30 7.76
H171 A1IRQ W . -18.22 -18.06 13.79
H291 A1IRQ W . -14.61 -24.37 -1.45
H231 A1IRQ W . -18.81 -21.79 4.20
CL CL X . -16.62 -12.57 -0.57
MG MG Y . -10.08 -21.90 17.98
C ACY Z . -7.98 -2.85 -4.97
O ACY Z . -8.79 -2.06 -5.51
OXT ACY Z . -7.83 -3.06 -3.74
CH3 ACY Z . -7.05 -3.67 -5.92
H1 ACY Z . -7.53 -4.37 -6.40
H2 ACY Z . -6.34 -4.12 -5.45
H3 ACY Z . -6.62 -3.13 -6.59
C1 EDO AA . -16.16 -1.34 -5.16
O1 EDO AA . -16.15 -2.47 -6.02
C2 EDO AA . -14.76 -1.03 -4.69
O2 EDO AA . -14.76 0.15 -3.91
H11 EDO AA . -16.72 -1.50 -4.38
H12 EDO AA . -16.51 -0.56 -5.62
HO1 EDO AA . -16.94 -2.61 -6.27
H21 EDO AA . -14.45 -1.80 -4.19
H22 EDO AA . -14.20 -0.95 -5.47
HO2 EDO AA . -13.96 0.31 -3.68
C1 EDO BA . -22.17 -20.75 0.47
O1 EDO BA . -22.37 -20.83 -0.91
C2 EDO BA . -20.70 -20.55 0.76
O2 EDO BA . -20.15 -21.68 1.41
H11 EDO BA . -22.67 -20.03 0.87
H12 EDO BA . -22.46 -21.56 0.92
HO1 EDO BA . -23.21 -20.78 -1.05
H21 EDO BA . -20.62 -19.74 1.30
H22 EDO BA . -20.26 -20.36 -0.08
HO2 EDO BA . -19.44 -21.43 1.82
#